data_7R1C
# 
_entry.id   7R1C 
# 
_audit_conform.dict_name       mmcif_pdbx.dic 
_audit_conform.dict_version    5.395 
_audit_conform.dict_location   http://mmcif.pdb.org/dictionaries/ascii/mmcif_pdbx.dic 
# 
loop_
_database_2.database_id 
_database_2.database_code 
_database_2.pdbx_database_accession 
_database_2.pdbx_DOI 
PDB   7R1C         pdb_00007r1c 10.2210/pdb7r1c/pdb 
WWPDB D_1292120776 ?            ?                   
EMDB  EMD-14238    ?            ?                   
# 
loop_
_pdbx_audit_revision_history.ordinal 
_pdbx_audit_revision_history.data_content_type 
_pdbx_audit_revision_history.major_revision 
_pdbx_audit_revision_history.minor_revision 
_pdbx_audit_revision_history.revision_date 
1 'Structure model' 1 0 2022-06-15 
2 'Structure model' 1 1 2023-03-22 
3 'Structure model' 1 2 2024-07-17 
# 
_pdbx_audit_revision_details.ordinal             1 
_pdbx_audit_revision_details.revision_ordinal    1 
_pdbx_audit_revision_details.data_content_type   'Structure model' 
_pdbx_audit_revision_details.provider            repository 
_pdbx_audit_revision_details.type                'Initial release' 
_pdbx_audit_revision_details.description         ? 
_pdbx_audit_revision_details.details             ? 
# 
loop_
_pdbx_audit_revision_group.ordinal 
_pdbx_audit_revision_group.revision_ordinal 
_pdbx_audit_revision_group.data_content_type 
_pdbx_audit_revision_group.group 
1 2 'Structure model' 'Database references' 
2 3 'Structure model' 'Data collection'     
# 
loop_
_pdbx_audit_revision_category.ordinal 
_pdbx_audit_revision_category.revision_ordinal 
_pdbx_audit_revision_category.data_content_type 
_pdbx_audit_revision_category.category 
1 2 'Structure model' citation        
2 2 'Structure model' citation_author 
3 3 'Structure model' chem_comp_atom  
4 3 'Structure model' chem_comp_bond  
5 3 'Structure model' em_admin        
# 
_pdbx_audit_revision_item.ordinal             1 
_pdbx_audit_revision_item.revision_ordinal    3 
_pdbx_audit_revision_item.data_content_type   'Structure model' 
_pdbx_audit_revision_item.item                '_em_admin.last_update' 
# 
_pdbx_database_status.status_code                     REL 
_pdbx_database_status.status_code_sf                  ? 
_pdbx_database_status.status_code_mr                  ? 
_pdbx_database_status.entry_id                        7R1C 
_pdbx_database_status.recvd_initial_deposition_date   2022-02-02 
_pdbx_database_status.SG_entry                        N 
_pdbx_database_status.deposit_site                    PDBE 
_pdbx_database_status.process_site                    PDBE 
_pdbx_database_status.status_code_cs                  ? 
_pdbx_database_status.status_code_nmr_data            ? 
_pdbx_database_status.methods_development_category    ? 
_pdbx_database_status.pdb_format_compatible           Y 
# 
loop_
_pdbx_database_related.db_name 
_pdbx_database_related.details 
_pdbx_database_related.db_id 
_pdbx_database_related.content_type 
EMDB 'Cryo-EM structure of Bacillus megaterium gas vesicles - Small Section'           EMD-14238 'associated EM volume' 
EMDB 'Cryo-EM structure of Bacillus megaterium gas vesicles - Entire Helical Assembly' EMD-14340 'other EM volume'      
# 
_pdbx_contact_author.id                 2 
_pdbx_contact_author.email              a.jakobi@tudelft.nl 
_pdbx_contact_author.name_first         Arjen 
_pdbx_contact_author.name_last          Jakobi 
_pdbx_contact_author.name_mi            J 
_pdbx_contact_author.role               'principal investigator/group leader' 
_pdbx_contact_author.identifier_ORCID   0000-0002-7761-2027 
# 
loop_
_audit_author.name 
_audit_author.pdbx_ordinal 
_audit_author.identifier_ORCID 
'Huber, S.T.'  1 0000-0003-3721-5104 
'Evers, W.'    2 0000-0002-3413-5128 
'Jakobi, A.J.' 3 0000-0002-7761-2027 
# 
loop_
_citation.abstract 
_citation.abstract_id_CAS 
_citation.book_id_ISBN 
_citation.book_publisher 
_citation.book_publisher_city 
_citation.book_title 
_citation.coordinate_linkage 
_citation.country 
_citation.database_id_Medline 
_citation.details 
_citation.id 
_citation.journal_abbrev 
_citation.journal_id_ASTM 
_citation.journal_id_CSD 
_citation.journal_id_ISSN 
_citation.journal_full 
_citation.journal_issue 
_citation.journal_volume 
_citation.language 
_citation.page_first 
_citation.page_last 
_citation.title 
_citation.year 
_citation.database_id_CSD 
_citation.pdbx_database_id_DOI 
_citation.pdbx_database_id_PubMed 
_citation.pdbx_database_id_patent 
_citation.unpublished_flag 
? ? ? ? ? ? ? ?  ? ? primary Cell    ? ? 1097-4172 ? ? 186 ? 975 986.e13 
'Cryo-EM structure of gas vesicles for buoyancy-controlled motility.' 2023 ? 10.1016/j.cell.2023.01.041 36868215 ? ? 
? ? ? ? ? ? ? US ? ? 1       Biorxiv ? ? 2692-8205 ? ? ?   ? ?   ?       
'Cryo-EM structure of gas vesicles for buoyancy-controlled motility'  2022 ? 10.1101/2022.05.08.489936  ?        ? ? 
# 
loop_
_citation_author.citation_id 
_citation_author.name 
_citation_author.ordinal 
_citation_author.identifier_ORCID 
primary 'Huber, S.T.'  1  ? 
primary 'Terwiel, D.'  2  ? 
primary 'Evers, W.H.'  3  ? 
primary 'Maresca, D.'  4  ? 
primary 'Jakobi, A.J.' 5  ? 
1       'Huber, S.T.'  6  ? 
1       'Terwiel, D.'  7  ? 
1       'Evers, W.H.'  8  ? 
1       'Maresca, D.'  9  ? 
1       'Jakobi, A.J.' 10 ? 
# 
_entity.id                         1 
_entity.type                       polymer 
_entity.src_method                 man 
_entity.pdbx_description           'Gas vesicle structural protein' 
_entity.formula_weight             9626.850 
_entity.pdbx_number_of_molecules   1 
_entity.pdbx_ec                    ? 
_entity.pdbx_mutation              ? 
_entity.pdbx_fragment              ? 
_entity.details                    ? 
# 
_entity_name_com.entity_id   1 
_entity_name_com.name        GVP 
# 
_entity_poly.entity_id                      1 
_entity_poly.type                           'polypeptide(L)' 
_entity_poly.nstd_linkage                   no 
_entity_poly.nstd_monomer                   no 
_entity_poly.pdbx_seq_one_letter_code       
;MSIQKSTNSSSLAEVIDRILDKGIVIDAFARVSVVGIEILTIEARVVIASVDTWLRYAEAVGLLRDDVEENGLPERSNSS
EGQPRFSI
;
_entity_poly.pdbx_seq_one_letter_code_can   
;MSIQKSTNSSSLAEVIDRILDKGIVIDAFARVSVVGIEILTIEARVVIASVDTWLRYAEAVGLLRDDVEENGLPERSNSS
EGQPRFSI
;
_entity_poly.pdbx_strand_id                 N 
_entity_poly.pdbx_target_identifier         ? 
# 
loop_
_entity_poly_seq.entity_id 
_entity_poly_seq.num 
_entity_poly_seq.mon_id 
_entity_poly_seq.hetero 
1 1  MET n 
1 2  SER n 
1 3  ILE n 
1 4  GLN n 
1 5  LYS n 
1 6  SER n 
1 7  THR n 
1 8  ASN n 
1 9  SER n 
1 10 SER n 
1 11 SER n 
1 12 LEU n 
1 13 ALA n 
1 14 GLU n 
1 15 VAL n 
1 16 ILE n 
1 17 ASP n 
1 18 ARG n 
1 19 ILE n 
1 20 LEU n 
1 21 ASP n 
1 22 LYS n 
1 23 GLY n 
1 24 ILE n 
1 25 VAL n 
1 26 ILE n 
1 27 ASP n 
1 28 ALA n 
1 29 PHE n 
1 30 ALA n 
1 31 ARG n 
1 32 VAL n 
1 33 SER n 
1 34 VAL n 
1 35 VAL n 
1 36 GLY n 
1 37 ILE n 
1 38 GLU n 
1 39 ILE n 
1 40 LEU n 
1 41 THR n 
1 42 ILE n 
1 43 GLU n 
1 44 ALA n 
1 45 ARG n 
1 46 VAL n 
1 47 VAL n 
1 48 ILE n 
1 49 ALA n 
1 50 SER n 
1 51 VAL n 
1 52 ASP n 
1 53 THR n 
1 54 TRP n 
1 55 LEU n 
1 56 ARG n 
1 57 TYR n 
1 58 ALA n 
1 59 GLU n 
1 60 ALA n 
1 61 VAL n 
1 62 GLY n 
1 63 LEU n 
1 64 LEU n 
1 65 ARG n 
1 66 ASP n 
1 67 ASP n 
1 68 VAL n 
1 69 GLU n 
1 70 GLU n 
1 71 ASN n 
1 72 GLY n 
1 73 LEU n 
1 74 PRO n 
1 75 GLU n 
1 76 ARG n 
1 77 SER n 
1 78 ASN n 
1 79 SER n 
1 80 SER n 
1 81 GLU n 
1 82 GLY n 
1 83 GLN n 
1 84 PRO n 
1 85 ARG n 
1 86 PHE n 
1 87 SER n 
1 88 ILE n 
# 
_entity_src_gen.entity_id                          1 
_entity_src_gen.pdbx_src_id                        1 
_entity_src_gen.pdbx_alt_source_flag               sample 
_entity_src_gen.pdbx_seq_type                      'Biological sequence' 
_entity_src_gen.pdbx_beg_seq_num                   1 
_entity_src_gen.pdbx_end_seq_num                   88 
_entity_src_gen.gene_src_common_name               ? 
_entity_src_gen.gene_src_genus                     ? 
_entity_src_gen.pdbx_gene_src_gene                 'gvpA, BG04_216, G3M54_29730' 
_entity_src_gen.gene_src_species                   ? 
_entity_src_gen.gene_src_strain                    
'ATCC 14581 / DSM 32 / JCM 2506 / NBRC 15308 / NCIMB 9376 / NCTC 10342 / NRRL B-14308 / VKM B-512' 
_entity_src_gen.gene_src_tissue                    ? 
_entity_src_gen.gene_src_tissue_fraction           ? 
_entity_src_gen.gene_src_details                   ? 
_entity_src_gen.pdbx_gene_src_fragment             ? 
_entity_src_gen.pdbx_gene_src_scientific_name      'Priestia megaterium NBRC 15308 = ATCC 14581' 
_entity_src_gen.pdbx_gene_src_ncbi_taxonomy_id     1348623 
_entity_src_gen.pdbx_gene_src_variant              ? 
_entity_src_gen.pdbx_gene_src_cell_line            ? 
_entity_src_gen.pdbx_gene_src_atcc                 ? 
_entity_src_gen.pdbx_gene_src_organ                ? 
_entity_src_gen.pdbx_gene_src_organelle            ? 
_entity_src_gen.pdbx_gene_src_cell                 ? 
_entity_src_gen.pdbx_gene_src_cellular_location    ? 
_entity_src_gen.host_org_common_name               ? 
_entity_src_gen.pdbx_host_org_scientific_name      'Escherichia coli' 
_entity_src_gen.pdbx_host_org_ncbi_taxonomy_id     562 
_entity_src_gen.host_org_genus                     ? 
_entity_src_gen.pdbx_host_org_gene                 ? 
_entity_src_gen.pdbx_host_org_organ                ? 
_entity_src_gen.host_org_species                   ? 
_entity_src_gen.pdbx_host_org_tissue               ? 
_entity_src_gen.pdbx_host_org_tissue_fraction      ? 
_entity_src_gen.pdbx_host_org_strain               BL21-DE3-pLysS 
_entity_src_gen.pdbx_host_org_variant              ? 
_entity_src_gen.pdbx_host_org_cell_line            ? 
_entity_src_gen.pdbx_host_org_atcc                 ? 
_entity_src_gen.pdbx_host_org_culture_collection   ? 
_entity_src_gen.pdbx_host_org_cell                 ? 
_entity_src_gen.pdbx_host_org_organelle            ? 
_entity_src_gen.pdbx_host_org_cellular_location    ? 
_entity_src_gen.pdbx_host_org_vector_type          ? 
_entity_src_gen.pdbx_host_org_vector               ? 
_entity_src_gen.host_org_details                   ? 
_entity_src_gen.expression_system_id               ? 
_entity_src_gen.plasmid_name                       ? 
_entity_src_gen.plasmid_details                    ? 
_entity_src_gen.pdbx_description                   ? 
# 
loop_
_chem_comp.id 
_chem_comp.type 
_chem_comp.mon_nstd_flag 
_chem_comp.name 
_chem_comp.pdbx_synonyms 
_chem_comp.formula 
_chem_comp.formula_weight 
ALA 'L-peptide linking' y ALANINE         ? 'C3 H7 N O2'     89.093  
ARG 'L-peptide linking' y ARGININE        ? 'C6 H15 N4 O2 1' 175.209 
ASN 'L-peptide linking' y ASPARAGINE      ? 'C4 H8 N2 O3'    132.118 
ASP 'L-peptide linking' y 'ASPARTIC ACID' ? 'C4 H7 N O4'     133.103 
GLN 'L-peptide linking' y GLUTAMINE       ? 'C5 H10 N2 O3'   146.144 
GLU 'L-peptide linking' y 'GLUTAMIC ACID' ? 'C5 H9 N O4'     147.129 
GLY 'peptide linking'   y GLYCINE         ? 'C2 H5 N O2'     75.067  
ILE 'L-peptide linking' y ISOLEUCINE      ? 'C6 H13 N O2'    131.173 
LEU 'L-peptide linking' y LEUCINE         ? 'C6 H13 N O2'    131.173 
LYS 'L-peptide linking' y LYSINE          ? 'C6 H15 N2 O2 1' 147.195 
MET 'L-peptide linking' y METHIONINE      ? 'C5 H11 N O2 S'  149.211 
PHE 'L-peptide linking' y PHENYLALANINE   ? 'C9 H11 N O2'    165.189 
PRO 'L-peptide linking' y PROLINE         ? 'C5 H9 N O2'     115.130 
SER 'L-peptide linking' y SERINE          ? 'C3 H7 N O3'     105.093 
THR 'L-peptide linking' y THREONINE       ? 'C4 H9 N O3'     119.119 
TRP 'L-peptide linking' y TRYPTOPHAN      ? 'C11 H12 N2 O2'  204.225 
TYR 'L-peptide linking' y TYROSINE        ? 'C9 H11 N O3'    181.189 
VAL 'L-peptide linking' y VALINE          ? 'C5 H11 N O2'    117.146 
# 
loop_
_pdbx_poly_seq_scheme.asym_id 
_pdbx_poly_seq_scheme.entity_id 
_pdbx_poly_seq_scheme.seq_id 
_pdbx_poly_seq_scheme.mon_id 
_pdbx_poly_seq_scheme.ndb_seq_num 
_pdbx_poly_seq_scheme.pdb_seq_num 
_pdbx_poly_seq_scheme.auth_seq_num 
_pdbx_poly_seq_scheme.pdb_mon_id 
_pdbx_poly_seq_scheme.auth_mon_id 
_pdbx_poly_seq_scheme.pdb_strand_id 
_pdbx_poly_seq_scheme.pdb_ins_code 
_pdbx_poly_seq_scheme.hetero 
A 1 1  MET 1  1  ?  ?   ?   N . n 
A 1 2  SER 2  2  2  SER SER N . n 
A 1 3  ILE 3  3  3  ILE ILE N . n 
A 1 4  GLN 4  4  4  GLN GLN N . n 
A 1 5  LYS 5  5  5  LYS LYS N . n 
A 1 6  SER 6  6  6  SER SER N . n 
A 1 7  THR 7  7  7  THR THR N . n 
A 1 8  ASN 8  8  8  ASN ASN N . n 
A 1 9  SER 9  9  9  SER SER N . n 
A 1 10 SER 10 10 10 SER SER N . n 
A 1 11 SER 11 11 11 SER SER N . n 
A 1 12 LEU 12 12 12 LEU LEU N . n 
A 1 13 ALA 13 13 13 ALA ALA N . n 
A 1 14 GLU 14 14 14 GLU GLU N . n 
A 1 15 VAL 15 15 15 VAL VAL N . n 
A 1 16 ILE 16 16 16 ILE ILE N . n 
A 1 17 ASP 17 17 17 ASP ASP N . n 
A 1 18 ARG 18 18 18 ARG ARG N . n 
A 1 19 ILE 19 19 19 ILE ILE N . n 
A 1 20 LEU 20 20 20 LEU LEU N . n 
A 1 21 ASP 21 21 21 ASP ASP N . n 
A 1 22 LYS 22 22 22 LYS LYS N . n 
A 1 23 GLY 23 23 23 GLY GLY N . n 
A 1 24 ILE 24 24 24 ILE ILE N . n 
A 1 25 VAL 25 25 25 VAL VAL N . n 
A 1 26 ILE 26 26 26 ILE ILE N . n 
A 1 27 ASP 27 27 27 ASP ASP N . n 
A 1 28 ALA 28 28 28 ALA ALA N . n 
A 1 29 PHE 29 29 29 PHE PHE N . n 
A 1 30 ALA 30 30 30 ALA ALA N . n 
A 1 31 ARG 31 31 31 ARG ARG N . n 
A 1 32 VAL 32 32 32 VAL VAL N . n 
A 1 33 SER 33 33 33 SER SER N . n 
A 1 34 VAL 34 34 34 VAL VAL N . n 
A 1 35 VAL 35 35 35 VAL VAL N . n 
A 1 36 GLY 36 36 36 GLY GLY N . n 
A 1 37 ILE 37 37 37 ILE ILE N . n 
A 1 38 GLU 38 38 38 GLU GLU N . n 
A 1 39 ILE 39 39 39 ILE ILE N . n 
A 1 40 LEU 40 40 40 LEU LEU N . n 
A 1 41 THR 41 41 41 THR THR N . n 
A 1 42 ILE 42 42 42 ILE ILE N . n 
A 1 43 GLU 43 43 43 GLU GLU N . n 
A 1 44 ALA 44 44 44 ALA ALA N . n 
A 1 45 ARG 45 45 45 ARG ARG N . n 
A 1 46 VAL 46 46 46 VAL VAL N . n 
A 1 47 VAL 47 47 47 VAL VAL N . n 
A 1 48 ILE 48 48 48 ILE ILE N . n 
A 1 49 ALA 49 49 49 ALA ALA N . n 
A 1 50 SER 50 50 50 SER SER N . n 
A 1 51 VAL 51 51 51 VAL VAL N . n 
A 1 52 ASP 52 52 52 ASP ASP N . n 
A 1 53 THR 53 53 53 THR THR N . n 
A 1 54 TRP 54 54 54 TRP TRP N . n 
A 1 55 LEU 55 55 55 LEU LEU N . n 
A 1 56 ARG 56 56 56 ARG ARG N . n 
A 1 57 TYR 57 57 57 TYR TYR N . n 
A 1 58 ALA 58 58 58 ALA ALA N . n 
A 1 59 GLU 59 59 59 GLU GLU N . n 
A 1 60 ALA 60 60 60 ALA ALA N . n 
A 1 61 VAL 61 61 61 VAL VAL N . n 
A 1 62 GLY 62 62 62 GLY GLY N . n 
A 1 63 LEU 63 63 63 LEU LEU N . n 
A 1 64 LEU 64 64 64 LEU LEU N . n 
A 1 65 ARG 65 65 65 ARG ARG N . n 
A 1 66 ASP 66 66 66 ASP ASP N . n 
A 1 67 ASP 67 67 ?  ?   ?   N . n 
A 1 68 VAL 68 68 ?  ?   ?   N . n 
A 1 69 GLU 69 69 ?  ?   ?   N . n 
A 1 70 GLU 70 70 ?  ?   ?   N . n 
A 1 71 ASN 71 71 ?  ?   ?   N . n 
A 1 72 GLY 72 72 ?  ?   ?   N . n 
A 1 73 LEU 73 73 ?  ?   ?   N . n 
A 1 74 PRO 74 74 ?  ?   ?   N . n 
A 1 75 GLU 75 75 ?  ?   ?   N . n 
A 1 76 ARG 76 76 ?  ?   ?   N . n 
A 1 77 SER 77 77 ?  ?   ?   N . n 
A 1 78 ASN 78 78 ?  ?   ?   N . n 
A 1 79 SER 79 79 ?  ?   ?   N . n 
A 1 80 SER 80 80 ?  ?   ?   N . n 
A 1 81 GLU 81 81 ?  ?   ?   N . n 
A 1 82 GLY 82 82 ?  ?   ?   N . n 
A 1 83 GLN 83 83 ?  ?   ?   N . n 
A 1 84 PRO 84 84 ?  ?   ?   N . n 
A 1 85 ARG 85 85 ?  ?   ?   N . n 
A 1 86 PHE 86 86 ?  ?   ?   N . n 
A 1 87 SER 87 87 ?  ?   ?   N . n 
A 1 88 ILE 88 88 ?  ?   ?   N . n 
# 
_exptl.absorpt_coefficient_mu     ? 
_exptl.absorpt_correction_T_max   ? 
_exptl.absorpt_correction_T_min   ? 
_exptl.absorpt_correction_type    ? 
_exptl.absorpt_process_details    ? 
_exptl.entry_id                   7R1C 
_exptl.crystals_number            ? 
_exptl.details                    ? 
_exptl.method                     'ELECTRON MICROSCOPY' 
_exptl.method_details             ? 
# 
_struct.entry_id                     7R1C 
_struct.title                        'Cryo-EM structure of Bacillus megaterium gas vesicles' 
_struct.pdbx_model_details           ? 
_struct.pdbx_formula_weight          ? 
_struct.pdbx_formula_weight_method   ? 
_struct.pdbx_model_type_details      ? 
_struct.pdbx_CASP_flag               N 
# 
_struct_keywords.entry_id        7R1C 
_struct_keywords.text            'gas vesicle, buoyancy, helical, microbial motility, STRUCTURAL PROTEIN' 
_struct_keywords.pdbx_keywords   'STRUCTURAL PROTEIN' 
# 
_struct_asym.id                            A 
_struct_asym.pdbx_blank_PDB_chainid_flag   N 
_struct_asym.pdbx_modified                 N 
_struct_asym.entity_id                     1 
_struct_asym.details                       ? 
# 
_struct_ref.id                         1 
_struct_ref.db_name                    UNP 
_struct_ref.db_code                    A0A0B6AAV2_BACMB 
_struct_ref.pdbx_db_accession          A0A0B6AAV2 
_struct_ref.pdbx_db_isoform            ? 
_struct_ref.entity_id                  1 
_struct_ref.pdbx_seq_one_letter_code   
;MSIQKSTNSSSLAEVIDRILDKGIVIDAFARVSVVGIEILTIEARVVIASVDTWLRYAEAVGLLRDDVEENGLPERSNSS
EGQPRFSI
;
_struct_ref.pdbx_align_begin           1 
# 
_struct_ref_seq.align_id                      1 
_struct_ref_seq.ref_id                        1 
_struct_ref_seq.pdbx_PDB_id_code              7R1C 
_struct_ref_seq.pdbx_strand_id                N 
_struct_ref_seq.seq_align_beg                 1 
_struct_ref_seq.pdbx_seq_align_beg_ins_code   ? 
_struct_ref_seq.seq_align_end                 88 
_struct_ref_seq.pdbx_seq_align_end_ins_code   ? 
_struct_ref_seq.pdbx_db_accession             A0A0B6AAV2 
_struct_ref_seq.db_align_beg                  1 
_struct_ref_seq.pdbx_db_align_beg_ins_code    ? 
_struct_ref_seq.db_align_end                  88 
_struct_ref_seq.pdbx_db_align_end_ins_code    ? 
_struct_ref_seq.pdbx_auth_seq_align_beg       1 
_struct_ref_seq.pdbx_auth_seq_align_end       88 
# 
loop_
_pdbx_struct_assembly.id 
_pdbx_struct_assembly.details 
_pdbx_struct_assembly.method_details 
_pdbx_struct_assembly.oligomeric_details 
_pdbx_struct_assembly.oligomeric_count 
1 author_defined_assembly ? 'Example of gas vesicle rib formed by lateral connections of GvpB/A2 monomers' 5   
2 author_defined_assembly ? 
'Single helical turn of a gas vesicle formed by lateral connections and rib-to-rib connections of GvpB/A2 monomers' 100 
3 author_defined_assembly ? 'Cylinder made from 930 monomers of GvpB/A2 formed by helical repetition' 930 
# 
loop_
_pdbx_struct_assembly_gen.assembly_id 
_pdbx_struct_assembly_gen.oper_expression 
_pdbx_struct_assembly_gen.asym_id_list 
1 1,2,3,4,5 A 
2 
;1,10,100,11,12,13,14,15,16,17,18,19,2,20,21,22,23,24,25,26,27,28,29,3,30,31,32,33,34,35,36,37,38,39,4,40,41,42,43,44,45,46,47,48,49,5,50,51,52,53,54,55,56,57,58,59,6,60,61,62,63,64,65,66,67,68,69,7,70,71,72,73,74,75,76,77,78,79,8,80,81,82,83,84,85,86,87,88,89,9,90,91,92,93,94,95,96,97,98,99
;
A 
3 
;1,10,100,101,102,103,104,105,106,107,108,109,11,110,111,112,113,114,115,116,117,118,119,12,120,121,122,123,124,125,126,127,128,129,13,130,131,132,133,134,135,136,137,138,139,14,140,141,142,143,144,145,146,147,148,149,15,150,151,152,153,154,155,156,157,158,159,16,160,161,162,163,164,165,166,167,168,169,17,170,171,172,173,174,175,176,177,178,179,18,180,181,182,183,184,185,186,187,188,189,19,190,191,192,193,194,195,196,197,198,199,2,20,200,201,202,203,204,205,206,207,208,209,21,210,211,212,213,214,215,216,217,218,219,22,220,221,222,223,224,225,226,227,228,229,23,230,231,232,233,234,235,236,237,238,239,24,240,241,242,243,244,245,246,247,248,249,25,250,251,252,253,254,255,256,257,258,259,26,260,261,262,263,264,265,266,267,268,269,27,270,271,272,273,274,275,276,277,278,279,28,280,281,282,283,284,285,286,287,288,289,29,290,291,292,293,294,295,296,297,298,299,3,30,300,301,302,303,304,305,306,307,308,309,31,310,311,312,313,314,315,316,317,318,319,32,320,321,322,323,324,325,326,327,328,329,33,330,331,332,333,334,335,336,337,338,339,34,340,341,342,343,344,345,346,347,348,349,35,350,351,352,353,354,355,356,357,358,359,36,360,361,362,363,364,365,366,367,368,369,37,370,371,372,373,374,375,376,377,378,379,38,380,381,382,383,384,385,386,387,388,389,39,390,391,392,393,394,395,396,397,398,399,4,40,400,401,402,403,404,405,406,407,408,409,41,410,411,412,413,414,415,416,417,418,419,42,420,421,422,423,424,425,426,427,428,429,43,430,431,432,433,434,435,436,437,438,439,44,440,441,442,443,444,445,446,447,448,449,45,450,451,452,453,454,455,456,457,458,459,46,460,461,462,463,464,465,466,467,468,469,47,470,471,472,473,474,475,476,477,478,479,48,480,481,482,483,484,485,486,487,488,489,49,490,491,492,493,494,495,496,497,498,499,5,50,500,501,502,503,504,505,506,507,508,509,51,510,511,512,513,514,515,516,517,518,519,52,520,521,522,523,524,525,526,527,528,529,53,530,531,532,533,534,535,536,537,538,539,54,540,541,542,543,544,545,546,547,548,549,55,550,551,552,553,554,555,556,557,558,559,56,560,561,562,563,564,565,566,567,568,569,57,570,571,572,573,574,575,576,577,578,579,58,580,581,582,583,584,585,586,587,588,589,59,590,591,592,593,594,595,596,597,598,599,6,60,600,601,602,603,604,605,606,607,608,609,61,610,611,612,613,614,615,616,617,618,619,62,620,621,622,623,624,625,626,627,628,629,63,630,631,632,633,634,635,636,637,638,639,64,640,641,642,643,644,645,646,647,648,649,65,650,651,652,653,654,655,656,657,658,659,66,660,661,662,663,664,665,666,667,668,669,67,670,671,672,673,674,675,676,677,678,679,68,680,681,682,683,684,685,686,687,688,689,69,690,691,692,693,694,695,696,697,698,699,7,70,700,701,702,703,704,705,706,707,708,709,71,710,711,712,713,714,715,716,717,718,719,72,720,721,722,723,724,725,726,727,728,729,73,730,731,732,733,734,735,736,737,738,739,74,740,741,742,743,744,745,746,747,748,749,75,750,751,752,753,754,755,756,757,758,759,76,760,761,762,763,764,765,766,767,768,769,77,770,771,772,773,774,775,776,777,778,779,78,780,781,782,783,784,785,786,787,788,789,79,790,791,792,793,794,795,796,797,798,799,8,80,800,801,802,803,804,805,806,807,808,809,81,810,811,812,813,814,815,816,817,818,819,82,820,821,822,823,824,825,826,827,828,829,83,830,831,832,833,834,835,836,837,838,839,84,840,841,842,843,844,845,846,847,848,849,85,850,851,852,853,854,855,856,857,858,859,86,860,861,862,863,864,865,866,867,868,869,87,870,871,872,873,874,875,876,877,878,879,88,880,881,882,883,884,885,886,887,888,889,89,890,891,892,893,894,895,896,897,898,899,9,90,900,901,902,903,904,905,906,907,908,909,91,910,911,912,913,914,915,916,917,918,919,92,920,921,922,923,924,925,926,927,928,929,93,930,94,95,96,97,98,99
;
A 
# 
loop_
_pdbx_struct_assembly_auth_evidence.id 
_pdbx_struct_assembly_auth_evidence.assembly_id 
_pdbx_struct_assembly_auth_evidence.experimental_support 
_pdbx_struct_assembly_auth_evidence.details 
1 1 'electron microscopy' ? 
2 2 'electron microscopy' ? 
3 3 'electron microscopy' ? 
# 
loop_
_pdbx_struct_oper_list.id 
_pdbx_struct_oper_list.type 
_pdbx_struct_oper_list.name 
_pdbx_struct_oper_list.symmetry_operation 
_pdbx_struct_oper_list.matrix[1][1] 
_pdbx_struct_oper_list.matrix[1][2] 
_pdbx_struct_oper_list.matrix[1][3] 
_pdbx_struct_oper_list.vector[1] 
_pdbx_struct_oper_list.matrix[2][1] 
_pdbx_struct_oper_list.matrix[2][2] 
_pdbx_struct_oper_list.matrix[2][3] 
_pdbx_struct_oper_list.vector[2] 
_pdbx_struct_oper_list.matrix[3][1] 
_pdbx_struct_oper_list.matrix[3][2] 
_pdbx_struct_oper_list.matrix[3][3] 
_pdbx_struct_oper_list.vector[3] 
1   'identity operation'       1_555 x,y,z 1.000000   -0.000000   0.000000    0.00000    -0.000000   1.000000    0.000000    0.00000   0.000000    0.000000    1.000000    0.00000    
2   'point symmetry operation' ?     ?     0.99986639 -0.01311218 0.00976007  2.47100    0.01372387  0.99775848  -0.06549442 -6.22857  -0.00887938 0.06561962  0.99780513  -10.39352  
3   'point symmetry operation' ?     ?     0.99946621 -0.02555297 0.02035621  4.92194    0.02799680  0.99104471  -0.13056509 -11.72868 -0.01683772 0.13106528  0.99123108  -21.19495  
4   'point symmetry operation' ?     ?     0.99880122 -0.03726521 0.03174016  7.33925    0.04275358  0.97988812  -0.19491396 -16.47528 -0.02383830 0.19603730  0.98030666  -32.35545  
5   'point symmetry operation' ?     ?     0.99787450 -0.04819523 0.04385949  9.70949    0.05792637  0.96434070  -0.25824556 -20.44701 -0.02984913 0.26023730  0.96508280  -43.82417  
6   'point symmetry operation' ?     ?     0.99669033 -0.05829362 0.05665903  12.01959   0.07344621  0.94447406  -0.32027275 -23.62638 -0.03484317 0.32337414  0.94562960  -55.54945  
7   'point symmetry operation' ?     ?     0.99525404 -0.06751396 0.07008055  14.25666   0.08924231  0.92037747  -0.38071176 -25.99891 -0.03879726 0.38515906  0.92203449  -67.47832  
8   'point symmetry operation' ?     ?     0.99357222 -0.07581379 0.08406227  16.40805   0.10524198  0.89216179  -0.43928430 -27.55400 -0.04169318 0.44530758  0.89440599  -79.55633  
9   'point symmetry operation' ?     ?     0.99165260 -0.08315576 0.09854054  18.46171   0.12137252  0.85995649  -0.49572521 -28.28521 -0.04351816 0.50354731  0.86287091  -91.72909  
10  'point symmetry operation' ?     ?     0.98950389 -0.08950599 0.11344926  20.40588   0.13756017  0.82390774  -0.54977561 -28.18928 -0.04426351 0.55961121  0.82757237  -103.94142 
11  'point symmetry operation' ?     ?     0.98713596 -0.09483547 0.12872001  22.22932   0.15373067  0.78418133  -0.60118785 -27.26707 -0.04392595 0.61324235  0.78867270  -116.13776 
12  'point symmetry operation' ?     ?     0.98455959 -0.09911978 0.14428325  23.92136   0.16981034  0.74095776  -0.64972729 -25.52301 -0.04250687 0.66419604  0.74634865  -128.26303 
13  'point symmetry operation' ?     ?     0.98178658 -0.10233966 0.16006791  25.47202   0.18572587  0.69443518  -0.69517339 -22.96562 -0.04001305 0.71224065  0.70079424  -140.26242 
14  'point symmetry operation' ?     ?     0.97882961 -0.10448009 0.17600155  26.87179   0.20140411  0.64482646  -0.73731668 -19.60677 -0.03645568 0.75715482  0.65221793  -152.08126 
15  'point symmetry operation' ?     ?     0.97570214 -0.10553132 0.19201171  28.11198   0.21677378  0.59235723  -0.77596551 -15.46208 -0.03185094 0.79873430  0.60084063  -163.66628 
16  'point symmetry operation' ?     ?     0.97241850 -0.10548863 0.20802510  29.18460   0.23176455  0.53726783  -0.81094321 -10.55090 -0.02621999 0.83678901  0.54689768  -174.96495 
17  'point symmetry operation' ?     ?     0.96899376 -0.10435217 0.22396814  30.08237   0.24630751  0.47981134  -0.84208897 -4.89611  -0.01958867 0.87114399  0.49063691  -185.92582 
18  'point symmetry operation' ?     ?     0.96544342 -0.10212704 0.23976866  30.79890   0.26033682  0.42024772  -0.86926160 1.47639   -0.01198695 0.90164353  0.43231286  -196.49973 
19  'point symmetry operation' ?     ?     0.96178386 -0.09882370 0.25535394  31.32859   0.27378798  0.35885165  -0.89233680 8.53680   -0.00345002 0.92814799  0.37219449  -206.63857 
20  'point symmetry operation' ?     ?     0.95803168 -0.09445714 0.27065325  31.66671   0.28659995  0.29590171  -0.91120980 16.25274  0.00598338  0.95053705  0.31055460  -216.29677 
21  'point symmetry operation' ?     ?     0.95420414 -0.08904716 0.28559607  31.80931   0.29871357  0.23168731  -0.92579262 24.58854  0.01627007  0.96870654  0.24767655  -225.43024 
22  'point symmetry operation' ?     ?     0.95031864 -0.08261838 0.30011437  31.75341   0.31007367  0.16650076  -0.93601870 33.50593  0.02736323  0.98257361  0.18384659  -233.99785 
23  'point symmetry operation' ?     ?     0.94639298 -0.07520054 0.31414197  31.49701   0.32062864  0.10064029  -0.94184301 42.96362  0.03921188  0.99207653  0.11935673  -241.96114 
24  'point symmetry operation' ?     ?     0.94244504 -0.06682728 0.32761479  31.03891   0.33033017  0.03440606  -0.94323802 52.91826  0.05176214  0.99717105  0.05450090  -249.28415 
25  'point symmetry operation' ?     ?     0.93849300 -0.05753722 0.34047085  30.37890   0.33913364  -0.03189683 -0.94019771 63.32363  0.06495616  0.99783407  -0.01042217 -255.93370 
26  'point symmetry operation' ?     ?     0.93455477 -0.04737213 0.35265171  29.51757   0.34699891  -0.09796821 -0.93273433 74.13244  0.07873440  0.99406109  -0.07511855 -261.87991 
27  'point symmetry operation' ?     ?     0.93064840 -0.03637913 0.36410184  28.45665   0.35389036  -0.16350497 -0.92088450 85.29454  0.09303333  0.98587180  -0.13929143 -267.09634 
28  'point symmetry operation' ?     ?     0.92679179 -0.02460810 0.37476846  27.19856   0.35977598  -0.22820691 -0.90470025 96.75868  0.10778777  0.97330146  -0.20264688 -271.55925 
29  'point symmetry operation' ?     ?     0.92300248 -0.01211292 0.38460330  25.74677   0.36462932  -0.29177976 -0.88425677 108.47225 0.12293039  0.95640883  -0.26489672 -275.24905 
30  'point symmetry operation' ?     ?     0.91929790 0.00104907  0.39356105  24.10560   0.36842796  -0.35393118 -0.85964759 120.38108 0.13839161  0.93527111  -0.32575472 -278.14918 
31  'point symmetry operation' ?     ?     0.91569488 0.01481805  0.40160097  22.28018   0.37115461  -0.41437866 -0.83098445 132.43074 0.15410119  0.90998424  -0.38494423 -280.24691 
32  'point symmetry operation' ?     ?     0.91220992 0.02913107  0.40868626  20.27651   0.37279674  -0.47284555 -0.79839829 144.56576 0.16998725  0.88066374  -0.44219437 -281.53308 
33  'point symmetry operation' ?     ?     0.90885891 0.04392271  0.41478461  18.10143   0.37334695  -0.52906503 -0.76203824 156.73039 0.18597724  0.84744381  -0.49724388 -282.00236 
34  'point symmetry operation' ?     ?     0.90565719 0.05912534  0.41986817  15.76256   0.37280273  -0.58278010 -0.72207059 168.86869 0.20199805  0.81047641  -0.54984109 -281.65310 
35  'point symmetry operation' ?     ?     0.90261947 0.07466928  0.42391335  13.26825   0.37116631  -0.63374354 -0.67867790 180.92459 0.21797615  0.76993027  -0.59974394 -280.48717 
36  'point symmetry operation' ?     ?     0.89975951 0.09048375  0.42690217  10.62758   0.36844554  -0.68172482 -0.63205871 192.84301 0.23383894  0.72599107  -0.64672669 -278.51067 
37  'point symmetry operation' ?     ?     0.89709040 0.10649647  0.42882084  7.85028    0.36465276  -0.72650421 -0.58242585 204.56910 0.24951387  0.67885935  -0.69057419 -275.73302 
38  'point symmetry operation' ?     ?     0.89462442 0.12263405  0.42966034  4.94670    0.35980514  -0.76787571 -0.53000630 216.04872 0.26492901  0.62875059  -0.73108471 -272.16727 
39  'point symmetry operation' ?     ?     0.89237280 0.13882273  0.42941706  1.92783    0.35392503  -0.80565097 -0.47504015 227.22912 0.28001399  0.57589436  -0.76807383 -267.83035 
40  'point symmetry operation' ?     ?     0.89034576 0.15498902  0.42809204  -1.19497   0.34703906  -0.83965831 -0.41777669 238.05923 0.29470033  0.52053038  -0.80137345 -262.74237 
41  'point symmetry operation' ?     ?     0.88855262 0.17105864  0.42569147  -4.40968   0.33917899  -0.86974177 -0.35847938 248.48896 0.30892054  0.46291337  -0.83083085 -256.92728 
42  'point symmetry operation' ?     ?     0.88700160 0.18695808  0.42222610  -7.70395   0.33038054  -0.89576302 -0.29741890 258.47020 0.32260952  0.40330631  -0.85631057 -250.41198 
43  'point symmetry operation' ?     ?     0.88569979 0.20261475  0.41771180  -11.06505  0.32068393  -0.91760338 -0.23487416 267.95707 0.33570479  0.34198145  -0.87769641 -243.22673 
44  'point symmetry operation' ?     ?     0.88465309 0.21795734  0.41216924  -14.48001  0.31013343  -0.93516375 -0.17113027 276.90606 0.34814673  0.27921839  -0.89489134 -235.40481 
45  'point symmetry operation' ?     ?     0.88386630 0.23291548  0.40562387  -17.93548  0.29877745  -0.94836371 -0.10647961 285.27581 0.35987829  0.21530502  -0.90781659 -226.98260 
46  'point symmetry operation' ?     ?     0.88334298 0.24742103  0.39810559  -21.41805  0.28666780  -0.95714340 -0.04121690 293.02789 0.37084607  0.15053269  -0.91641357 -217.99898 
47  'point symmetry operation' ?     ?     0.88308564 0.26140748  0.38964833  -24.91414  0.27385950  -0.96146066 0.02435978  300.12623 0.38099956  0.08519715  -0.92064098 -208.49527 
48  'point symmetry operation' ?     ?     0.88309529 0.27481116  0.38029143  -28.41007  0.26041164  -0.96129880 0.08995013  306.53847 0.39029287  0.01959776  -0.92048249 -198.51577 
49  'point symmetry operation' ?     ?     0.88337204 0.28757046  0.37007713  -31.89219  0.24638533  -0.95665586 0.15525425  312.23455 0.39868298  -0.04596569 -0.91593618 -188.10631 
50  'point symmetry operation' ?     ?     0.88391453 0.29962727  0.35905235  -35.34694  0.23184481  -0.94755440 0.21997393  317.18833 0.40613184  -0.11119373 -0.90702413 -177.31505 
51  'point symmetry operation' ?     ?     0.88472033 0.31092664  0.34726726  -38.76089  0.21685627  -0.93403563 0.28381436  321.37689 0.41260548  -0.17578925 -0.89378670 -166.19159 
52  'point symmetry operation' ?     ?     0.88578574 0.32141663  0.33477593  -42.12070  0.20148853  -0.91616135 0.34648229  324.78060 0.41807409  -0.23945554 -0.87628439 -154.78747 
53  'point symmetry operation' ?     ?     0.88710585 0.33104950  0.32163552  -45.41339  0.18581181  -0.89401395 0.40769184  327.38373 0.42251290  -0.30190213 -0.85459790 -143.15529 
54  'point symmetry operation' ?     ?     0.88867470 0.33978131  0.30790569  -48.62628  0.16989736  -0.86769350 0.46716441  329.17399 0.42590156  -0.36284482 -0.82882520 -131.34838 
55  'point symmetry operation' ?     ?     0.89048504 0.34757184  0.29364979  -51.74692  0.15381858  -0.83732164 0.52462587  330.14285 0.42822451  -0.42200270 -0.79908540 -119.42169 
56  'point symmetry operation' ?     ?     0.89252868 0.35438584  0.27893232  -54.76348  0.13764823  -0.80303570 0.57981615  330.28557 0.42947121  -0.47910801 -0.76551298 -107.42965 
57  'point symmetry operation' ?     ?     0.89479627 0.36019187  0.26382080  -57.66445  0.12146055  -0.76499264 0.63248151  329.60106 0.42963581  -0.53389825 -0.72826163 -95.42781  
58  'point symmetry operation' ?     ?     0.89727739 0.36496371  0.24838430  -60.43895  0.10532942  -0.72336707 0.68238231  328.09233 0.42871784  -0.58612404 -0.68750232 -83.47140  
59  'point symmetry operation' ?     ?     0.89996071 0.36867928  0.23269358  -63.07656  0.08932886  -0.67834930 0.72928905  325.76582 0.42672130  -0.63554524 -0.64342141 -71.61579  
60  'point symmetry operation' ?     ?     0.90283400 0.37132186  0.21681996  -65.56764  0.07353153  -0.63014435 0.77298913  322.63190 0.42365544  -0.68193779 -0.59621965 -59.91528  
61  'point symmetry operation' ?     ?     0.90588417 0.37287894  0.20083613  -67.90305  0.05800993  -0.57897196 0.81328103  318.70428 0.41953391  -0.72508792 -0.54611221 -48.42404  
62  'point symmetry operation' ?     ?     0.90909718 0.37334389  0.18481523  -70.07453  0.04283489  -0.52506757 0.84998213  314.00099 0.41437604  -0.76479983 -0.49332961 -37.19499  
63  'point symmetry operation' ?     ?     0.91245842 0.37271426  0.16883041  -72.07442  0.02807583  -0.46867642 0.88292363  308.54290 0.40820506  -0.80089105 -0.43811200 -26.27998  
64  'point symmetry operation' ?     ?     0.91595251 0.37099305  0.15295470  -73.89596  0.01380012  -0.41005649 0.91195556  302.35472 0.40104930  -0.83319718 -0.38071201 -15.72932  
65  'point symmetry operation' ?     ?     0.91956348 0.36818822  0.13726058  -75.53316  0.00007291  -0.34947561 0.93694566  295.46445 0.39294151  -0.86157101 -0.32139187 -5.59161   
66  'point symmetry operation' ?     ?     0.92327478 0.36431242  0.12182009  -76.98081  -0.01304270 -0.28721138 0.95777845  287.90321 0.38391869  -0.88588156 -0.26042341 4.08606    
67  'point symmetry operation' ?     ?     0.92706953 0.35938348  0.10670342  -78.23469  -0.02548718 -0.22354730 0.97435998  279.70521 0.37402207  -0.90601903 -0.19808423 13.25928   
68  'point symmetry operation' ?     ?     0.93093035 0.35342388  0.09197980  -79.29138  -0.03720349 -0.15877472 0.98661396  270.90758 0.36329688  -0.92189086 -0.13465963 21.88554   
69  'point symmetry operation' ?     ?     0.93483964 0.34646059  0.07771648  -80.14834  -0.04813805 -0.09318892 0.99448361  261.55001 0.35179187  -0.93342380 -0.07043872 29.92489   
70  'point symmetry operation' ?     ?     0.93877945 0.33852597  0.06397869  -80.80406  -0.05824101 -0.02709105 0.99793467  251.67532 0.33956015  -0.94056674 -0.00571641 37.34024   
71  'point symmetry operation' ?     ?     0.94273184 0.32965596  0.05082918  -81.25783  -0.06746613 0.03921773  0.99695031  241.32805 0.32665728  -0.94328604 0.05921243  44.09714   
72  'point symmetry operation' ?     ?     0.94667873 0.31989110  0.03832804  -81.50992  -0.07577125 0.10543430  0.99153511  230.55520 0.31314226  -0.94156935 0.12405097  50.16424   
73  'point symmetry operation' ?     ?     0.95060211 0.30927602  0.02653230  -81.56150  -0.08311853 0.17125651  0.98171402  219.40560 0.29907679  -0.93542474 0.18850337  55.51343   
74  'point symmetry operation' ?     ?     0.95448398 0.29785927  0.01549619  -81.41466  -0.08947407 0.23638224  0.96753136  207.93003 0.28452534  -0.92487967 0.25227378  60.11955   
75  'point symmetry operation' ?     ?     0.95830668 0.28569300  0.00526978  -81.07241  -0.09480918 0.30051522  0.94905266  196.18046 0.26955423  -0.90998310 0.31507210  63.96132   
76  'point symmetry operation' ?     ?     0.96205266 0.27283306  -0.00410002 -80.53869  -0.09909940 0.36336117  0.92636280  184.21048 0.25423217  -0.89080349 0.37661017  67.02067   
77  'point symmetry operation' ?     ?     0.96570491 0.25933766  -0.01257051 -79.81819  -0.10232503 0.42463462  0.89956387  172.07404 0.23862864  -0.86742697 0.43660847  69.28305   
78  'point symmetry operation' ?     ?     0.96924665 0.24526884  -0.02010280 -78.91656  -0.10447130 0.48405404  0.86877920  159.82658 0.22281534  -0.83996116 0.49479131  70.73763   
79  'point symmetry operation' ?     ?     0.97266168 0.23069110  -0.02666254 -77.84030  -0.10552854 0.54134769  0.83415028  147.52386 0.20686470  -0.80853236 0.55089263  71.37740   
80  'point symmetry operation' ?     ?     0.97593445 0.21567062  -0.03221972 -76.59659  -0.10549173 0.59625463  0.79583384  135.22148 0.19084921  -0.77328273 0.60465692  71.19880   
81  'point symmetry operation' ?     ?     0.97905005 0.20027609  -0.03674919 -75.19348  -0.10436129 0.64852473  0.75400569  122.97527 0.17484203  -0.73437412 0.65583923  70.20236   
82  'point symmetry operation' ?     ?     0.98199409 0.18457816  -0.04022976 -73.63970  -0.10214203 0.69791665  0.70885693  110.84125 0.15891677  -0.69198413 0.70420326  68.39191   
83  'point symmetry operation' ?     ?     0.98475325 0.16864848  -0.04264605 -71.94472  -0.09884454 0.74420674  0.66059467  98.87429  0.14314591  -0.64630740 0.74953001  65.77557   
84  'point symmetry operation' ?     ?     0.98731489 0.15255964  -0.04398677 -70.11857  -0.09448361 0.78718311  0.60943830  87.12869  0.12760144  -0.59755146 0.79161201  62.36460   
85  'point symmetry operation' ?     ?     0.98966731 0.13638529  -0.04424595 -68.17196  -0.08907933 0.82664956  0.55562229  75.65784  0.11235445  -0.54593984 0.83025713  58.17424   
86  'point symmetry operation' ?     ?     0.99179971 0.12019943  -0.04342213 -66.11610  -0.08265621 0.86242461  0.49939235  64.51396  0.09747480  -0.49170811 0.86528767  53.22302   
87  'point symmetry operation' ?     ?     0.99370238 0.10407593  -0.04151920 -63.96271  -0.07524364 0.89434543  0.44100531  53.74755  0.08303035  -0.43510400 0.89654419  47.53313   
88  'point symmetry operation' ?     ?     0.99536660 0.08808856  -0.03854583 -61.72397  -0.06687552 0.92226584  0.38072822  43.40753  0.06908718  -0.37638640 0.92388356  41.13010   
89  'point symmetry operation' ?     ?     0.99678477 0.07231011  -0.03451544 -59.41240  -0.05758986 0.94605833  0.31883535  33.54071  0.05570885  -0.31582245 0.94718090  34.04253   
90  'point symmetry operation' ?     ?     0.99795045 0.05681311  -0.02944699 -57.04100  -0.04742971 0.96561498  0.25561208  24.19197  0.04295669  -0.25369152 0.96633056  26.30282   
91  'point symmetry operation' ?     ?     0.99885834 0.04166793  -0.02336335 -54.62284  -0.03644110 0.98084653  0.19134522  15.40347  0.03088865  -0.19027540 0.98124513  17.94555   
92  'point symmetry operation' ?     ?     0.99950416 0.02694432  -0.01629211 -52.17137  -0.02467423 0.99168136  0.12632979  7.21548   0.01956046  -0.12586515 0.99185448  9.00842    
93  'point symmetry operation' ?     ?     0.99988504 0.01270901  -0.00826563 -49.70004  -0.01218272 0.99807141  0.06086115  -0.33530  0.00902336  -0.06075343 0.99811155  -0.46833   
94  'point symmetry operation' ?     ?     0.99999930 -0.00097274 0.00067906  -47.22254  0.00097595  0.99998823  -0.00476008 -7.21468  -0.00067444 0.00476074  0.99998847  -10.44155  
95  'point symmetry operation' ?     ?     0.99984634 -0.01403823 0.01050126  -44.75254  0.01474175  0.99742201  -0.07023379 -13.39135 -0.00948838 0.07037778  0.99747566  -20.86623  
96  'point symmetry operation' ?     ?     0.99942680 -0.02642777 0.02115636  -42.30361  0.02905202  0.99038353  -0.13526143 -18.83736 -0.01737810 0.13579855  0.99058366  -31.69540  
97  'point symmetry operation' ?     ?     0.99874274 -0.03808506 0.03259527  -39.88929  0.04384113  0.97890715  -0.19954605 -23.52850 -0.02430799 0.20072419  0.97934611  -42.87985  
98  'point symmetry operation' ?     ?     0.99779720 -0.04895649 0.04476589  -37.52295  0.05904152  0.96304386  -0.26279315 -27.44337 -0.03024601 0.26485733  0.96381294  -54.36900  
99  'point symmetry operation' ?     ?     0.99659450 -0.05899258 0.05761273  -35.21771  0.07458393  0.94286625  -0.32471462 -30.56451 -0.03516517 0.32790581  0.94405525  -66.11095  
100 'point symmetry operation' ?     ?     0.99514019 -0.06814747 0.07107677  -32.98647  0.09039703  0.91846752  -0.38502682 -32.87808 -0.03904308 0.38958080  0.92016428  -78.05230  
101 'point symmetry operation' ?     ?     0.99344084 -0.07637914 0.08509686  -30.84173  0.10640885  0.88995754  -0.44345433 -34.37361 -0.04186174 0.44960072  0.89224762  -90.13918  
102 'point symmetry operation' ?     ?     0.99150432 -0.08365025 0.09960847  -28.79564  0.12254589  0.85746874  -0.49973013 -35.04492 -0.04360867 0.50769118  0.86043494  -102.31658 
103 'point symmetry operation' ?     ?     0.98933935 -0.08992733 0.11454580  -26.85986  0.13873481  0.82114729  -0.55359728 -34.88895 -0.04427548 0.56358706  0.82486937  -114.52962 
104 'point symmetry operation' ?     ?     0.98695593 -0.09518182 0.12984017  -25.04559  0.15490126  0.78116092  -0.60480916 -33.90697 -0.04385941 0.61703237  0.78571515  -126.72271 
105 'point symmetry operation' ?     ?     0.98436488 -0.09938942 0.14542184  -23.36348  0.17097143  0.73769112  -0.65313117 -32.10353 -0.04236202 0.66778237  0.74315000  -138.84064 
106 'point symmetry operation' ?     ?     0.98157807 -0.10253145 0.16121984  -21.82345  0.18687227  0.69093703  -0.69834472 -29.48753 -0.03979058 0.71560736  0.69736890  -150.82882 
107 'point symmetry operation' ?     ?     0.97860824 -0.10459297 0.17716153  -20.43499  0.20253051  0.64111250  -0.74024037 -26.07098 -0.03615646 0.76028595  0.64858126  -162.63248 
108 'point symmetry operation' ?     ?     0.97546896 -0.10556494 0.19317434  -19.20670  0.21787499  0.58844512  -0.77862847 -21.87000 -0.03147652 0.80161577  0.59700993  -174.19844 
109 'point symmetry operation' ?     ?     0.97217461 -0.10544293 0.20918492  -18.14654  0.23283543  0.53317619  -0.81333334 -16.90419 -0.02577223 0.83940768  0.54289120  -185.47422 
110 'point symmetry operation' ?     ?     0.96874017 -0.10422726 0.22512037  -17.26168  0.24734361  0.47555686  -0.84419608 -11.19632 -0.01906933 0.87348873  0.48647097  -196.40887 
111 'point symmetry operation' ?     ?     0.96518141 -0.10192367 0.24090753  -16.55852  0.26133301  0.41585198  -0.87107560 -4.77305  -0.01139875 0.90370306  0.42800860  -206.95274 
112 'point symmetry operation' ?     ?     0.96151454 -0.09854263 0.25647455  -16.04257  0.27473993  0.35433329  -0.89384949 2.33608   -0.00279539 0.92991306  0.36777017  -217.05829 
113 'point symmetry operation' ?     ?     0.95775634 -0.09409952 0.27175011  -15.71855  0.28750293  0.29128232  -0.91241305 10.09824  0.00670145  0.95199831  0.30603134  -226.67969 
114 'point symmetry operation' ?     ?     0.95392394 -0.08861449 0.28666451  -15.59029  0.29956371  0.22698649  -0.92668115 18.47777  0.01704855  0.96985764  0.24307357  -235.77347 
115 'point symmetry operation' ?     ?     0.95003494 -0.08211312 0.30114954  -15.66063  0.31086730  0.16174109  -0.93659023 27.43566  0.02819811  0.98341099  0.17918597  -244.29864 
116 'point symmetry operation' ?     ?     0.94610705 -0.07462467 0.31513894  -15.93166  0.32136181  0.09584334  -0.94209329 36.93095  0.04009960  0.99259475  0.11465961  -252.21658 
117 'point symmetry operation' ?     ?     0.94215823 -0.06618365 0.32856900  -16.40440  0.33099961  0.02959440  -0.94316671 46.91977  0.05269841  0.99736849  0.04978937  -259.49179 
118 'point symmetry operation' ?     ?     0.93820655 -0.05682847 0.34137810  -17.07907  0.33973634  -0.03670261 -0.93980442 57.35619  0.06593707  0.99770920  -0.01512794 -266.09129 
119 'point symmetry operation' ?     ?     0.93427007 -0.04660185 0.35350766  -17.95494  0.34753205  -0.10274456 -0.93202166 68.19218  0.07975506  0.99361520  -0.07979551 -271.98537 
120 'point symmetry operation' ?     ?     0.93036674 -0.03555067 0.36490252  -19.03027  0.35435141  -0.16823031 -0.91985498 79.37790  0.09408921  0.98510621  -0.14391843 -277.14778 
121 'point symmetry operation' ?     ?     0.92651440 -0.02372526 0.37551052  -20.30252  0.36016311  -0.23286064 -0.90335932 90.86196  0.10887414  0.97222047  -0.20720376 -281.55532 
122 'point symmetry operation' ?     ?     0.92273065 -0.01117964 0.38528318  -21.76822  0.36494057  -0.29634030 -0.88260987 102.59159 0.12404231  0.95501666  -0.26936235 -285.18831 
123 'point symmetry operation' ?     ?     0.91903285 0.00202859  0.39417568  -23.42297  0.36866192  -0.35837793 -0.85770211 114.51259 0.13952408  0.93357400  -0.33010892 -288.03057 
124 'point symmetry operation' ?     ?     0.91543784 0.01583921  0.40214755  -25.26154  0.37131025  -0.41869101 -0.82874968 126.57033 0.15524892  0.90799034  -0.38916683 -290.06969 
125 'point symmetry operation' ?     ?     0.91196206 0.03018901  0.40916243  -27.27784  0.37287358  -0.47700389 -0.79588546 138.70931 0.17114487  0.87838317  -0.44626617 -291.29690 
126 'point symmetry operation' ?     ?     0.90862140 0.04501277  0.41518791  -29.46508  0.37334429  -0.53304974 -0.75925759 150.87387 0.18713951  0.84488573  -0.50114566 -291.70671 
127 'point symmetry operation' ?     ?     0.90543113 0.06024239  0.42019674  -31.81551  0.37272061  -0.58657253 -0.71903527 163.00793 0.20315952  0.80765292  -0.55355460 -291.29803 
128 'point symmetry operation' ?     ?     0.90240582 0.07580840  0.42416602  -34.32073  0.37100536  -0.63732801 -0.67540193 175.05580 0.21913180  0.76685450  -0.60325381 -290.07317 
129 'point symmetry operation' ?     ?     0.89955924 0.09163968  0.42707774  -36.97164  0.36820648  -0.68508465 -0.62855711 186.96214 0.23498343  0.72267712  -0.65001660 -288.03828 
130 'point symmetry operation' ?     ?     0.89690452 0.10766396  0.42891810  -39.75849  0.36433629  -0.72962272 -0.57871363 198.67209 0.25064185  0.67532131  -0.69362780 -285.20279 
131 'point symmetry operation' ?     ?     0.89445374 0.12380765  0.42967909  -42.67079  0.35941295  -0.77073917 -0.52610132 210.13169 0.26603530  0.62500555  -0.73388857 -281.58048 
132 'point symmetry operation' ?     ?     0.89221802 0.13999745  0.42935732  -45.69763  0.35345890  -0.80824760 -0.47095922 221.28861 0.28109394  0.57195847  -0.77061642 -277.18834 
133 'point symmetry operation' ?     ?     0.89020771 0.15615904  0.42795387  -48.82749  0.34650109  -0.84197439 -0.41353962 232.09116 0.29574847  0.51642267  -0.80364132 -272.04673 
134 'point symmetry operation' ?     ?     0.88843187 0.17221862  0.42547570  -52.04836  0.33857180  -0.87176748 -0.35410583 242.48986 0.30993219  0.45865297  -0.83281440 -266.17998 
135 'point symmetry operation' ?     ?     0.88689869 0.18810306  0.42193363  -55.34794  0.32970671  -0.89748953 -0.29292757 252.43687 0.32358034  0.39891141  -0.85800115 -259.61496 
136 'point symmetry operation' ?     ?     0.88561518 0.20373948  0.41734397  -58.71342  0.31994655  -0.91902284 -0.23028564 261.88626 0.33663032  0.33747221  -0.87908634 -252.38233 
137 'point symmetry operation' ?     ?     0.88458719 0.21905651  0.41172775  -62.13176  0.30933594  -0.93626931 -0.16646610 270.79458 0.34902259  0.27461597  -0.89597389 -244.51560 
138 'point symmetry operation' ?     ?     0.88381940 0.23398406  0.40511078  -65.58964  0.29792355  -0.94915044 -0.10176127 279.12078 0.36070049  0.21063062  -0.90858696 -236.05136 
139 'point symmetry operation' ?     ?     0.88331538 0.24845399  0.39752298  -69.07364  0.28576120  -0.95760642 -0.03646587 286.82641 0.37161060  0.14580753  -0.91686696 -227.02849 
140 'point symmetry operation' ?     ?     0.88307734 0.26240044  0.38899922  -72.57019  0.27290456  -0.96159996 0.02912214  293.87619 0.38170340  0.08044257  -0.92077738 -217.48880 
141 'point symmetry operation' ?     ?     0.88310640 0.27575929  0.37957862  -76.06556  0.25941266  -0.96111241 0.09470145  300.23735 0.39093245  0.01483603  -0.92029999 -207.47656 
142 'point symmetry operation' ?     ?     0.88340250 0.28846951  0.36930384  -79.54616  0.24534681  -0.95614477 0.15997322  305.88039 0.39925547  -0.05071321 -0.91543573 -197.03772 
143 'point symmetry operation' ?     ?     0.88396418 0.30047328  0.35822220  -82.99840  0.23077152  -0.94672156 0.22463928  310.77947 0.40663478  -0.11590559 -0.90620862 -186.22067 
144 'point symmetry operation' ?     ?     0.88478892 0.31171558  0.34638419  -86.40885  0.21575332  -0.93288495 0.28840388  314.91171 0.41303646  -0.18044304 -0.89265996 -175.07523 
145 'point symmetry operation' ?     ?     0.88587298 0.32214500  0.33384380  -89.76424  0.20036075  -0.91469774 0.35097574  318.25786 0.41843118  -0.24403074 -0.87485124 -163.65276 
146 'point symmetry operation' ?     ?     0.88721140 0.33171393  0.32065839  -93.05158  0.18466418  -0.89224330 0.41206901  320.80232 0.42279436  -0.30637820 -0.85286410 -152.00596 
147 'point symmetry operation' ?     ?     0.88879802 0.34037863  0.30688832  -96.25816  0.16873546  -0.86562463 0.47140419  322.53318 0.42610609  -0.36720016 -0.82679939 -140.18860 
148 'point symmetry operation' ?     ?     0.89062561 0.34809950  0.29259654  -99.37166  0.15264738  -0.83496338 0.52871009  323.44218 0.42835122  -0.42621863 -0.79677623 -128.25518 
149 'point symmetry operation' ?     ?     0.89268580 0.35484145  0.27784825  -102.38023 0.13647331  -0.80039983 0.58372572  323.52496 0.42951966  -0.48316480 -0.76293197 -116.26059 
150 'point symmetry operation' ?     ?     0.89496923 0.36057327  0.26271085  -105.27238 0.12028729  -0.76209092 0.63619832  322.78052 0.42960568  -0.53777714 -0.72542030 -104.26021 
151 'point symmetry operation' ?     ?     0.89746538 0.36526921  0.24725365  -108.03728 0.10416327  -0.72021324 0.68588928  321.21228 0.42860936  -0.58980717 -0.68441413 -92.30935  
152 'point symmetry operation' ?     ?     0.90016296 0.36890724  0.23154709  -110.66456 0.08817493  -0.67495612 0.73257004  318.82660 0.42653463  -0.63901576 -0.64009885 -80.46311  
153 'point symmetry operation' ?     ?     0.90304953 0.37147137  0.21566311  -113.14463 0.07239529  -0.62652849 0.77602908  315.63458 0.42339164  -0.68517971 -0.59267904 -68.77605  
154 'point symmetry operation' ?     ?     0.90611198 0.37294949  0.19967412  -115.46844 0.05689641  -0.57515010 0.81606683  311.65012 0.41919432  -0.72808719 -0.54236988 -57.30202  
155 'point symmetry operation' ?     ?     0.90933627 0.37333500  0.18365328  -117.62771 0.04174916  -0.52105638 0.85250065  306.89124 0.41396202  -0.76754240 -0.48940190 -46.09398  
156 'point symmetry operation' ?     ?     0.91270763 0.37262600  0.16767416  -119.61486 0.02702315  -0.46449552 0.88516281  301.37938 0.40771866  -0.80336376 -0.43401811 -35.20390  
157 'point symmetry operation' ?     ?     0.91621072 0.37082599  0.15180919  -121.42324 0.01278503  -0.40572452 0.91390622  295.13939 0.40049281  -0.83538980 -0.37647019 -24.68153  
158 'point symmetry operation' ?     ?     0.91982952 0.36794285  0.13613118  -123.04682 -0.00089974 -0.34501219 0.93859767  288.19930 0.39231725  -0.86347232 -0.31702133 -14.57576  
159 'point symmetry operation' ?     ?     0.92354750 0.36399002  0.12071162  -124.48057 -0.01396885 -0.28263613 0.95912557  280.59064 0.38322957  -0.88748423 -0.25594337 -4.93306   
160 'point symmetry operation' ?     ?     0.92734762 0.35898542  0.10562123  -125.72023 -0.02636229 -0.21888180 0.97539504  272.34781 0.37327122  -0.90731468 -0.19351582 4.20181    
161 'point symmetry operation' ?     ?     0.93121259 0.35295196  0.09092862  -126.76251 -0.03802376 -0.15403957 0.98733269  263.50810 0.36248765  -0.92287408 -0.13002302 12.78688   
162 'point symmetry operation' ?     ?     0.93512469 0.34591731  0.07670115  -127.60496 -0.04889980 -0.08840668 0.99488374  254.11168 0.35092828  -0.93409103 -0.06575601 20.78232   
163 'point symmetry operation' ?     ?     0.93906602 0.33791347  0.06300401  -128.24602 -0.05894051 -0.02228331 0.99801290  244.20113 0.33864589  -0.94091351 -0.00100872 28.15095   
164 'point symmetry operation' ?     ?     0.94301864 0.32897698  0.04989953  -128.68512 -0.06810022 0.04402940  0.99670629  233.82128 0.32569645  -0.94331077 0.06392396  34.85881   
165 'point symmetry operation' ?     ?     0.94696442 0.31914893  0.03744771  -128.92261 -0.07633706 0.11022732  0.99097043  223.01946 0.31213943  -0.94127239 0.12874425  40.87473   
166 'point symmetry operation' ?     ?     0.95088535 0.30847413  0.02570544  -128.95972 -0.08361337 0.17600834  0.98083125  211.84462 0.29803668  -0.93480739 0.19315631  46.17074   
167 'point symmetry operation' ?     ?     0.95476353 0.29700127  0.01472631  -128.79861 -0.08989594 0.24107227  0.96633496  200.34741 0.28345253  -0.92394523 0.25686620  50.72218   
168 'point symmetry operation' ?     ?     0.95858126 0.28478263  0.00456055  -128.44231 -0.09515592 0.30512187  0.94754712  188.57996 0.26845352  -0.90873486 0.31958287  54.50770   
169 'point symmetry operation' ?     ?     0.96232104 0.27187451  -0.00474550 -127.89487 -0.09936959 0.36786383  0.92455548  176.59598 0.25310858  -0.88924766 0.38101913  57.50972   
170 'point symmetry operation' ?     ?     0.96596575 0.25833560  -0.01314892 -127.16103 -0.10251718 0.42901074  0.89746317  164.44985 0.23748769  -0.86557069 0.44089351  59.71370   
171 'point symmetry operation' ?     ?     0.96949884 0.24422761  -0.02061172 -126.24649 -0.10458466 0.48828497  0.86639436  152.19647 0.22166195  -0.83781264 0.49893420  61.10932   
172 'point symmetry operation' ?     ?     0.97290410 0.22961542  -0.02709983 -125.15784 -0.10556274 0.54541480  0.83149251  139.89181 0.20570403  -0.80610176 0.55487510  61.68987   
173 'point symmetry operation' ?     ?     0.97616600 0.21456542  -0.03258336 -123.90229 -0.10544662 0.60013928  0.79291529  127.59155 0.18968660  -0.77058116 0.60846072  61.45195   
174 'point symmetry operation' ?     ?     0.97926955 0.19914662  -0.03703713 -122.48793 -0.10423677 0.65220729  0.75083953  115.35178 0.17368311  -0.73141365 0.65944516  60.39614   
175 'point symmetry operation' ?     ?     0.98220067 0.18342943  -0.04044118 -120.92360 -0.10193907 0.70138242  0.70545813  103.22794 0.15776650  -0.68877891 0.70759691  58.52705   
176 'point symmetry operation' ?     ?     0.98494591 0.16748572  -0.04277974 -119.21876 -0.09856385 0.74743904  0.65697824  91.27522  0.14200965  -0.64287151 0.75269505  55.85262   
177 'point symmetry operation' ?     ?     0.98749276 0.15138805  -0.04404205 -117.38347 -0.09412636 0.79016722  0.60562018  79.54770  0.12648428  -0.59390002 0.79453402  52.38445   
178 'point symmetry operation' ?     ?     0.98982951 0.13521044  -0.04422240 -115.42854 -0.08864709 0.82937077  0.55162036  68.09895  0.11126176  -0.54208991 0.83292171  48.13808   
179 'point symmetry operation' ?     ?     0.99194560 0.11902658  -0.04332027 -113.36521 -0.08215126 0.86487214  0.49522535  56.98069  0.09641132  -0.48767781 0.86768426  43.13258   
180 'point symmetry operation' ?     ?     0.99383119 0.10291059  -0.04133914 -111.20521 -0.07466804 0.89650651  0.43669203  46.24373  0.08200120  -0.43091143 0.89866030  37.38994   
181 'point symmetry operation' ?     ?     0.99547787 0.08693576  -0.03828878 -108.96076 -0.06623216 0.92413263  0.37628828  35.93631  0.06809668  -0.37205073 0.92571150  30.93635   
182 'point symmetry operation' ?     ?     0.99687791 0.07117557  -0.03418251 -106.64446 -0.05688176 0.94762102  0.31429038  26.10574  0.05476195  -0.31136476 0.94871107  23.80050   
183 'point symmetry operation' ?     ?     0.99802506 0.05570153  -0.02903945 -104.26918 -0.04665972 0.96686670  0.25098070  16.79615  0.04205735  -0.24913005 0.96755623  16.01465   
184 'point symmetry operation' ?     ?     0.99891401 0.04058483  -0.02288302 -101.84817 -0.03561285 0.98178041  0.18664994  8.05009   0.03004140  -0.18563229 0.98215958  7.61395    
185 'point symmetry operation' ?     ?     0.99954076 0.02589413  -0.01574151 -99.39477  -0.02379162 0.99229545  0.12159104  -0.09313  0.01876859  -0.12116071 0.99245579  -1.36367   
186 'point symmetry operation' ?     ?     0.99990235 0.01169703  -0.00764730 -96.92259  -0.01124997 0.99836178  0.05610233  -7.59622  0.00829095  -0.05601083 0.99839587  -10.87773  
187 'point symmetry operation' ?     ?     0.99999719 -0.00194207 0.00136261  -94.44516  0.00195492  0.99995291  -0.00951853 -14.42558 -0.00134411 0.00952116  0.99995389  -20.88534  
188 'point symmetry operation' ?     ?     0.99982482 -0.01496054 0.01124700  -91.97620  0.01576257  0.99706101  -0.07497053 -20.55011 -0.01009228 0.07513469  0.99712217  -31.34112  
189 'point symmetry operation' ?     ?     0.99938605 -0.02729889 0.02196053  -89.52933  0.03010973  0.98969980  -0.13995422 -25.94223 -0.01791363 0.14052954  0.98991415  -42.19768  
190 'point symmetry operation' ?     ?     0.99868287 -0.03890089 0.03345446  -87.11803  0.04493109  0.97790263  -0.20417362 -30.57766 -0.02477251 0.20540786  0.97836250  -53.40605  
191 'point symmetry operation' ?     ?     0.99771856 -0.04971347 0.04567590  -84.75569  0.06015856  0.96172445  -0.26733429 -34.43562 -0.03063764 0.26947217  0.96252100  -64.91524  
192 'point symmetry operation' ?     ?     0.99649738 -0.05968701 0.05856957  -82.45540  0.07572300  0.94123686  -0.32914813 -37.49850 -0.03548183 0.33243033  0.94245977  -76.67345  
193 'point symmetry operation' ?     ?     0.99502506 -0.06877624 0.07207600  -80.23002  0.09155290  0.91653599  -0.38933254 -39.75302 -0.03928341 0.39399440  0.91827295  -88.62714  
194 'point symmetry operation' ?     ?     0.99330822 -0.07693949 0.08613397  -78.09203  0.10757634  0.88773270  -0.44761310 -41.18895 -0.04202472 0.45388377  0.89006908  -100.72248 
195 'point symmetry operation' ?     ?     0.99135480 -0.08413955 0.10067880  -76.05354  0.12371970  0.85496040  -0.50372282 -41.80027 -0.04369348 0.51182398  0.85797880  -112.90437 
196 'point symmetry operation' ?     ?     0.98917364 -0.09034320 0.11564427  -74.12624  0.13990934  0.81836721  -0.55740482 -41.58421 -0.04428167 0.56754988  0.82214715  -125.11773 
197 'point symmetry operation' ?     ?     0.98677478 -0.09552244 0.13096178  -72.32123  0.15607121  0.77812187  -0.60841443 -40.54240 -0.04378699 0.62080739  0.78273934  -137.30716 
198 'point symmetry operation' ?     ?     0.98416912 -0.09965349 0.14656170  -70.64906  0.17213175  0.73440683  -0.65651903 -38.67976 -0.04221149 0.67135368  0.73993405  -149.41767 
199 'point symmetry operation' ?     ?     0.98136862 -0.10271752 0.16237237  -69.11974  0.18801724  0.68742319  -0.70149814 -36.00525 -0.03956254 0.71895705  0.69392818  -161.39414 
200 'point symmetry operation' ?     ?     0.97838605 -0.10470041 0.17832172  -67.74259  0.20365521  0.63738481  -0.74314621 -32.53131 -0.03585207 0.76340000  0.64493114  -173.18241 
201 'point symmetry operation' ?     ?     0.97523501 -0.10559304 0.19433685  -66.52625  0.21897415  0.58452025  -0.78127264 -28.27410 -0.03109698 0.80447917  0.59316674  -184.72906 
202 'point symmetry operation' ?     ?     0.97192997 -0.10539153 0.21034449  -65.47857  0.23390408  0.52907181  -0.81570372 -23.25356 -0.02531921 0.84200730  0.53887223  -195.98180 
203 'point symmetry operation' ?     ?     0.96848599 -0.10409664 0.22627148  -64.60672  0.24837668  0.47129258  -0.84628156 -17.49288 -0.01854503 0.87581239  0.48229543  -206.88964 
204 'point symmetry operation' ?     ?     0.96491882 -0.10171440 0.24204515  -63.91696  0.26232597  0.41144644  -0.87286702 -11.01874 -0.01080546 0.90574054  0.42369474  -217.40331 
205 'point symmetry operation' ?     ?     0.96124476 -0.09825572 0.25759338  -63.41479  0.27568819  0.34980709  -0.89533868 -3.86110  -0.00213590 0.93165505  0.36333816  -227.47524 
206 'point symmetry operation' ?     ?     0.95748053 -0.09373627 0.27284534  -63.10484  0.28840241  0.28665508  -0.91359376 3.94719   0.00742424  0.95343747  0.30150039  -237.05998 
207 'point symmetry operation' ?     ?     0.95364351 -0.08817691 0.28773069  -62.99087  0.30041002  0.22228175  -0.92754822 12.36974  0.01783084  0.97098749  0.23846674  -246.11381 
208 'point symmetry operation' ?     ?     0.94975106 -0.08160270 0.30218198  -63.07574  0.31165656  0.15697847  -0.93713839 21.36816  0.02903688  0.98422516  0.17452247  -254.59617 
209 'point symmetry operation' ?     ?     0.94582107 -0.07404409 0.31613293  -63.36135  0.32209055  0.09104540  -0.94232122 30.90065  0.04099069  0.99309067  0.10996153  -262.46869 
210 'point symmetry operation' ?     ?     0.94187143 -0.06553526 0.32951989  -63.84877  0.33166428  0.02478273  -0.94307212 40.92359  0.05363800  0.99754265  0.04507784  -269.69585 
211 'point symmetry operation' ?     ?     0.93792022 -0.05611521 0.34228166  -64.53810  0.34033401  -0.04150643 -0.93938789 51.39076  0.06692091  0.99756100  -0.01983179 -276.24511 
212 'point symmetry operation' ?     ?     0.93398555 -0.04582721 0.35435972  -65.42850  0.34806003  -0.10751797 -0.93128578 62.25378  0.08077844  0.99314594  -0.08446958 -282.08696 
213 'point symmetry operation' ?     ?     0.93008532 -0.03471817 0.36569926  -66.51820  0.35480735  -0.17295172 -0.91880326 73.46286  0.09514749  0.98431820  -0.14854159 -287.19540 
214 'point symmetry operation' ?     ?     0.92623736 -0.02283866 0.37624825  -67.80461  0.36054486  -0.23750849 -0.90199624 84.96653  0.10996252  0.97111699  -0.21175488 -291.54737 
215 'point symmetry operation' ?     ?     0.92245928 -0.01024306 0.38595849  -69.28418  0.36524638  -0.30089299 -0.88094186 96.71181  0.12515573  0.95360293  -0.27382029 -295.12349 
216 'point symmetry operation' ?     ?     0.91876838 0.00301094  0.39478549  -70.95245  0.36889037  -0.36281486 -0.85573652 108.64458 0.14065752  0.93185623  -0.33445352 -297.90785 
217 'point symmetry operation' ?     ?     0.91518144 0.01686287  0.40268924  -72.80412  0.37146046  -0.42299257 -0.82649581 120.71016 0.15639728  0.90597673  -0.39337888 -299.88840 
218 'point symmetry operation' ?     ?     0.91171496 0.03124938  0.40963320  -74.83309  0.37294451  -0.48114947 -0.79335261 132.85289 0.17230287  0.87608187  -0.45032548 -301.05629 
219 'point symmetry operation' ?     ?     0.90838471 0.04610492  0.41558576  -77.03245  0.37333578  -0.53702071 -0.75645793 145.01713 0.18830184  0.84230786  -0.50503400 -301.40669 
220 'point symmetry operation' ?     ?     0.90520590 0.06136133  0.42051998  -79.39439  0.37263284  -0.59035124 -0.71598190 157.14686 0.20432091  0.80481060  -0.55725467 -300.93874 
221 'point symmetry operation' ?     ?     0.90219310 0.07694894  0.42441313  -81.91049  0.37083871  -0.64089678 -0.67210892 169.18629 0.22028685  0.76376083  -0.60674832 -299.65490 
222 'point symmetry operation' ?     ?     0.89936003 0.09279678  0.42724736  -84.57162  0.36796144  -0.68842682 -0.62503852 181.08024 0.23612693  0.71934521  -0.65328921 -297.56143 
223 'point symmetry operation' ?     ?     0.89671969 0.10883202  0.42900983  -87.36789  0.36401443  -0.73272357 -0.57498735 192.77377 0.25176843  0.67176822  -0.69666412 -294.66853 
224 'point symmetry operation' ?     ?     0.89428412 0.12498162  0.42969243  -90.28888  0.35901558  -0.77358497 -0.52218324 204.21326 0.26714006  0.62124642  -0.73667515 -290.98981 
225 'point symmetry operation' ?     ?     0.89206448 0.14117176  0.42929188  -93.32359  0.35298758  -0.81082363 -0.46686723 215.34603 0.28217149  0.56801036  -0.77313884 -286.54245 
226 'point symmetry operation' ?     ?     0.89007083 0.15732856  0.42781033  -96.46047  0.34595825  -0.84427084 -0.40929242 226.12107 0.29679428  0.51230374  -0.80588999 -281.34746 
227 'point symmetry operation' ?     ?     0.88831236 0.17337798  0.42525437  -99.68750  0.33795962  -0.87377258 -0.34972219 236.48860 0.31094132  0.45438133  -0.83477777 -275.42895 
228 'point symmetry operation' ?     ?     0.88679712 0.18924675  0.42163548  -102.99229 0.32902801  -0.89919348 -0.28842814 246.40088 0.32454796  0.39450715  -0.85966964 -268.81432 
229 'point symmetry operation' ?     ?     0.88553198 0.20486219  0.41697069  -106.36201 0.31920478  -0.92041877 -0.22569195 255.81235 0.33755205  0.33295650  -0.88045321 -261.53464 
230 'point symmetry operation' ?     ?     0.88452270 0.22015347  0.41128094  -109.78369 0.30853426  -0.93735132 -0.16179773 264.67991 0.34989452  0.27000804  -0.89703338 -253.62326 
231 'point symmetry operation' ?     ?     0.88377391 0.23505023  0.40459251  -113.24395 0.29706566  -0.94991364 -0.09703971 272.96245 0.36151861  0.20595169  -0.90933427 -245.11713 
232 'point symmetry operation' ?     ?     0.88328912 0.24948427  0.39693565  -116.72929 0.28485112  -0.95804688 -0.03171354 280.62160 0.37237098  0.14107980  -0.91729825 -236.05541 
233 'point symmetry operation' ?     ?     0.88307044 0.26339018  0.38834549  -120.22621 0.27194640  -0.96171571 0.03388384  287.62248 0.38240261  0.07568734  -0.92089073 -226.47995 
234 'point symmetry operation' ?     ?     0.88311891 0.27670400  0.37886132  -123.72098 0.25841066  -0.96090249 0.09945114  293.93246 0.39156727  0.01007461  -0.92009443 -216.43510 
235 'point symmetry operation' ?     ?     0.88343431 0.28936488  0.36852653  -127.19995 0.24430580  -0.95561112 0.16468865  299.52241 0.39982311  -0.05545844 -0.91491318 -205.96729 
236 'point symmetry operation' ?     ?     0.88401522 0.30131508  0.35738811  -130.64961 0.22969601  -0.94586517 0.22929911  304.36644 0.40713239  -0.12061326 -0.90537005 -195.12464 
237 'point symmetry operation' ?     ?     0.88485891 0.31250012  0.34549732  -134.05651 0.21464834  -0.93171073 0.29298692  308.44228 0.41346198  -0.18509166 -0.89151018 -183.95738 
238 'point symmetry operation' ?     ?     0.88596162 0.32286857  0.33290815  -137.40738 0.19923135  -0.91321059 0.35546077  311.73067 0.41878254  -0.24859884 -0.87339504 -172.51686 
239 'point symmetry operation' ?     ?     0.88731822 0.33237343  0.31967839  -140.68929 0.18351560  -0.89045106 0.41643587  314.21658 0.42307020  -0.31084517 -0.85110916 -160.85593 
240 'point symmetry operation' ?     ?     0.88892257 0.34097096  0.30586841  -143.88952 0.16757293  -0.86353516 0.47563273  315.88810 0.42630505  -0.37154541 -0.82475340 -149.02836 
241 'point symmetry operation' ?     ?     0.89076734 0.34862209  0.29154108  -146.99585 0.15147589  -0.83258551 0.53278211  316.73730 0.42847242  -0.43042347 -0.79444784 -137.08847 
242 'point symmetry operation' ?     ?     0.89284408 0.35529160  0.27676226  -149.99633 0.13529850  -0.79774434 0.58762115  316.75995 0.42956232  -0.48720856 -0.76033174 -125.09162 
243 'point symmetry operation' ?     ?     0.89514330 0.36094916  0.26159932  -152.87961 0.11911447  -0.75917057 0.63990006  315.95563 0.42956983  -0.54164199 -0.72256073 -113.09296 
244 'point symmetry operation' ?     ?     0.89765448 0.36556879  0.24612170  -155.63483 0.10299795  -0.71704078 0.68937924  314.32767 0.42849487  -0.59347432 -0.68130769 -101.14795 
245 'point symmetry operation' ?     ?     0.90036615 0.36912967  0.23039987  -158.25179 0.08702224  -0.67154724 0.73583410  311.88330 0.42634252  -0.64247022 -0.63676091 -89.31137  
246 'point symmetry operation' ?     ?     0.90326599 0.37161516  0.21450566  -160.72080 0.07126047  -0.62289693 0.77905114  308.63308 0.42312227  -0.68840460 -0.58912306 -77.63790  
247 'point symmetry operation' ?     ?     0.90634060 0.37301440  0.19851204  -163.03296 0.05578480  -0.57131450 0.81883381  304.59199 0.41884941  -0.73106841 -0.53861410 -66.18145  
248 'point symmetry operation' ?     ?     0.90957607 0.37332032  0.18249191  -165.17995 0.04066600  -0.51703341 0.85499847  299.77764 0.41354279  -0.77026492 -0.48546265 -54.99490  
249 'point symmetry operation' ?     ?     0.91295754 0.37253216  0.16651835  -167.15440 0.02597284  -0.46030284 0.88738226  294.21210 0.40722719  -0.80581739 -0.42991269 -44.12959  
250 'point symmetry operation' ?     ?     0.91646963 0.37065295  0.15066440  -168.94953 0.01177269  -0.40138078 0.91583520  287.92010 0.39993096  -0.83756140 -0.37221685 -33.63584  
251 'point symmetry operation' ?     ?     0.92009615 0.36769197  0.13500275  -170.55954 -0.00186957 -0.34053896 0.94022903  280.93059 0.39168818  -0.86535353 -0.31264120 -23.56205  
252 'point symmetry operation' ?     ?     0.92382067 0.36366199  0.11960478  -171.97931 -0.01489150 -0.27805303 0.96045015  273.27463 0.38253573  -0.88906479 -0.25145565 -13.95482  
253 'point symmetry operation' ?     ?     0.92762606 0.35858198  0.10454105  -173.20475 -0.02723364 -0.21421041 0.97640763  264.98729 0.37251603  -0.90858818 -0.18894165 -4.85849   
254 'point symmetry operation' ?     ?     0.93149507 0.35247494  0.08987983  -174.23262 -0.03884000 -0.14930050 0.98802900  256.10579 0.36167447  -0.92383508 -0.12538257 3.68520    
255 'point symmetry operation' ?     ?     0.93540986 0.34536879  0.07568889  -175.06046 -0.04965685 -0.08362248 0.99525955  246.67064 0.35006086  -0.93473406 -0.06107137 11.63621   
256 'point symmetry operation' ?     ?     0.93935265 0.33729587  0.06203259  -175.68687 -0.05963517 -0.01747458 0.99806685  236.72438 0.33772799  -0.94123604 0.00369993  18.95804   
257 'point symmetry operation' ?     ?     0.94330533 0.32829351  0.04897357  -176.11135 -0.06872928 0.04883910  0.99643903  226.31250 0.32473270  -0.94331216 0.06863357  25.61670   
258 'point symmetry operation' ?     ?     0.94724994 0.31840240  0.03657127  -176.33425 -0.07689771 0.11501741  0.99038255  215.48188 0.31113388  -0.94095205 0.13343465  31.58134   
259 'point symmetry operation' ?     ?     0.95116835 0.30766801  0.02488267  -176.35689 -0.08410292 0.18075624  0.97992531  204.28194 0.29699402  -0.93416664 0.19780541  36.82407   
260 'point symmetry operation' ?     ?     0.95504279 0.29613917  0.01396070  -176.18151 -0.09031237 0.24575739  0.96511542  192.76324 0.28237738  -0.92298737 0.26145382  41.32075   
261 'point symmetry operation' ?     ?     0.95885543 0.28386862  0.00385585  -175.81120 -0.09549716 0.30972164  0.94601945  180.97831 0.26735099  -0.90746412 0.32408693  45.04994   
262 'point symmetry operation' ?     ?     0.96258884 0.27091273  -0.00538589 -175.25004 -0.09963387 0.37235668  0.92272612  168.98080 0.25198374  -0.88766925 0.38541848  47.99436   
263 'point symmetry operation' ?     ?     0.96622607 0.25733038  -0.01372256 -174.50291 -0.10270376 0.43337802  0.89534136  156.82491 0.23634545  -0.86369282 0.44516991  50.14017   
264 'point symmetry operation' ?     ?     0.96975038 0.24318368  -0.02111562 -173.57551 -0.10469237 0.49250511  0.86398945  144.56603 0.22050778  -0.83564344 0.50306651  51.47678   
265 'point symmetry operation' ?     ?     0.97314577 0.22853731  -0.02753171 -172.47446 -0.10559104 0.54946915  0.82881472  132.25972 0.20454298  -0.80365042 0.55884508  51.99791   
266 'point symmetry operation' ?     ?     0.97639667 0.21345826  -0.03294136 -171.20712 -0.10539553 0.60400921  0.78997775  119.96199 0.18852412  -0.76785978 0.61225012  51.70062   
267 'point symmetry operation' ?     ?     0.97948818 0.19801540  -0.03731956 -169.78158 -0.10410647 0.65587515  0.74765535  107.72876 0.17252446  -0.72843433 0.66303668  50.58559   
268 'point symmetry operation' ?     ?     0.98240626 0.18227939  -0.04064684 -168.20674 -0.10173026 0.70483152  0.70204233  95.61551  0.15661703  -0.68555576 0.71097423  48.65782   
269 'point symmetry operation' ?     ?     0.98513752 0.16632200  -0.04290761 -166.49208 -0.09827738 0.75065368  0.65334582  83.67727  0.14087451  -0.63941863 0.75584279  45.92535   
270 'point symmetry operation' ?     ?     0.98766952 0.15021622  -0.04409173 -164.64778 -0.09376378 0.79313270  0.60178900  71.96827  0.12536884  -0.59023448 0.79743778  42.40032   
271 'point symmetry operation' ?     ?     0.98999060 0.13403556  -0.04419341 -162.68457 -0.08820971 0.83207335  0.54760634  60.54172  0.11017093  -0.53822684 0.83556805  38.09809   
272 'point symmetry operation' ?     ?     0.99209026 0.11785415  -0.04321271 -160.61382 -0.08164112 0.86729906  0.49104728  49.44949  0.09535023  -0.48363530 0.87006068  33.03826   
273 'point symmetry operation' ?     ?     0.99395884 0.10174593  -0.04115384 -158.44730 -0.07408777 0.89864797  0.43236959  38.74201  0.08097453  -0.42670860 0.90075719  27.24328   
274 'point symmetry operation' ?     ?     0.99558779 0.08578425  -0.03802605 -156.19719 -0.06558392 0.92597686  0.37184024  28.46775  0.06710936  -0.36770569 0.92751735  20.73897   
275 'point symmetry operation' ?     ?     0.99696971 0.07004231  -0.03384390 -153.87615 -0.05616880 0.94916114  0.30973730  18.67342  0.05381823  -0.30689771 0.95021914  13.55484   
276 'point symmetry operation' ?     ?     0.99809833 0.05459185  -0.02862665 -151.49713 -0.04588546 0.96809586  0.24634413  9.40327   0.04116162  -0.24456213 0.96875981  5.72329    
277 'point symmetry operation' ?     ?     0.99896839 0.03950367  -0.02239777 -149.07331 -0.03478066 0.98269272  0.18195041  0.69959   0.02919771  -0.18098371 0.98305290  -2.72058   
278 'point symmetry operation' ?     ?     0.99957591 0.02484668  -0.01518568 -146.61808 -0.02290506 0.99288501  0.11685007  -7.39820  0.01798113  -0.11645266 0.99303308  -11.73869  
279 'point symmetry operation' ?     ?     0.99991820 0.01068780  -0.00702374 -144.14504 -0.01031329 0.99862762  0.05134129  -14.85360 0.00756294  -0.05126464 0.99865618  -21.29007  
280 'point symmetry operation' ?     ?     0.99999369 -0.00290819 0.00205079  -141.66781 0.00293710  0.99989406  -0.01427633 -21.63280 -0.00200916 0.01428225  0.99989626  -31.33151  
281 'point symmetry operation' ?     ?     0.99980196 -0.01587938 0.01199689  -139.19999 0.01678607  0.99667745  -0.07970471 -27.70516 -0.01069147 0.07989029  0.99674659  -41.81801  
282 'point symmetry operation' ?     ?     0.99934389 -0.02816601 0.02276877  -136.75527 0.03116986  0.98899252  -0.14464248 -33.04303 -0.01844399 0.14525730  0.98922159  -52.70176  
283 'point symmetry operation' ?     ?     0.99862165 -0.03971246 0.03431725  -134.34708 0.04602293  0.97687556  -0.20879472 -37.62271 -0.02523177 0.21008633  0.97735679  -63.93364  
284 'point symmetry operation' ?     ?     0.99763851 -0.05046585 0.04658957  -131.98876 0.06127742  0.96038150  -0.27186798 -41.42352 -0.03102367 0.27408087  0.96120599  -75.46282  
285 'point symmetry operation' ?     ?     0.99639897 -0.06037690 0.05952954  -129.69347 0.07686343  0.93958588  -0.33357328 -44.42835 -0.03579314 0.33694769  0.94084315  -87.23694  
286 'point symmetry operation' ?     ?     0.99490865 -0.06940028 0.07307822  -127.47401 0.09270994  0.91458287  -0.39362893 -46.62372 -0.03951827 0.39839988  0.91636048  -99.20282  
287 'point symmetry operation' ?     ?     0.99317438 -0.07749485 0.08717362  -125.34284 0.10874446  0.88548726  -0.45176063 -48.00001 -0.04218215 0.45815671  0.88787036  -111.30623 
288 'point symmetry operation' ?     ?     0.99120406 -0.08462345 0.10175138  -123.31206 0.12489373  0.85243145  -0.50770233 -48.55114 -0.04377245 0.51594473  0.85550248  -123.49232 
289 'point symmetry operation' ?     ?     0.98900682 -0.09075376 0.11674446  -121.39327 0.14108364  0.81556850  -0.56119825 -48.27521 -0.04428226 0.57149963  0.81940668  -135.70565 
290 'point symmetry operation' ?     ?     0.98659253 -0.09585774 0.13208512  -119.59751 0.15724093  0.77506418  -0.61200560 -47.17358 -0.04370898 0.62456934  0.77974529  -147.89142 
291 'point symmetry operation' ?     ?     0.98397236 -0.09991190 0.14770248  -117.93541 0.17329096  0.73110586  -0.65988993 -45.25173 -0.04205535 0.67490895  0.73670178  -159.99385 
292 'point symmetry operation' ?     ?     0.98115818 -0.10289774 0.16352570  -116.41685 0.18916091  0.68389268  -0.70463363 -42.51863 -0.03932874 0.72228974  0.69047114  -171.95846 
293 'point symmetry operation' ?     ?     0.97816292 -0.10480194 0.17948238  -115.05105 0.20477827  0.63364142  -0.74603318 -38.98736 -0.03554197 0.76649605  0.64126566  -183.73110 
294 'point symmetry operation' ?     ?     0.97500019 -0.10561517 0.19549950  -113.84669 0.22007136  0.58058067  -0.78389699 -34.67397 -0.03071178 0.80732356  0.58930914  -195.25820 
295 'point symmetry operation' ?     ?     0.97168456 -0.10533421 0.21150367  -112.81156 0.23497030  0.52495467  -0.81805336 -29.59892 -0.02486078 0.84458691  0.53484077  -206.48756 
296 'point symmetry operation' ?     ?     0.96823111 -0.10396025 0.22742201  -111.95270 0.24940719  0.46701652  -0.84834634 -23.78558 -0.01801552 0.87811601  0.47810836  -217.36848 
297 'point symmetry operation' ?     ?     0.96465564 -0.10149961 0.24318180  -111.27635 0.26331610  0.40703109  -0.87463778 -17.26088 -0.01020734 0.90775792  0.41937128  -227.85176 
298 'point symmetry operation' ?     ?     0.96097444 -0.09796324 0.25871092  -110.78800 0.27663328  0.34527205  -0.89680627 -10.05478 -0.00147165 0.93337595  0.35889750  -237.88981 
299 'point symmetry operation' ?     ?     0.95720443 -0.09336758 0.27393823  -110.49219 0.28929780  0.28202293  -0.91475104 -2.20079  0.00815130  0.95485349  0.29696464  -247.43719 
300 'point symmetry operation' ?     ?     0.95336273 -0.08773356 0.28879458  -110.39256 0.30125216  0.21757113  -0.92839087 6.26503   0.01861774  0.97209325  0.23385414  -256.45104 
301 'point symmetry operation' ?     ?     0.94946695 -0.08108698 0.30321188  -110.49191 0.31244159  0.15221193  -0.93766315 15.30359  0.02987973  0.98501616  0.16985512  -264.89051 
302 'point symmetry operation' ?     ?     0.94553491 -0.07345814 0.31712406  -110.79215 0.32281472  0.08624453  -0.94252482 24.87322  0.04188581  0.99356242  0.10526056  -272.71737 
303 'point symmetry operation' ?     ?     0.94158457 -0.06488197 0.33046767  -111.29421 0.33232433  0.01997008  -0.94295421 34.92987  0.05458109  0.99769355  0.04036535  -279.89643 
304 'point symmetry operation' ?     ?     0.93763400 -0.05539746 0.34318152  -111.99819 0.34092665  -0.04630828 -0.93894814 45.42733  0.06790767  0.99738945  -0.02453371 -286.39516 
305 'point symmetry operation' ?     ?     0.93370120 -0.04504840 0.35520803  -112.90307 0.34858305  -0.11228844 -0.93052766 56.31713  0.08180442  0.99265427  -0.08914076 -292.18482 
306 'point symmetry operation' ?     ?     0.92980413 -0.03388145 0.36649192  -114.00718 0.35525799  -0.17766922 -0.91772835 67.54951  0.09620831  0.98350680  -0.15316091 -297.23904 
307 'point symmetry operation' ?     ?     0.92596068 -0.02194809 0.37698152  -115.30776 0.36092105  -0.24215044 -0.90061003 79.07249  0.11105306  0.96999006  -0.21630023 -301.53525 
308 'point symmetry operation' ?     ?     0.92218838 -0.00930298 0.38662909  -116.80114 0.36554656  -0.30543783 -0.87925174 90.83303  0.12627078  0.95216667  -0.27827055 -305.05445 
309 'point symmetry operation' ?     ?     0.91850444 0.00399646  0.39539053  -118.48289 0.36911325  -0.36724297 -0.85374984 102.77732 0.14179227  0.93011688  -0.33878947 -307.78095 
310 'point symmetry operation' ?     ?     0.91492569 0.01788943  0.40322578  -120.34766 0.37160482  -0.42728334 -0.82422089 114.85042 0.15754657  0.90394147  -0.39758035 -309.70274 
311 'point symmetry operation' ?     ?     0.91146856 0.03231231  0.41009877  -122.38926 0.37300966  -0.48528329 -0.79079971 126.99665 0.17346146  0.87375986  -0.45437327 -310.81137 
312 'point symmetry operation' ?     ?     0.90814878 0.04719910  0.41597848  -124.60064 0.37332176  -0.54097893 -0.75364018 139.16023 0.18946428  0.83971120  -0.50890984 -311.10255 
313 'point symmetry operation' ?     ?     0.90498155 0.06248204  0.42083772  -126.97410 0.37253929  -0.59411522 -0.71291050 151.28532 0.20548203  0.80194944  -0.56094032 -310.57513 
314 'point symmetry operation' ?     ?     0.90198137 0.07809079  0.42465447  -129.50102 0.37066620  -0.64444888 -0.66879892 163.31591 0.22144111  0.76064923  -0.61022649 -309.23226 
315 'point symmetry operation' ?     ?     0.89916187 0.09395464  0.42741131  -132.17229 0.36771081  -0.69175133 -0.62150491 175.19712 0.23726917  0.71599729  -0.65654454 -307.08040 
316 'point symmetry operation' ?     ?     0.89653597 0.11000072  0.42909569  -134.97797 0.36368685  -0.73580579 -0.57124606 186.87407 0.25289355  0.66819909  -0.69968218 -304.13000 
317 'point symmetry operation' ?     ?     0.89411572 0.12615576  0.42969966  -137.90760 0.35861241  -0.77641017 -0.51825119 198.29305 0.26824283  0.61747217  -0.73944155 -300.39483 
318 'point symmetry operation' ?     ?     0.89191210 0.14234616  0.42922065  -140.95014 0.35251080  -0.81338004 -0.46276220 209.40174 0.28324712  0.56404812  -0.77564206 -295.89249 
319 'point symmetry operation' ?     ?     0.88993523 0.15849752  0.42766090  -144.09394 0.34541009  -0.84654572 -0.40503418 220.14877 0.29783750  0.50817256  -0.80811752 -290.64421 
320 'point symmetry operation' ?     ?     0.88819419 0.17453625  0.42502723  -147.32704 0.33734237  -0.87575513 -0.34532948 230.48478 0.31194739  0.45009935  -0.83671906 -284.67415 
321 'point symmetry operation' ?     ?     0.88669685 0.19038908  0.42133199  -150.63697 0.32834479  -0.90087585 -0.28392155 240.36230 0.32551244  0.39009453  -0.86131700 -278.01029 
322 'point symmetry operation' ?     ?     0.88545006 0.20598355  0.41659207  -154.01092 0.31845847  -0.92179311 -0.22109111 249.73584 0.33847064  0.32843242  -0.88179895 -270.68357 
323 'point symmetry operation' ?     ?     0.88445955 0.22124835  0.41082900  -157.43582 0.30772850  -0.93841077 -0.15712514 258.56219 0.35076270  0.26539463  -0.89807078 -262.72788 
324 'point symmetry operation' ?     ?     0.88372982 0.23611379  0.40406920  -160.89835 0.29620395  -0.95065329 -0.09231589 266.80073 0.36233253  0.20126918  -0.91005853 -254.18007 
325 'point symmetry operation' ?     ?     0.88326427 0.25051173  0.39634342  -164.38499 0.28393743  -0.95846379 -0.02695992 274.41331 0.37312701  0.13634947  -0.91770648 -245.07965 
326 'point symmetry operation' ?     ?     0.88306494 0.26437671  0.38768713  -167.88219 0.27098503  -0.96180792 0.03864489  281.36508 0.38309720  0.07093144  -0.92098102 -235.46870 
327 'point symmetry operation' ?     ?     0.88313283 0.27764510  0.37813967  -171.37627 0.25740585  -0.96066901 0.10419824  287.62370 0.39219719  0.00531447  -0.91986581 -225.39156 
328 'point symmetry operation' ?     ?     0.88346758 0.29025652  0.36774468  -174.85363 0.24326185  -0.95505295 0.16940145  293.16041 0.40038565  -0.06020241 -0.91436663 -214.89467 
329 'point symmetry operation' ?     ?     0.88406761 0.30215302  0.35655014  -178.30062 0.22861822  -0.94498622 0.23395444  297.94950 0.40762503  -0.12531768 -0.90450939 -204.02691 
330 'point symmetry operation' ?     ?     0.88493024 0.31328058  0.34460671  -181.70391 0.21354129  -0.93051395 0.29756447  301.96885 0.41388238  -0.18973606 -0.89033830 -192.83798 
331 'point symmetry operation' ?     ?     0.88605155 0.32358800  0.33196908  -185.05023 0.19810020  -0.91170185 0.35993938  305.19953 0.41912883  -0.25316171 -0.87191770 -181.37966 
332 'point symmetry operation' ?     ?     0.88742640 0.33302826  0.31869506  -188.32662 0.18236552  -0.88863627 0.42079434  307.62655 0.42334050  -0.31530500 -0.84933213 -169.70480 
333 'point symmetry operation' ?     ?     0.88904845 0.34155842  0.30484532  -191.52046 0.16640911  -0.86142313 0.47985191  309.23862 0.42649834  -0.37588255 -0.82268532 -157.86718 
334 'point symmetry operation' ?     ?     0.89091031 0.34913928  0.29048337  -194.61944 0.15030417  -0.83018703 0.53684095  310.02795 0.42858778  -0.43461627 -0.79209927 -145.92160 
335 'point symmetry operation' ?     ?     0.89300353 0.35573630  0.27567435  -197.61178 0.13412378  -0.79506923 0.59150245  309.99051 0.42959920  -0.49123927 -0.75771230 -133.92274 
336 'point symmetry operation' ?     ?     0.89531848 0.36131952  0.26048619  -200.48616 0.11794208  -0.75623158 0.64358671  309.12638 0.42952824  -0.54549281 -0.71968290 -121.92605 
337 'point symmetry operation' ?     ?     0.89784462 0.36586298  0.24498834  -203.23170 0.10183320  -0.71385066 0.69285415  307.43886 0.42837484  -0.59712741 -0.67818396 -109.98698 
338 'point symmetry operation' ?     ?     0.90057039 0.36934633  0.22925152  -205.83824 0.08587052  -0.66812071 0.73908117  304.93559 0.42614460  -0.64590868 -0.63340569 -98.16037  
339 'point symmetry operation' ?     ?     0.90348333 0.37175337  0.21334780  -208.29616 0.07012722  -0.61925066 0.78205531  301.62754 0.42284752  -0.69161244 -0.58555267 -86.50094  
340 'point symmetry operation' ?     ?     0.90657016 0.37307320  0.19734963  -210.59658 0.05467501  -0.56746321 0.82158095  297.52948 0.41849867  -0.73403065 -0.53484296 -75.06226  
341 'point symmetry operation' ?     ?     0.90981668 0.37330000  0.18133046  -212.73134 0.03958474  -0.51299672 0.85747747  292.66006 0.41311823  -0.77296939 -0.48150996 -63.89726  
342 'point symmetry operation' ?     ?     0.91320814 0.37243235  0.16536327  -214.69295 0.02492530  -0.45609840 0.88958004  287.04087 0.40673037  -0.80825000 -0.42579575 -53.05737  
343 'point symmetry operation' ?     ?     0.91672907 0.37047454  0.14952077  -216.47488 0.01076332  -0.39702821 0.91774356  280.69740 0.39936449  -0.83971287 -0.36795486 -42.59237  
344 'point symmetry operation' ?     ?     0.92036331 0.36743511  0.13387589  -218.07118 -0.00283583 -0.33605690 0.94183685  273.65820 0.39105405  -0.86721170 -0.30825241 -32.55102  
345 'point symmetry operation' ?     ?     0.92409426 0.36332845  0.11849977  -219.47702 -0.01581053 -0.27346306 0.96175222  265.95532 0.38183738  -0.89062324 -0.24696120 -22.97930  
346 'point symmetry operation' ?     ?     0.92790486 0.35817317  0.10346288  -220.68824 -0.02810122 -0.20953314 0.97739773  257.62362 0.37175652  -0.90983953 -0.18436172 -13.92162  
347 'point symmetry operation' ?     ?     0.93177778 0.35199262  0.08883359  -221.70166 -0.03965200 -0.14455750 0.98870190  248.70056 0.36085721  -0.92477291 -0.12073828 -5.41967   
348 'point symmetry operation' ?     ?     0.93569520 0.34481510  0.07467936  -222.51491 -0.05040954 -0.07883534 0.99561199  239.22683 0.34918955  -0.93535389 -0.05638386 2.48683    
349 'point symmetry operation' ?     ?     0.93963928 0.33667370  0.06106434  -223.12671 -0.06032526 -0.01266586 0.99809848  229.24542 0.33680691  -0.94153626 0.00840858  9.76171    
350 'point symmetry operation' ?     ?     0.94359202 0.32760527  0.04805093  -223.53652 -0.06935357 0.05364880  0.99614848  218.80141 0.32376563  -0.94329026 0.07334318  16.37103   
351 'point symmetry operation' ?     ?     0.94753534 0.31765137  0.03569852  -223.74483 -0.07745331 0.11980553  0.98977143  207.94228 0.31012539  -0.94060837 0.13812313  22.28418   
352 'point symmetry operation' ?     ?     0.95145118 0.30685753  0.02406379  -223.75300 -0.08458730 0.18550120  0.97899616  196.71741 0.29594864  -0.93350251 0.20245162  27.47353   
353 'point symmetry operation' ?     ?     0.95532170 0.29527311  0.01319956  -223.56336 -0.09072324 0.25043662  0.96387275  185.17768 0.28130007  -0.92200606 0.26603568  31.91514   
354 'point symmetry operation' ?     ?     0.95912914 0.28295112  0.00315587  -223.17908 -0.09583276 0.31431357  0.94446969  173.37567 0.26624683  -0.90617083 0.32858329  35.58797   
355 'point symmetry operation' ?     ?     0.96285617 0.26994766  -0.00602169 -222.60425 -0.09989272 0.37684168  0.92087563  161.36473 0.25085741  -0.88606927 0.38981014  38.47492   
356 'point symmetry operation' ?     ?     0.96648574 0.25632227  -0.01429105 -221.84384 -0.10288450 0.43773452  0.89319851  149.19955 0.23520229  -0.86179330 0.44943574  40.56227   
357 'point symmetry operation' ?     ?     0.97000128 0.24213706  -0.02161451 -220.90362 -0.10479444 0.49671446  0.86156447  136.93525 0.21935283  -0.83345357 0.50718826  41.84002   
358 'point symmetry operation' ?     ?     0.97338667 0.22745697  -0.02795833 -219.79023 -0.10561362 0.55351075  0.82611787  124.62771 0.20338168  -0.80117932 0.56280258  42.30169   
359 'point symmetry operation' ?     ?     0.97662652 0.21234919  -0.03329403 -218.51114 -0.10533879 0.60786541  0.78702216  112.33275 0.18736171  -0.76511957 0.61602607  41.94508   
360 'point symmetry operation' ?     ?     0.97970592 0.19688280  -0.03759676 -217.07449 -0.10397078 0.65952828  0.74445508  100.10640 0.17136636  -0.72543811 0.66661379  40.77102   
361 'point symmetry operation' ?     ?     0.98261085 0.18112825  -0.04084688 -215.48915 -0.10151581 0.70826394  0.69861049  88.00405  0.15546849  -0.68231564 0.71433521  38.78437   
362 'point symmetry operation' ?     ?     0.98532808 0.16515750  -0.04302982 -213.76471 -0.09798531 0.75385067  0.64969835  76.08054  0.13974063  -0.63594974 0.75897325  35.99390   
363 'point symmetry operation' ?     ?     0.98784511 0.14904389  -0.04413536 -211.91142 -0.09339535 0.79607856  0.59794285  64.39036  0.12425505  -0.58655286 0.80032234  32.41182   
364 'point symmetry operation' ?     ?     0.99015052 0.13286076  -0.04415876 -209.94006 -0.08776708 0.83475631  0.54358025  52.98630  0.10908217  -0.53435061 0.83819517  28.05417   
365 'point symmetry operation' ?     ?     0.99223369 0.11668215  -0.04309944 -207.86193 -0.08112579 0.86970538  0.48685814  41.92035  0.09429153  -0.47958056 0.87241693  22.94006   
366 'point symmetry operation' ?     ?     0.99408519 0.10058203  -0.04096278 -205.68894 -0.07350237 0.90076785  0.42803708  31.24260  0.07995059  -0.42249449 0.90283296  17.09278   
367 'point symmetry operation' ?     ?     0.99569643 0.08463390  -0.03775784 -203.43324 -0.06493096 0.92779951  0.36738407  21.00169  0.06612505  -0.36335132 0.92930206  10.53806   
368 'point symmetry operation' ?     ?     0.99706023 0.06891062  -0.03350009 -201.10757 -0.05545150 0.95067969  0.30517803  11.24381  0.05287779  -0.30242326 0.95170609  3.30595    
369 'point symmetry operation' ?     ?     0.99817019 0.05348418  -0.02820840 -198.72484 -0.04510679 0.96930147  0.24170239  2.01350   0.04026969  -0.23998773 0.96994034  -4.57136   
370 'point symmetry operation' ?     ?     0.99902130 0.03842508  -0.02190715 -196.29830 -0.03394432 0.98358050  0.17724768  -6.64745  0.02835829  -0.17633058 0.98392220  -13.05819  
371 'point symmetry operation' ?     ?     0.99960970 0.02380192  -0.01462515 -193.84133 -0.02201503 0.99345201  0.11210779  -14.69994 0.01719782  -0.11174205 0.99358828  -22.11630  
372 'point symmetry operation' ?     ?     0.99993270 0.00968165  -0.00639575 -191.36752 -0.00937353 0.99887090  0.04658088  -22.10745 0.00683936  -0.04651781 0.99889440  -31.70469  
373 'point symmetry operation' ?     ?     0.99998871 -0.00387096 0.00274378  -188.89050 0.00392263  0.99981067  -0.01903344 -28.83619 -0.00266939 0.01904401  0.99981461  -41.78018  
374 'point symmetry operation' ?     ?     0.99977763 -0.01679447 0.01275132  -186.42389 0.01781253  0.99626936  -0.08443625 -34.85617 -0.01128557 0.08464463  0.99634700  -52.29709  
375 'point symmetry operation' ?     ?     0.99930039 -0.02902945 0.02358104  -183.98136 0.03223247  0.98826267  -0.14932720 -40.14001 -0.01896950 0.14998279  0.98850694  -63.20768  
376 'point symmetry operation' ?     ?     0.99855909 -0.04052015 0.03518392  -181.57633 0.04711706  0.97582592  -0.21341132 -44.66386 -0.02568604 0.21476156  0.97632900  -74.46293  
377 'point symmetry operation' ?     ?     0.99755718 -0.05121389 0.04750652  -179.22218 0.06239783  0.95901697  -0.27639428 -48.40737 -0.03140449 0.27868338  0.95986986  -86.01154  
378 'point symmetry operation' ?     ?     0.99629916 -0.06106180 0.06049289  -176.93198 0.07800529  0.93791136  -0.33798903 -51.35366 -0.03609859 0.34145698  0.93920348  -97.80148  
379 'point symmetry operation' ?     ?     0.99479094 -0.07001920 0.07408317  -174.71852 0.09386773  0.91260818  -0.39791404 -53.48999 -0.03974736 0.40279529  0.91442688  -109.77906 
380 'point symmetry operation' ?     ?     0.99303925 -0.07804488 0.08821585  -172.59422 0.10991314  0.88322023  -0.45589591 -54.80654 -0.04233368 0.46241861  0.88565052  -121.89038 
381 'point symmetry operation' ?     ?     0.99105221 -0.08510223 0.10282583  -170.57117 0.12606773  0.84988387  -0.51166870 -55.29784 -0.04384597 0.52005340  0.85300792  -134.08022 
382 'point symmetry operation' ?     ?     0.98883883 -0.09115905 0.11784671  -168.66090 0.14225804  0.81275017  -0.56497852 -54.96190 -0.04427721 0.57543732  0.81664700  -146.29362 
383 'point symmetry operation' ?     ?     0.98640922 -0.09618745 0.13320972  -166.87452 0.15840988  0.77198884  -0.61558074 -53.80046 -0.04362530 0.62831625  0.77673394  -158.47509 
384 'point symmetry operation' ?     ?     0.98377455 -0.10016472 0.14884453  -165.22249 0.17444941  0.72778723  -0.66324481 -51.81941 -0.04189352 0.67844919  0.73345221  -170.56944 
385 'point symmetry operation' ?     ?     0.98094681 -0.10307244 0.16467976  -163.71473 0.19030334  0.68034646  -0.70775219 -49.02793 -0.03908952 0.72560637  0.68699873  -182.52185 
386 'point symmetry operation' ?     ?     0.97793891 -0.10489768 0.18064331  -162.36037 0.20589957  0.62988332  -0.74890129 -45.43928 -0.03522636 0.76957408  0.63758577  -194.27846 
387 'point symmetry operation' ?     ?     0.97476461 -0.10563158 0.19666189  -161.16804 0.22116633  0.57662833  -0.78650158 -41.06992 -0.03032132 0.81014890  0.58543906  -205.78565 
388 'point symmetry operation' ?     ?     0.97143845 -0.10527132 0.21266240  -160.14544 0.23603415  0.52082576  -0.82038327 -35.94051 -0.02439729 0.84714743  0.53079779  -216.99152 
389 'point symmetry operation' ?     ?     0.96797559 -0.10381821 0.22857177  -159.29962 0.25043500  0.46272968  -0.85039044 -30.07456 -0.01748100 0.88039955  0.47391073  -227.84529 
390 'point symmetry operation' ?     ?     0.96439193 -0.10127906 0.24431701  -158.63677 0.26430287  0.40260690  -0.87638598 -23.49942 -0.00960431 0.90975323  0.41503917  -238.29767 
391 'point symmetry operation' ?     ?     0.96070372 -0.09766526 0.25982663  -158.16224 0.27757474  0.34073016  -0.89825135 -16.24517 -0.00080287 0.93507471  0.35445013  -248.30165 
392 'point symmetry operation' ?     ?     0.95692786 -0.09299345 0.27502962  -157.88053 0.29018988  0.27738293  -0.91588676 -8.34542  0.00888294  0.95624837  0.29242121  -257.81193 
393 'point symmetry operation' ?     ?     0.95308172 -0.08728511 0.28985606  -157.79527 0.30209027  0.21285658  -0.92921109 0.16316   0.01940858  0.97317680  0.22923771  -266.78523 
394 'point symmetry operation' ?     ?     0.94918272 -0.08056622 0.30423886  -157.90914 0.31322212  0.14744343  -0.93816457 9.24163   0.03072627  0.98578392  0.16518586  -275.18149 
395 'point symmetry operation' ?     ?     0.94524875 -0.07286743 0.31811187  -158.22400 0.32353413  0.08144365  -0.94270513 18.84810  0.04278423  0.99401088  0.10055960  -282.96248 
396 'point symmetry operation' ?     ?     0.94129777 -0.06422385 0.33141181  -158.74075 0.33297927  0.01515842  -0.94281207 28.93841  0.05552743  0.99782017  0.03565381  -290.09320 
397 'point symmetry operation' ?     ?     0.93734784 -0.05467527 0.34407801  -159.45928 0.34151458  -0.05110916 -0.93848609 39.46596  0.06889742  0.99719555  -0.02923468 -296.54168 
398 'point symmetry operation' ?     ?     0.93341703 -0.04426502 0.35605231  -160.37874 0.34910069  -0.11705596 -0.92974537 50.38242  0.08283328  0.99213827  -0.09380907 -302.27867 
399 'point symmetry operation' ?     ?     0.92952329 -0.03304096 0.36728025  -161.49717 0.35570326  -0.18238082 -0.91663130 61.63747  0.09727115  0.98267291  -0.15777447 -307.27866 
400 'point symmetry operation' ?     ?     0.92568440 -0.02105409 0.37771040  -162.81186 0.36129193  -0.24678554 -0.89920267 73.17949  0.11214528  0.96884158  -0.22083886 -311.51915 
401 'point symmetry operation' ?     ?     0.92191789 -0.00835928 0.38729516  -164.31910 0.36584123  -0.30997581 -0.87753950 84.95539  0.12738765  0.95070789  -0.28271409 -314.98129 
402 'point symmetry operation' ?     ?     0.91824103 0.00498533  0.39599066  -166.01433 0.36933036  -0.37166225 -0.85174108 96.91089  0.14292844  0.92835496  -0.34311678 -317.64972 
403 'point symmetry operation' ?     ?     0.91467058 0.01891888  0.40375716  -167.89215 0.37174334  -0.43156332 -0.82192492 108.99111 0.15869676  0.90188456  -0.40177126 -319.51270 
404 'point symmetry operation' ?     ?     0.91122292 0.03337748  0.41055907  -169.94629 0.37306910  -0.48940435 -0.78822776 121.14034 0.17462031  0.87141809  -0.45840857 -320.56217 
405 'point symmetry operation' ?     ?     0.90791372 0.04829545  0.41636541  -172.16973 0.37330156  -0.54492244 -0.75080247 133.30305 0.19062673  0.83709375  -0.51277128 -320.79379 
406 'point symmetry operation' ?     ?     0.90475813 0.06360419  0.42114988  -174.55457 0.37244003  -0.59786352 -0.70982208 145.42306 0.20664255  0.79907037  -0.56461061 -320.20724 
407 'point symmetry operation' ?     ?     0.90177052 0.07923421  0.42489045  -177.09232 0.37048811  -0.64798626 -0.66547186 157.44497 0.22259495  0.75751975  -0.61369026 -318.80544 
408 'point symmetry operation' ?     ?     0.89896471 0.09511361  0.42756963  -179.77369 0.36745453  -0.69505917 -0.61795527 169.31303 0.23841047  0.71263241  -0.65978354 -316.59514 
409 'point symmetry operation' ?     ?     0.89635331 0.11117018  0.42917588  -182.58873 0.36335368  -0.73887034 -0.56748974 180.97316 0.25401741  0.66461394  -0.70268296 -313.58730 
410 'point symmetry operation' ?     ?     0.89394843 0.12733014  0.42970130  -185.52691 0.35820392  -0.77921673 -0.51430607 192.37128 0.26934388  0.61368380  -0.74218970 -309.79586 
411 'point symmetry operation' ?     ?     0.89176095 0.14352014  0.42914372  -188.57719 0.35202882  -0.81591586 -0.45864610 203.45538 0.28432036  0.56007366  -0.77812509 -305.23865 
412 'point symmetry operation' ?     ?     0.88980093 0.15966571  0.42750570  -191.72787 0.34485680  -0.84879901 -0.40076586 214.17416 0.29887800  0.50403011  -0.81032392 -299.93713 
413 'point symmetry operation' ?     ?     0.88807724 0.17569349  0.42479480  -194.96695 0.33672053  -0.87771707 -0.34092861 224.47861 0.31295066  0.44580806  -0.83864017 -293.91592 
414 'point symmetry operation' ?     ?     0.88659785 0.19153006  0.42102315  -198.28197 0.32765702  -0.90253663 -0.27940780 234.32110 0.32647379  0.38567354  -0.86294322 -287.20288 
415 'point symmetry operation' ?     ?     0.88536948 0.20710302  0.41620819  -201.66007 0.31770789  -0.92314489 -0.21648507 243.65639 0.33938563  0.32390188  -0.88312260 -279.82932 
416 'point symmetry operation' ?     ?     0.88439780 0.22234100  0.41037176  -205.08813 0.30691854  -0.93944667 -0.15244836 252.44127 0.35162695  0.26077571  -0.89908513 -271.82937 
417 'point symmetry operation' ?     ?     0.88368714 0.23717492  0.40354072  -208.55289 0.29533823  -0.95136940 -0.08758885 260.63572 0.36314237  0.19658214  -0.91075974 -263.24002 
418 'point symmetry operation' ?     ?     0.88324083 0.25153657  0.39574616  -212.04079 0.28301993  -0.95885716 -0.02220405 268.20162 0.37387883  0.13161557  -0.91809167 -254.10105 
419 'point symmetry operation' ?     ?     0.88306091 0.26536029  0.38702367  -215.53823 0.27001992  -0.96187561 0.04340719  275.10405 0.38378725  0.06617292  -0.92104730 -244.45467 
420 'point symmetry operation' ?     ?     0.88314815 0.27858299  0.37741339  -219.03153 0.25639782  -0.96041200 0.10894468  281.31126 0.39282249  0.00055368  -0.91961415 -234.34562 
421 'point symmetry operation' ?     ?     0.88350219 0.29114428  0.36695895  -222.50710 0.24221561  -0.95447222 0.17410973  286.79450 0.40094321  -0.06494314 -0.91379798 -223.82036 
422 'point symmetry operation' ?     ?     0.88412141 0.30298695  0.35570810  -225.95141 0.22753801  -0.94408373 0.23860522  291.52850 0.40811248  -0.13001888 -0.90362568 -212.92740 
423 'point symmetry operation' ?     ?     0.88500298 0.31405644  0.34371243  -229.35098 0.21243240  -0.92929362 0.30213458  295.49105 0.41429719  -0.19437433 -0.88914337 -201.71723 
424 'point symmetry operation' ?     ?     0.88614283 0.32430256  0.33102683  -232.69265 0.19696776  -0.91017056 0.36440862  298.66401 0.41946944  -0.25771648 -0.87041827 -190.24151 
425 'point symmetry operation' ?     ?     0.88753580 0.33367829  0.31770907  -235.96347 0.18121462  -0.88680087 0.42514253  301.03234 0.42360537  -0.31975571 -0.84753493 -178.55307 
426 'point symmetry operation' ?     ?     0.88917557 0.34214069  0.30381983  -239.15083 0.16524487  -0.85929050 0.48405886  302.58477 0.42668592  -0.38020862 -0.82059707 -166.70569 
427 'point symmetry operation' ?     ?     0.89105450 0.34965149  0.28942313  -242.24251 0.14913182  -0.82776796 0.54088853  303.31431 0.42869758  -0.43879898 -0.78973054 -154.75428 
428 'point symmetry operation' ?     ?     0.89316415 0.35617594  0.27458424  -245.22668 0.13294878  -0.79237450 0.59537156  303.21686 0.42963057  -0.49525890 -0.75507365 -142.75366 
429 'point symmetry operation' ?     ?     0.89549477 0.36168436  0.25937147  -248.09202 0.11677013  -0.75327395 0.64725830  302.29277 0.42948093  -0.54932959 -0.71678682 -130.75949 
430 'point symmetry operation' ?     ?     0.89803583 0.36615158  0.24385372  -250.82783 0.10066922  -0.71064288 0.69631304  300.54576 0.42824914  -0.60076547 -0.67504294 -118.82660 
431 'point symmetry operation' ?     ?     0.90077557 0.36955746  0.22810243  -253.42392 0.08472003  -0.66467848 0.74231131  297.98380 0.42594125  -0.64933108 -0.63003509 -107.01031 
432 'point symmetry operation' ?     ?     0.90370160 0.37188587  0.21218935  -255.87070 0.06899541  -0.61558869 0.78504158  294.61782 0.42256721  -0.69480325 -0.58196691 -95.36507  
433 'point symmetry operation' ?     ?     0.90680048 0.37312648  0.19618734  -258.15935 0.05356726  -0.56359916 0.82430929  290.46314 0.41814279  -0.73697482 -0.53105932 -83.94461  
434 'point symmetry operation' ?     ?     0.91005805 0.37327377  0.18016941  -260.28177 0.03850591  -0.50894727 0.85993574  285.53846 0.41268828  -0.77565384 -0.47754478 -72.80145  
435 'point symmetry operation' ?     ?     0.91345946 0.37232696  0.16420863  -262.23060 0.02388012  -0.45188218 0.89175808  279.86586 0.40622848  -0.81066353 -0.42166727 -61.98694  
436 'point symmetry operation' ?     ?     0.91698915 0.37029009  0.14837819  -263.99920 0.00975705  -0.39266485 0.91962931  273.47081 0.39879272  -0.84184233 -0.36368230 -51.55123  
437 'point symmetry operation' ?     ?     0.92063093 0.36717302  0.13275039  -265.58189 -0.00379900 -0.33156699 0.94342408  266.38255 0.39041549  -0.86904972 -0.30385594 -41.54231  
438 'point symmetry operation' ?     ?     0.92436826 0.36298940  0.11739658  -266.97370 -0.01672592 -0.26886623 0.96303179  258.63273 0.38113449  -0.89215956 -0.24246003 -32.00651  
439 'point symmetry operation' ?     ?     0.92818400 0.35775879  0.10238688  -268.17067 -0.02896484 -0.20484998 0.97836437  250.25673 0.37099254  -0.91106776 -0.17977602 -22.98773  
440 'point symmetry operation' ?     ?     0.93206066 0.35150513  0.08779008  -269.16963 -0.04045964 -0.13981156 0.98935144  241.29256 0.36003607  -0.92568753 -0.11609110 -14.52780  
441 'point symmetry operation' ?     ?     0.93598066 0.34425658  0.07367261  -269.96833 -0.05115792 -0.07404624 0.99594205  231.78050 0.34831468  -0.93595145 -0.05169442 -6.66577   
442 'point symmetry operation' ?     ?     0.93992602 0.33604630  0.06009915  -270.56544 -0.06101065 -0.00785518 0.99810580  221.76374 0.33588201  -0.94181228 0.01311915  0.56185    
443 'point symmetry operation' ?     ?     0.94387864 0.32691240  0.04713178  -270.96063 -0.06997296 0.05845753  0.99583468  211.28817 0.32279545  -0.94324504 0.07805183  7.12168    
444 'point symmetry operation' ?     ?     0.94782056 0.31689597  0.03482967  -271.15435 -0.07800375 0.12459071  0.98913710  200.40084 0.30911418  -0.94024132 0.14280873  12.98314   
445 'point symmetry operation' ?     ?     0.95173371 0.30604314  0.02324904  -271.14810 -0.08506644 0.19024126  0.97804482  189.15143 0.29490104  -0.93281594 0.20709303  18.11907   
446 'point symmetry operation' ?     ?     0.95560026 0.29440328  0.01244275  -270.94420 -0.09112873 0.25510997  0.96260792  177.59083 0.28022075  -0.92100226 0.27061177  22.50551   
447 'point symmetry operation' ?     ?     0.95940249 0.28202985  0.00246021  -270.54596 -0.09616298 0.31889961  0.94289777  165.77174 0.26514066  -0.90485507 0.33307389  26.12198   
448 'point symmetry operation' ?     ?     0.96312298 0.26897922  -0.00665259 -269.95746 -0.10014579 0.38131786  0.91900307  153.74782 0.24972965  -0.88444672 0.39419316  28.95117   
449 'point symmetry operation' ?     ?     0.96674488 0.25531098  -0.01485477 -269.18380 -0.10305966 0.44208218  0.89103456  141.57345 0.23405783  -0.85987219 0.45369293  30.98020   
450 'point symmetry operation' ?     ?     0.97025148 0.24108767  -0.02210805 -268.23077 -0.10489054 0.50091204  0.85911846  129.30419 0.21819717  -0.83124202 0.51129848  32.19879   
451 'point symmetry operation' ?     ?     0.97362681 0.22637440  -0.02837968 -267.10512 -0.10563049 0.55753960  0.82340198  116.99576 0.20222012  -0.79868846 0.56674758  32.60119   
452 'point symmetry operation' ?     ?     0.97685549 0.21123836  -0.03364120 -265.81433 -0.10527627 0.61170690  0.78404854  104.70398 0.18619958  -0.76236052 0.61978761  32.18521   
453 'point symmetry operation' ?     ?     0.97992274 0.19574837  -0.03786811 -264.36654 -0.10382899 0.66316573  0.74123585  92.48457  0.17020858  -0.72242205 0.67017554  30.95188   
454 'point symmetry operation' ?     ?     0.98281451 0.17997588  -0.04104150 -262.77083 -0.10129583 0.71168066  0.69516260  80.39340  0.15432069  -0.67905859 0.71768083  28.90679   
455 'point symmetry operation' ?     ?     0.98551759 0.16399244  -0.04314648 -261.03671 -0.09768786 0.75703000  0.64603683  68.48512  0.13860815  -0.63246580 0.76208641  26.05843   
456 'point symmetry operation' ?     ?     0.98801964 0.14787118  -0.04417358 -259.17446 -0.09302173 0.79900676  0.59408360  56.81386  0.12314280  -0.58285717 0.80318960  22.41945   
457 'point symmetry operation' ?     ?     0.99030927 0.13168587  -0.04411833 -257.19495 -0.08731899 0.83741964  0.53954113  45.43261  0.10799532  -0.53046024 0.84080308  18.00618   
458 'point symmetry operation' ?     ?     0.99237595 0.11551045  -0.04298066 -255.10955 -0.08060540 0.87209209  0.48265791  34.39312  0.09323503  -0.47551364 0.87475396  12.83808   
459 'point symmetry operation' ?     ?     0.99421026 0.09941889  -0.04076597 -252.93012 -0.07291184 0.90286615  0.42369450  23.74551  0.07892936  -0.41826911 0.90488759  6.93846    
460 'point symmetry operation' ?     ?     0.99580379 0.08348470  -0.03748415 -250.66893 -0.06427326 0.92960057  0.36291976  13.53813  0.06514373  -0.35898762 0.93106564  0.33362    
461 'point symmetry operation' ?     ?     0.99714934 0.06778054  -0.03315055 -248.33867 -0.05472940 0.95217469  0.30061166  3.81710   0.05194087  -0.29794039 0.95316997  -6.94652   
462 'point symmetry operation' ?     ?     0.99824071 0.05237840  -0.02778488 -245.95233 -0.04432386 0.97048453  0.23705546  -5.37333  0.03938136  -0.23540688 0.97109877  -14.86918  
463 'point symmetry operation' ?     ?     0.99907287 0.03734856  -0.02141140 -243.52311 -0.03310392 0.98444571  0.17254074  -13.99145 0.02752260  -0.17167196 0.98476941  -23.39884  
464 'point symmetry operation' ?     ?     0.99964210 0.02275978  -0.01405957 -241.06448 -0.02112119 0.99399547  0.10736325  -21.99829 0.01641872  -0.10702787 0.99412043  -32.49675  
465 'point symmetry operation' ?     ?     0.99994574 0.00867865  -0.00576280 -238.58999 -0.00843022 0.99908966  0.04182018  -29.35757 0.00612047  -0.04176934 0.99910860  -42.12196  
466 'point symmetry operation' ?     ?     0.99998240 -0.00483065 0.00344120  -236.11322 0.00491123  0.99970473  -0.02378992 -36.03605 -0.00332519 0.02380641  0.99971087  -52.23113  
467 'point symmetry operation' ?     ?     0.99975196 -0.01770608 0.01350991  -233.64792 0.01884166  0.99583872  -0.08916523 -42.00347 -0.01187497 0.08939765  0.99592532  -62.77817  
468 'point symmetry operation' ?     ?     0.99925542 -0.02988875 0.02439757  -231.20767 0.03329763  0.98750831  -0.15400735 -47.23278 -0.01948964 0.15470507  0.98776827  -73.71549  
469 'point symmetry operation' ?     ?     0.99849512 -0.04132344 0.03605439  -228.80588 0.04821322  0.97475273  -0.21802144 -51.70074 -0.02613486 0.21943162  0.97527815  -84.99371  
470 'point symmetry operation' ?     ?     0.99747444 -0.05195733 0.04842712  -226.45595 0.06352007  0.95762889  -0.28091313 -55.38687 -0.03177973 0.28327975  0.95851067  -96.56162  
471 'point symmetry operation' ?     ?     0.99619812 -0.06174229 0.06145919  -224.17087 0.07914837  0.93621624  -0.34239645 -58.27497 -0.03639888 0.34595908  0.93754364  -108.36693 
472 'point symmetry operation' ?     ?     0.99467195 -0.07063338 0.07509111  -221.96345 0.09502668  0.91061190  -0.40218981 -60.35201 -0.03997098 0.40718257  0.91247214  -120.35615 
473 'point symmetry operation' ?     ?     0.99290290 -0.07858991 0.08926062  -219.84611 0.11108245  0.88093260  -0.46001994 -61.60879 -0.04247964 0.46667042  0.88341050  -132.47499 
474 'point symmetry operation' ?     ?     0.99089908 -0.08557569 0.10390286  -217.83084 0.12724229  0.84731471  -0.51562282 -62.04002 -0.04391359 0.52415102  0.85049222  -144.66852 
475 'point symmetry operation' ?     ?     0.98866967 -0.09155869 0.11895075  -215.92923 0.14343213  0.80991222  -0.56874369 -61.64407 -0.04426623 0.57936100  0.81386811  -156.88135 
476 'point symmetry operation' ?     ?     0.98622480 -0.09651164 0.13433592  -214.15223 0.15957839  0.76889485  -0.61914081 -60.42298 -0.04353589 0.63204914  0.77370435  -169.05842 
477 'point symmetry operation' ?     ?     0.98357569 -0.10041176 0.14998770  -212.51035 0.17560690  0.72445095  -0.66658270 -58.38270 -0.04172589 0.68197343  0.73018536  -181.14429 
478 'point symmetry operation' ?     ?     0.98073444 -0.10324149 0.16583476  -211.01339 0.19144467  0.67678358  -0.71085379 -55.53298 -0.03884467 0.72890697  0.68350999  -193.08440 
479 'point symmetry operation' ?     ?     0.97771403 -0.10498764 0.18180451  -209.67055 0.20701910  0.62611050  -0.75175056 -51.88707 -0.03490523 0.77263408  0.63389146  -204.82448 
480 'point symmetry operation' ?     ?     0.97452821 -0.10564234 0.19782436  -208.49025 0.22225940  0.57266226  -0.78908735 -47.46190 -0.02992554 0.81295620  0.58155553  -216.31166 
481 'point symmetry operation' ?     ?     0.97119165 -0.10520265 0.21382055  -207.48027 0.23709544  0.51668508  -0.82269247 -42.27824 -0.02392858 0.84968791  0.52674328  -227.49356 
482 'point symmetry operation' ?     ?     0.96771949 -0.10367046 0.22972041  -206.64753 0.25145977  0.45843302  -0.85241292 -36.35990 -0.01694151 0.88266202  0.46970349  -238.31981 
483 'point symmetry operation' ?     ?     0.96412764 -0.10105279 0.24545112  -205.99817 0.26528661  0.39817291  -0.87811256 -29.73431 -0.00899632 0.91172747  0.41069745  -248.74130 
484 'point symmetry operation' ?     ?     0.96043253 -0.09736163 0.26094071  -205.53750 0.27851270  0.33618041  -0.89967389 -22.43212 -0.00012938 0.93675138  0.34999506  -258.71086 
485 'point symmetry operation' ?     ?     0.95665100 -0.09261388 0.27611867  -205.26993 0.29107787  0.27273803  -0.91699906 -14.48698 0.00961885  0.95762011  0.28787297  -268.18358 
486 'point symmetry operation' ?     ?     0.95280035 -0.08683128 0.29091553  -205.19901 0.30292462  0.20813614  -0.93000883 -5.93559  0.02020375  0.97423820  0.22461551  -277.11660 
487 'point symmetry operation' ?     ?     0.94889825 -0.08004016 0.30526329  -205.32744 0.31399841  0.14267100  -0.93864259 3.18260   0.03157690  0.98652851  0.16051275  -285.46928 
488 'point symmetry operation' ?     ?     0.94496241 -0.07227155 0.31909695  -205.65693 0.32424917  0.07663984  -0.94286207 12.82576  0.04368655  0.99443614  0.09585575  -293.20432 
489 'point symmetry operation' ?     ?     0.94101091 -0.06356103 0.33235296  -206.18830 0.33362978  0.01034577  -0.94264759 22.94932  0.05647714  0.99792449  0.03094132  -300.28663 
490 'point symmetry operation' ?     ?     0.93706179 -0.05394838 0.34497067  -206.92149 0.34209728  -0.05590807 -0.93799985 33.50669  0.06989023  0.99697735  -0.03393372 -306.68428 
491 'point symmetry operation' ?     ?     0.93313303 -0.04347748 0.35689285  -207.85542 0.34961336  -0.12182054 -0.92894084 44.44947  0.08386472  0.99159987  -0.09847449 -312.36879 
492 'point symmetry operation' ?     ?     0.92924268 -0.03219624 0.36806450  -208.98822 0.35614323  -0.18708851 -0.91551107 55.72712  0.09833653  0.98181562  -0.16238418 -317.31431 
493 'point symmetry operation' ?     ?     0.92540847 -0.02015613 0.37843481  -210.31701 0.36165724  -0.25141474 -0.89777218 67.28789  0.11323966  0.96766966  -0.22537173 -321.49888 
494 'point symmetry operation' ?     ?     0.92164793 -0.00741221 0.38795633  -211.83807 0.36613013  -0.31450495 -0.87580518 79.07859  0.12850596  0.94922655  -0.28714898 -324.90381 
495 'point symmetry operation' ?     ?     0.91797820 0.00597724  0.39658583  -213.54673 0.36954176  -0.37607171 -0.84971125 91.04504  0.14406573  0.92657141  -0.34743448 -327.51423 
496 'point symmetry operation' ?     ?     0.91441617 0.01995090  0.40428334  -215.43756 0.37187608  -0.43583152 -0.81960891 103.13199 0.15984755  0.89980695  -0.40595064 -329.31835 
497 'point symmetry operation' ?     ?     0.91097798 0.03444521  0.41101416  -217.50423 0.37312276  -0.49351364 -0.78563576 115.28422 0.17577974  0.86905562  -0.46243234 -330.30865 
498 'point symmetry operation' ?     ?     0.90767942 0.04939384  0.41674722  -219.73965 0.37327585  -0.54885319 -0.74794668 127.44570 0.19178930  0.83445751  -0.51662023 -330.48090 
499 'point symmetry operation' ?     ?     0.90453553 0.06472823  0.42145673  -222.13587 0.37233512  -0.60159808 -0.70671560 139.56049 0.20780299  0.79617249  -0.56826745 -329.83513 
500 'point symmetry operation' ?     ?     0.90156073 0.08037859  0.42512061  -224.68435 0.37030423  -0.65150599 -0.66212880 151.57290 0.22374768  0.75437329  -0.61713674 -328.37430 
501 'point symmetry operation' ?     ?     0.89876853 0.09627347  0.42772247  -227.37577 0.36719279  -0.69835033 -0.61439057 163.42788 0.23955071  0.70925153  -0.66300621 -326.10581 
502 'point symmetry operation' ?     ?     0.89617175 0.11233988  0.42925047  -230.20009 0.36301518  -0.74191626 -0.56372036 175.07068 0.25513955  0.66101469  -0.70566549 -323.04062 
503 'point symmetry operation' ?     ?     0.89378225 0.12850476  0.42969735  -233.14682 0.35779011  -0.78200465 -0.51034788 186.44794 0.27044319  0.60988134  -0.74491961 -319.19292 
504 'point symmetry operation' ?     ?     0.89161097 0.14469382  0.42906128  -236.20474 0.35154179  -0.81843205 -0.45451890 197.50711 0.28539140  0.55608701  -0.78058892 -314.58104 
505 'point symmetry operation' ?     ?     0.88966779 0.16083342  0.42734514  -239.36226 0.34429864  -0.85103268 -0.39648743 208.19754 0.29991616  0.49987643  -0.81251111 -309.22642 
506 'point symmetry operation' ?     ?     0.88796159 0.17684978  0.42455676  -242.60728 0.33609375  -0.87965743 -0.33651863 218.47003 0.31395106  0.44150646  -0.84054015 -303.15400 
507 'point symmetry operation' ?     ?     0.88650021 0.19266974  0.42070865  -245.92733 0.32696440  -0.90417486 -0.27488594 228.27725 0.32743194  0.38124319  -0.86454735 -296.39185 
508 'point symmetry operation' ?     ?     0.88529031 0.20822066  0.41581871  -249.30949 0.31695271  -0.92447312 -0.21187290 237.57392 0.34029697  0.31936390  -0.88442319 -288.97164 
509 'point symmetry operation' ?     ?     0.88433740 0.22343177  0.40990925  -252.74068 0.30610430  -0.94046002 -0.14776639 246.31741 0.35248760  0.25615033  -0.90007738 -280.92767 
510 'point symmetry operation' ?     ?     0.88364586 0.23823344  0.40300719  -256.20753 0.29446871  -0.95206197 -0.08285956 254.46732 0.36394800  0.19189153  -0.91143789 -272.29714 
511 'point symmetry operation' ?     ?     0.88321878 0.25255840  0.39514413  -259.69660 0.28209903  -0.95922699 -0.01744787 261.98636 0.37462617  0.12688004  -0.91845380 -263.11991 
512 'point symmetry operation' ?     ?     0.88305822 0.26634060  0.38635593  -263.19419 0.26905193  -0.96192073 0.04816788  268.83940 0.38447273  0.06141475  -0.92109149 -253.43850 
513 'point symmetry operation' ?     ?     0.88316487 0.27951726  0.37668277  -266.68666 0.25538698  -0.96013144 0.11368852  274.99494 0.39344288  -0.00420583 -0.91933943 -243.29760 
514 'point symmetry operation' ?     ?     0.88353821 0.29202843  0.36616887  -270.16044 0.24116656  -0.95386794 0.17881542  280.42471 0.40149588  -0.06968258 -0.91320627 -232.74396 
515 'point symmetry operation' ?     ?     0.88417660 0.30381667  0.35486212  -273.60195 0.22645558  -0.94315769 0.24325050  285.10333 0.40859462  -0.13471588 -0.90271892 -221.82624 
516 'point symmetry operation' ?     ?     0.88507701 0.31482817  0.34281475  -276.99775 0.21132177  -0.92805171 0.30669826  289.00931 0.41470693  -0.19900738 -0.88792730 -210.59519 
517 'point symmetry operation' ?     ?     0.88623545 0.32501266  0.33008110  -280.33472 0.19583362  -0.90861670 0.36887044  292.12428 0.41980466  -0.26226509 -0.86889675 -199.10211 
518 'point symmetry operation' ?     ?     0.88764660 0.33432332  0.31671969  -283.59989 0.18006230  -0.88494193 0.42948133  294.43357 0.42386438  -0.32419834 -0.84571467 -187.40029 
519 'point symmetry operation' ?     ?     0.88930392 0.34271816  0.30279168  -286.78073 0.16407979  -0.85713727 0.48825554  295.92673 0.42686808  -0.38452557 -0.81848865 -175.54360 
520 'point symmetry operation' ?     ?     0.89119992 0.35015850  0.28836050  -289.86501 0.14795904  -0.82532828 0.54492390  296.59631 0.42880167  -0.44297061 -0.78734164 -163.58666 
521 'point symmetry operation' ?     ?     0.89332594 0.35661012  0.27349220  -292.84093 0.13177387  -0.78966015 0.59922654  296.43880 0.42965615  -0.49926548 -0.75241579 -151.58468 
522 'point symmetry operation' ?     ?     0.89567223 0.36204374  0.25825482  -295.69723 0.11559828  -0.75029670 0.65091575  295.45475 0.42942783  -0.55315333 -0.71387153 -139.59302 
523 'point symmetry operation' ?     ?     0.89822808 0.36643460  0.24271784  -298.42323 0.09950601  -0.70741745 0.69975591  293.64835 0.42811777  -0.60438850 -0.67188463 -127.66682 
524 'point symmetry operation' ?     ?     0.90098180 0.36976261  0.22695236  -301.00878 0.08357070  -0.66121859 0.74552349  291.02751 0.42573195  -0.65273651 -0.62664721 -115.86114 
525 'point symmetry operation' ?     ?     0.90392081 0.37201244  0.21103043  -303.44437 0.06786523  -0.61191103 0.78800898  287.60381 0.42228120  -0.69797606 -0.57836578 -104.23044 
526 'point symmetry operation' ?     ?     0.90703168 0.37317398  0.19502478  -305.72125 0.05246128  -0.55972040 0.82701879  283.39267 0.41778141  -0.73990097 -0.52726128 -92.82829  
527 'point symmetry operation' ?     ?     0.91030018 0.37324202  0.17900847  -307.83135 0.03742912  -0.50488506 0.86237522  278.41304 0.41225320  -0.77832021 -0.47356712 -81.70717  
528 'point symmetry operation' ?     ?     0.91371141 0.37221573  0.16305490  -309.76727 0.02283783  -0.44765518 0.89391447  272.68706 0.40572143  -0.81305602 -0.41752823 -70.91868  
529 'point symmetry operation' ?     ?     0.91724976 0.37010026  0.14723678  -311.52257 0.00875374  -0.38829266 0.92149443  266.24081 0.39821633  -0.84395166 -0.35940110 -60.51233  
530 'point symmetry operation' ?     ?     0.92089908 0.36690515  0.13162633  -313.09157 -0.00475880 -0.32706826 0.94498875  259.10331 0.38977202  -0.87086566 -0.29945083 -50.53614  
531 'point symmetry operation' ?     ?     0.92464267 0.36264505  0.11629507  -314.46940 -0.01763788 -0.26426253 0.96428981  251.30695 0.38042723  -0.89367472 -0.23795214 -41.03630  
532 'point symmetry operation' ?     ?     0.92846338 0.35733931  0.10131327  -315.65207 -0.02982442 -0.20016290 0.97930859  242.88700 0.37022461  -0.91227377 -0.17518648 -32.05686  
533 'point symmetry operation' ?     ?     0.93234384 0.35101220  0.08674892  -316.63654 -0.04126318 -0.13506071 0.98997756  233.88148 0.35921065  -0.92657900 -0.11143913 -23.63902  
534 'point symmetry operation' ?     ?     0.93626629 0.34369269  0.07266874  -317.42065 -0.05190175 -0.06925419 0.99624778  224.33129 0.34743578  -0.93652484 -0.04700210 -15.82180  
535 'point symmetry operation' ?     ?     0.94021277 0.33541433  0.05913714  -318.00315 -0.06169148 -0.00304449 0.99809080  214.27985 0.33495393  -0.94206598 0.01782972  -8.64143   
536 'point symmetry operation' ?     ?     0.94416521 0.32621489  0.04621615  -318.38368 -0.07058745 0.06326527  0.99549761  203.77276 0.32182215  -0.94317651 0.08275952  -2.13135   
537 'point symmetry operation' ?     ?     0.94810567 0.31613607  0.03396451  -318.56282 -0.07854916 0.12937393  0.98847955  192.85739 0.30810004  -0.93985093 0.14749240  3.67834    
538 'point symmetry operation' ?     ?     0.95201607 0.30522440  0.02243818  -318.54214 -0.08554041 0.19497837  0.97707029  181.58360 0.29385071  -0.93210599 0.21173156  8.76074    
539 'point symmetry operation' ?     ?     0.95587847 0.29352969  0.01169026  -318.32404 -0.09152885 0.25977743  0.96132095  170.00268 0.27913941  -0.91997599 0.27518210  13.09186   
540 'point symmetry operation' ?     ?     0.95967538 0.28110508  0.00176927  -317.91183 -0.09648757 0.32347781  0.94130375  158.16681 0.26403285  -0.90351676 0.33755681  16.65176   
541 'point symmetry operation' ?     ?     0.96338932 0.26800748  -0.00727891 -317.30971 -0.10039342 0.38578618  0.91710938  146.13002 0.24860038  -0.88280261 0.39856850  19.42334   
542 'point symmetry operation' ?     ?     0.96700333 0.25429694  -0.01541314 -316.52282 -0.10322885 0.44641808  0.88884959  133.94706 0.23291265  -0.85792940 0.45793859  21.39366   
543 'point symmetry operation' ?     ?     0.97050098 0.24003591  -0.02259652 -315.55706 -0.10498106 0.50509784  0.85665338  121.67304 0.21704105  -0.82901073 0.51539718  22.55338   
544 'point symmetry operation' ?     ?     0.97386619 0.22528960  -0.02879578 -314.41915 -0.10564164 0.56155570  0.82066703  109.36387 0.20105830  -0.79617783 0.57068010  22.89642   
545 'point symmetry operation' ?     ?     0.97708365 0.21012544  -0.03398291 -313.11667 -0.10520791 0.61553465  0.78105589  97.07542  0.18503738  -0.75958167 0.62353570  22.42097   
546 'point symmetry operation' ?     ?     0.98013861 0.19461271  -0.03813404 -311.65786 -0.10368167 0.66678747  0.73800055  84.86355  0.16905154  -0.71938905 0.67372191  21.12861   
547 'point symmetry operation' ?     ?     0.98301711 0.17882234  -0.04123016 -310.05174 -0.10106987 0.71507973  0.69169774  72.78377  0.15317388  -0.67578359 0.72100916  19.02474   
548 'point symmetry operation' ?     ?     0.98570598 0.16282654  -0.04325714 -308.30798 -0.09738449 0.76019069  0.64235933  60.89098  0.13747699  -0.62896484 0.76518133  16.11853   
549 'point symmetry operation' ?     ?     0.98819301 0.14669818  -0.04420588 -306.43686 -0.09264245 0.80191534  0.59021035  49.23898  0.12203234  -0.57914637 0.80603765  12.42284   
550 'point symmetry operation' ?     ?     0.99046680 0.13051120  -0.04407206 -304.44931 -0.08686550 0.84006238  0.53548997  37.88087  0.10691074  -0.52655669 0.84339082  7.95416    
551 'point symmetry operation' ?     ?     0.99251693 0.11433930  -0.04285599 -302.35666 -0.08007968 0.87445721  0.47844663  26.86811  0.09218111  -0.47143447 0.87706986  2.73213    
552 'point symmetry operation' ?     ?     0.99433405 0.09825671  -0.04056353 -300.17089 -0.07231638 0.90494287  0.41934282  16.25083  0.07791100  -0.41403343 0.90692109  -3.21954   
553 'point symmetry operation' ?     ?     0.99590986 0.08233667  -0.03720498 -297.90426 -0.06361083 0.93138005  0.35844733  6.07708   0.06416541  -0.35461458 0.93280809  -9.87435   
554 'point symmetry operation' ?     ?     0.99723716 0.06665202  -0.03279581 -295.56949 -0.05400296 0.95364811  0.29603910  -3.60692  0.05100723  -0.29345013 0.95461273  -17.20222  
555 'point symmetry operation' ?     ?     0.99830988 0.05127450  -0.02735611 -293.17958 -0.04353665 0.97164501  0.23240334  -12.75721 0.03849664  -0.23081958 0.97223511  -25.17019  
556 'point symmetry operation' ?     ?     0.99912304 0.03627446  -0.02091048 -290.74777 -0.03225951 0.98528739  0.16783057  -21.33216 0.02669099  -0.16700880 0.98559357  -33.74248  
557 'point symmetry operation' ?     ?     0.99967309 0.02172025  -0.01348896 -288.28754 -0.02022354 0.99451539  0.10261646  -29.29325 0.01564384  -0.10231012 0.99462953  -42.88003  
558 'point symmetry operation' ?     ?     0.99995737 0.00767846  -0.00512495 -285.81241 -0.00748330 0.99928487  0.03705820  -36.60420 0.00540592  -0.03701826 0.99929975  -52.54191  
559 'point symmetry operation' ?     ?     0.99997468 -0.00578674 0.00414298  -283.33607 0.00590265  0.99957524  -0.02854380 -43.23204 -0.00397609 0.02856752  0.99958408  -62.68418  
560 'point symmetry operation' ?     ?     0.99972489 -0.01861389 0.01427271  -280.87212 0.01987341  0.99538453  -0.09389063 -49.14681 -0.01245932 0.09414843  0.99548058  -73.26118  
561 'point symmetry operation' ?     ?     0.99920911 -0.03074418 0.02521798  -278.43419 0.03436508  0.98673138  -0.15868299 -54.32164 -0.02000480 0.15942411  0.98700751  -84.22500  
562 'point symmetry operation' ?     ?     0.99842975 -0.04212232 0.03692865  -276.03573 0.04931139  0.97365601  -0.22262508 -58.73337 -0.02657823 0.22409651  0.97420425  -95.52598  
563 'point symmetry operation' ?     ?     0.99739036 -0.05269631 0.04935119  -273.69005 0.06464400  0.95621825  -0.28542455 -62.36217 -0.03214957 0.28786997  0.95712939  -107.11293 
564 'point symmetry operation' ?     ?     0.99609568 -0.06241779 0.06242888  -271.41019 0.08029288  0.93449758  -0.34679448 -65.19174 -0.03669331 0.35045310  0.93586074  -118.93342 
565 'point symmetry operation' ?     ?     0.99455168 -0.07124243 0.07610177  -269.20890 0.09618638  0.90859404  -0.40645431 -67.20961 -0.04018884 0.41155977  0.91049628  -130.93378 
566 'point symmetry operation' ?     ?     0.99276531 -0.07912975 0.09030777  -267.09856 0.11225219  0.87862438  -0.46413175 -68.40667 -0.04261991 0.47091116  0.88115031  -143.05990 
567 'point symmetry operation' ?     ?     0.99074483 -0.08604381 0.10498162  -265.09116 0.12841660  0.84472690  -0.51956284 -68.77794 -0.04397561 0.52823558  0.84795827  -155.25663 
568 'point symmetry operation' ?     ?     0.98849940 -0.09195301 0.12005652  -263.19819 0.14460599  0.80705563  -0.57249475 -68.32198 -0.04424966 0.58327161  0.81107097  -167.46888 
569 'point symmetry operation' ?     ?     0.98603933 -0.09683024 0.13546338  -261.43066 0.16074613  0.76578321  -0.62268487 -67.04120 -0.04344080 0.63576699  0.77065746  -179.64115 
570 'point symmetry operation' ?     ?     0.98337589 -0.10065328 0.15113161  -259.79899 0.17676315  0.72109897  -0.66990366 -64.94189 -0.04155282 0.68548161  0.72690314  -191.71820 
571 'point symmetry operation' ?     ?     0.98052119 -0.10340476 0.16699002  -258.31290 0.19258424  0.67320597  -0.71393654 -62.03391 -0.03859432 0.73218954  0.68000684  -203.64561 
572 'point symmetry operation' ?     ?     0.97748827 -0.10507182 0.18296598  -256.98159 0.20813687  0.62232297  -0.75458099 -58.33073 -0.03457860 0.77567605  0.63018275  -215.36917 
573 'point symmetry operation' ?     ?     0.97429105 -0.10564719 0.19898643  -255.81341 0.22335004  0.56868344  -0.79165238 -53.84987 -0.02952436 0.81574347  0.57765951  -226.83585 
574 'point symmetry operation' ?     ?     0.97094408 -0.10512807 0.21497830  -254.81605 0.23815430  0.51253164  -0.82498094 -48.61196 -0.02345447 0.85220837  0.52267628  -237.99376 
575 'point symmetry operation' ?     ?     0.96746268 -0.10351674 0.23086834  -253.99642 0.25248179  0.45412459  -0.85441373 -42.64128 -0.01639667 0.88490347  0.46548473  -248.79225 
576 'point symmetry operation' ?     ?     0.96386282 -0.10082095 0.24658392  -253.36056 0.26626718  0.39373009  -0.87981754 -35.96570 -0.00838356 0.91368061  0.40634709  -259.18256 
577 'point symmetry operation' ?     ?     0.96016087 -0.09705256 0.26205330  -252.91375 0.27944737  0.33162282  -0.90107487 -28.61572 0.00054868  0.93840693  0.34553232  -269.11759 
578 'point symmetry operation' ?     ?     0.95637372 -0.09222881 0.27720589  -252.66036 0.29196223  0.26808626  -0.91808884 -20.62524 0.01035928  0.95896972  0.28331801  -278.55251 
579 'point symmetry operation' ?     ?     0.95251875 -0.08637216 0.29197245  -252.60381 0.30375473  0.20341178  -0.93078317 -12.03141 0.02100299  0.97527643  0.21998947  -287.44479 
580 'point symmetry operation' ?     ?     0.94861361 -0.07950894 0.30628499  -252.74680 0.31477035  0.13789563  -0.93909725 -2.87366  0.03243142  0.98724989  0.15583676  -295.75380 
581 'point symmetry operation' ?     ?     0.94467602 -0.07167077 0.32007892  -253.09091 0.32495958  0.07183504  -0.94299569 6.80587   0.04459237  0.99483813  0.09115094  -303.44268 
582 'point symmetry operation' ?     ?     0.94072410 -0.06289337 0.33329048  -253.63696 0.33427519  0.00553411  -0.94245887 16.96248  0.05743010  0.99800453  0.02622979  -310.47625 
583 'point symmetry operation' ?     ?     0.93677581 -0.05321687 0.34585983  -254.38474 0.34267508  -0.06070600 -0.93749034 27.54958  0.07088615  0.99673583  -0.03863181 -316.82321 
584 'point symmetry operation' ?     ?     0.93284927 -0.04268551 0.35772916  -255.33321 0.35012054  -0.12658119 -0.92811217 38.51832  0.08489885  0.99103710  -0.10313608 -322.45479 
585 'point symmetry operation' ?     ?     0.92896237 -0.03134742 0.36884447  -256.48032 0.35657776  -0.19179128 -0.91436768 49.81832  0.09940425  0.98093491  -0.16698909 -327.34589 
586 'point symmetry operation' ?     ?     0.92513295 -0.01925453 0.37915470  -257.82318 0.36201704  -0.25603708 -0.89631957 61.39743  0.11433586  0.96647523  -0.22989787 -331.47449 
587 'point symmetry operation' ?     ?     0.92137843 -0.00646184 0.38861292  -259.35800 0.36641359  -0.31902625 -0.87404974 73.20267  0.12962577  0.94772365  -0.29157619 -334.82226 
588 'point symmetry operation' ?     ?     0.91771595 0.00697218  0.39717604  -261.08009 0.36974745  -0.38047137 -0.84766034 85.17979  0.14520413  0.92476625  -0.35174258 -337.37447 
589 'point symmetry operation' ?     ?     0.91416234 0.02098575  0.40480469  -262.98387 0.37200331  -0.44008992 -0.81727280 97.27336  0.16099930  0.89770869  -0.41012042 -339.11987 
590 'point symmetry operation' ?     ?     0.91073375 0.03551530  0.41146418  -265.06303 0.37317084  -0.49761116 -0.78302468 109.42818 0.17693961  0.86667341  -0.46644459 -340.05096 
591 'point symmetry operation' ?     ?     0.90744595 0.05049412  0.41712371  -267.31039 0.37324449  -0.55277021 -0.74507283 121.58804 0.19295179  0.83180245  -0.52045574 -340.16379 
592 'point symmetry operation' ?     ?     0.90431386 0.06585391  0.42175787  -269.71798 0.37222429  -0.60531694 -0.70359112 133.69729 0.20896296  0.79325573  -0.57190892 -339.45859 
593 'point symmetry operation' ?     ?     0.90135181 0.08152454  0.42534539  -272.27716 0.37011477  -0.65501100 -0.65876869 145.70026 0.22489999  0.75120895  -0.62056881 -337.93899 
594 'point symmetry operation' ?     ?     0.89857341 0.09743411  0.42786964  -274.97853 0.36692547  -0.70162383 -0.61081083 157.54151 0.24068969  0.70585464  -0.66621158 -335.61231 
595 'point symmetry operation' ?     ?     0.89599125 0.11351035  0.42931938  -277.81212 0.36267110  -0.74494452 -0.55993594 169.16699 0.25626042  0.65739941  -0.70863073 -332.48976 
596 'point symmetry operation' ?     ?     0.89361725 0.12967928  0.42968774  -280.76727 0.35737103  -0.78477295 -0.50637763 180.52279 0.27154045  0.60606571  -0.74763030 -328.58605 
597 'point symmetry operation' ?     ?     0.89146222 0.14586728  0.42897299  -283.83283 0.35104936  -0.82092764 -0.45037967 191.55688 0.28646019  0.55208716  -0.78303258 -323.91939 
598 'point symmetry operation' ?     ?     0.88953593 0.16200057  0.42717868  -286.99714 0.34373516  -0.85324477 -0.39219795 202.21871 0.30095174  0.49571051  -0.81467716 -318.51174 
599 'point symmetry operation' ?     ?     0.88784727 0.17800497  0.42431290  -290.24801 0.33546191  -0.88157523 -0.33209959 212.45888 0.31494842  0.43719454  -0.84241804 -312.38831 
600 'point symmetry operation' ?     ?     0.88640390 0.19380774  0.42038874  -293.57297 0.32626730  -0.90579052 -0.27035792 222.23055 0.32838663  0.37680541  -0.86612939 -305.57748 
601 'point symmetry operation' ?     ?     0.88521249 0.20933642  0.41542398  -296.95914 0.31619326  -0.92577880 -0.20725554 231.48851 0.34120469  0.31481947  -0.88570169 -298.11078 
602 'point symmetry operation' ?     ?     0.88427840 0.22452032  0.40944143  -300.39341 0.30528586  -0.94144982 -0.14308022 240.19034 0.35334431  0.25151945  -0.90104659 -290.02284 
603 'point symmetry operation' ?     ?     0.88360592 0.23928967  0.40246869  -303.86232 0.29359532  -0.95273197 -0.07812701 248.29578 0.36474975  0.18719641  -0.91209395 -281.35138 
604 'point symmetry operation' ?     ?     0.88319820 0.25357728  0.39453700  -307.35247 0.28117438  -0.95957229 -0.01269043 255.76745 0.37536896  0.12214189  -0.91879191 -272.13598 
605 'point symmetry operation' ?     ?     0.88305699 0.26731756  0.38568336  -310.85011 0.26808059  -0.96194133 0.05292790  262.57091 0.38515338  0.05665588  -0.92111166 -262.41984 
606 'point symmetry operation' ?     ?     0.88318300 0.28044813  0.37594766  -314.34172 0.25437313  -0.95982734 0.11843073  268.67486 0.39405851  -0.00896503 -0.91904166 -252.24733 
607 'point symmetry operation' ?     ?     0.88357563 0.29290877  0.36537458  -317.81361 0.24011489  -0.95324012 0.18351755  274.05096 0.40204350  -0.07441977 -0.91259152 -241.66561 
608 'point symmetry operation' ?     ?     0.88423315 0.30464232  0.35401240  -321.25223 0.22537106  -0.94220909 0.24789030  278.67417 0.40907164  -0.13940866 -0.90179006 -230.72354 
609 'point symmetry operation' ?     ?     0.88515244 0.31559549  0.34191327  -324.64421 0.21020912  -0.92678625 0.31125546  282.52332 0.41511122  -0.20363526 -0.88668818 -219.47166 
610 'point symmetry operation' ?     ?     0.88632941 0.32571809  0.32913205  -327.97642 0.19469800  -0.90704027 0.37332386  285.58025 0.42013435  -0.26680657 -0.86735314 -207.96162 
611 'point symmetry operation' ?     ?     0.88775863 0.33496376  0.31572751  -331.23589 0.17890895  -0.88306238 0.43381082  287.83073 0.42411810  -0.32863281 -0.84387425 -196.24676 
612 'point symmetry operation' ?     ?     0.88943355 0.34329051  0.30176080  -334.41012 0.16291396  -0.85496245 0.49244094  289.26427 0.42704449  -0.38883244 -0.81635910 -184.38096 
613 'point symmetry operation' ?     ?     0.89134656 0.35066011  0.28729562  -337.48692 0.14678603  -0.82286800 0.54894607  289.87383 0.42889993  -0.44713020 -0.78493256 -172.41888 
614 'point symmetry operation' ?     ?     0.89348884 0.35703897  0.27239844  -340.45454 0.13059921  -0.78692716 0.60306741  289.65647 0.42967614  -0.50325901 -0.74973968 -160.41589 
615 'point symmetry operation' ?     ?     0.89585074 0.36239773  0.25713678  -343.30176 0.11442700  -0.74730179 0.65455815  288.61253 0.42936919  -0.55696302 -0.71093895 -148.42699 
616 'point symmetry operation' ?     ?     0.89842133 0.36671216  0.24158089  -346.01790 0.09834370  -0.70417534 0.70318279  286.74679 0.42798091  -0.60799647 -0.66870999 -136.50773 
617 'point symmetry operation' ?     ?     0.90118891 0.36996237  0.22580174  -348.59286 0.08242275  -0.65774399 0.74871876  284.06729 0.42551742  -0.65612586 -0.62324492 -124.71301 
618 'point symmetry operation' ?     ?     0.90414090 0.37213344  0.20987110  -351.01724 0.06673661  -0.60821865 0.79095850  280.58578 0.42198981  -0.70113182 -0.57475025 -113.09699 
619 'point symmetry operation' ?     ?     0.90726369 0.37321584  0.19386215  -353.28229 0.05135719  -0.55582790 0.82970947  276.31823 0.41741470  -0.74280906 -0.52344979 -101.71341 
620 'point symmetry operation' ?     ?     0.91054307 0.37320416  0.17784806  -355.37994 0.03635495  -0.50081011 0.86479299  271.28351 0.41181258  -0.78096559 -0.46957696 -90.61488  
621 'point symmetry operation' ?     ?     0.91396407 0.37209872  0.16190176  -357.30298 0.02179811  -0.44341640 0.89605015  265.50439 0.40520918  -0.81542846 -0.41337767 -79.85236  
622 'point symmetry operation' ?     ?     0.91751101 0.36990459  0.14609628  -359.04497 0.00775333  -0.38390968 0.92333790  259.00701 0.39763477  -0.84603994 -0.35510933 -69.47561  
623 'point symmetry operation' ?     ?     0.92116770 0.36663164  0.13050389  -360.60022 -0.00571510 -0.32256167 0.94653088  251.82063 0.38912384  -0.87265950 -0.29503803 -59.53259  
624 'point symmetry operation' ?     ?     0.92491748 0.36229499  0.11519552  -361.96403 -0.01854601 -0.25965196 0.96552435  243.97779 0.37971531  -0.89516678 -0.23343752 -50.06896  
625 'point symmetry operation' ?     ?     0.92874316 0.35691412  0.10024162  -363.13240 -0.03068018 -0.19546895 0.98022934  235.51390 0.36945203  -0.91345669 -0.17059022 -41.12888  
626 'point symmetry operation' ?     ?     0.93262725 0.35051417  0.08571016  -364.10243 -0.04206269 -0.13030594 0.99058125  226.46757 0.35838128  -0.92744827 -0.10678331 -32.75326  
627 'point symmetry operation' ?     ?     0.93655204 0.34312397  0.07166765  -364.87195 -0.05264127 -0.06446018 0.99653114  216.87957 0.34655332  -0.93707596 -0.04230786 -24.98106  
628 'point symmetry operation' ?     ?     0.94049951 0.33477739  0.05817857  -365.43976 -0.06236734 0.00176619  0.99805154  206.79355 0.33402240  -0.94229542 0.02254029  -17.84844  
629 'point symmetry operation' ?     ?     0.94445172 0.32551255  0.04530415  -365.80563 -0.07119684 0.06807203  0.99513632  196.25510 0.32084560  -0.94308370 0.08746625  -11.38820  
630 'point symmetry operation' ?     ?     0.94839060 0.31537201  0.03310309  -365.97028 -0.07908959 0.13415420  0.98779975  185.31219 0.30708330  -0.93943814 0.15217320  -5.63020   
631 'point symmetry operation' ?     ?     0.95229808 0.30440168  0.02163179  -365.93514 -0.08600881 0.19970960  0.97607263  174.01438 0.29279823  -0.93137259 0.21636432  -0.60176   
632 'point symmetry operation' ?     ?     0.95615638 0.29265200  0.01094205  -365.70282 -0.09192354 0.26443999  0.96001082  162.41298 0.27805572  -0.91892629 0.27974762  3.67414    
633 'point symmetry operation' ?     ?     0.95994780 0.28017682  0.00108304  -365.27670 -0.09680652 0.32804815  0.93968764  150.56090 0.26292341  -0.90215593 0.34203205  7.17732    
634 'point symmetry operation' ?     ?     0.96365507 0.26703271  -0.00790027 -364.66100 -0.10063535 0.39024470  0.91519462  138.51164 0.24747001  -0.88113688 0.40293423  9.89124    
635 'point symmetry operation' ?     ?     0.96726125 0.25327993  -0.01596688 -363.86091 -0.10339266 0.45074515  0.88664449  126.32004 0.23176631  -0.85596599 0.46217561  11.80310   
636 'point symmetry operation' ?     ?     0.97074978 0.23898159  -0.02307978 -362.88244 -0.10506580 0.50927188  0.85416825  114.04171 0.21588435  -0.82675874 0.51948435  12.90366   
637 'point symmetry operation' ?     ?     0.97410476 0.22420269  -0.02920641 -361.73232 -0.10564695 0.56555807  0.81791307  101.73221 0.19989643  -0.79364741 0.57459918  13.18728   
638 'point symmetry operation' ?     ?     0.97731093 0.20901094  -0.03431924 -360.41823 -0.10513396 0.61934769  0.77804620  89.44744  0.18387560  -0.75678495 0.62726939  12.65256   
639 'point symmetry operation' ?     ?     0.98035355 0.19347562  -0.03839440 -358.94841 -0.10352864 0.67039353  0.73474823  77.24326  0.16789510  -0.71633814 0.67725292  11.30107   
640 'point symmetry operation' ?     ?     0.98321872 0.17766790  -0.04141333 -357.33197 -0.10083846 0.71846212  0.68821782  65.17521  0.15202813  -0.67249259 0.72432116  9.13862    
641 'point symmetry operation' ?     ?     0.98589338 0.16165994  -0.04336245 -355.57861 -0.09707587 0.76333470  0.63866775  53.29800  0.13634704  -0.62544886 0.76825991  6.17471    
642 'point symmetry operation' ?     ?     0.98836533 0.14552480  -0.04423278 -353.69867 -0.09225798 0.80480626  0.58632400  41.66552  0.12092341  -0.57542150 0.80886841  2.42237    
643 'point symmetry operation' ?     ?     0.99062321 0.12933630  -0.04402020 -351.70307 -0.08640670 0.84268648  0.53142574  30.33071  0.10582788  -0.52263903 0.84596031  -2.10184   
644 'point symmetry operation' ?     ?     0.99265673 0.11316845  -0.04272581 -349.60327 -0.07954889 0.87680271  0.47422426  19.34500  0.09112940  -0.46734310 0.87936655  -7.37760   
645 'point symmetry operation' ?     ?     0.99445660 0.09709516  -0.04035553 -347.41120 -0.07171593 0.90699898  0.41498104  8.75830   0.07689516  -0.40978649 0.90893441  -13.38128  
646 'point symmetry operation' ?     ?     0.99601458 0.08118992  -0.03692014 -345.13922 -0.06294353 0.93313697  0.35396680  -1.38131  0.06319028  -0.35023218 0.93452845  -20.08595  
647 'point symmetry operation' ?     ?     0.99732358 0.06552533  -0.03243547 -342.80003 -0.05327193 0.95509798  0.29146040  -11.02792 0.05007724  -0.28895241 0.95603243  -27.46136  
648 'point symmetry operation' ?     ?     0.99837765 0.05017283  -0.02692202 -340.40665 -0.04274524 0.97278196  0.22774702  -20.13789 0.03761585  -0.22622677 0.97334839  -35.47433  
649 'point symmetry operation' ?     ?     0.99917187 0.03520265  -0.02040457 -337.97230 -0.03141123 0.98610650  0.16311715  -28.66973 0.02586326  -0.16234113 0.98639563  -44.08899  
650 'point symmetry operation' ?     ?     0.99970267 0.02068354  -0.01291345 -335.51054 -0.01932229 0.99501176  0.09786839  -36.58472 0.01487330  -0.09758977 0.99511557  -53.26600  
651 'point symmetry operation' ?     ?     0.99996761 0.00668148  -0.00448247 -333.03486 -0.00653318 0.99945654  0.03229688  -43.84716 0.00469600  -0.03226653 0.99946785  -62.96425  
652 'point symmetry operation' ?     ?     0.99996550 -0.00673947 0.00484957  -330.55895 0.00689741  0.99942123  -0.03329700 -50.42420 -0.00462217 0.03332932  0.99943327  -73.13971  
653 'point symmetry operation' ?     ?     0.99969636 -0.01951815 0.01504019  -328.09640 0.02090831  0.99490581  -0.09861439 -56.28621 -0.01303871 0.09889892  0.99501183  -83.74653  
654 'point symmetry operation' ?     ?     0.99916140 -0.03159580 0.02604260  -325.66087 0.03543515  0.98593090  -0.16335506 -61.40653 -0.02051492 0.16414089  0.98622369  -94.73645  
655 'point symmetry operation' ?     ?     0.99836303 -0.04291714 0.03780666  -323.26584 0.05041165  0.97253672  -0.22722323 -65.76200 -0.02701648 0.22875719  0.97310825  -106.05980 
656 'point symmetry operation' ?     ?     0.99730499 -0.05343094 0.05027854  -320.92449 0.06576947  0.95478604  -0.28992858 -69.33342 -0.03251420 0.29245399  0.95572698  -117.66540 
657 'point symmetry operation' ?     ?     0.99599201 -0.06308888 0.06340150  -318.64989 0.08143860  0.93275832  -0.35118416 -72.10452 -0.03698259 0.35493993  0.93415767  -129.50080 
658 'point symmetry operation' ?     ?     0.99443012 -0.07184675 0.07711544  -316.45478 0.09734725  0.90655460  -0.41070948 -74.06297 -0.04040121 0.41592885  0.90849928  -141.51227 
659 'point symmetry operation' ?     ?     0.99262650 -0.07966459 0.09135745  -314.35153 0.11342255  0.87629555  -0.46823231 -75.20027 -0.04275460 0.47514180  0.87886995  -153.64526 
660 'point symmetry operation' ?     ?     0.99058935 -0.08650675 0.10606278  -312.35204 0.12959135  0.84211850  -0.52349064 -75.51149 -0.04403194 0.53230907  0.84540415  -165.84504 
661 'point symmetry operation' ?     ?     0.98832802 -0.09234180 0.12116389  -310.46785 0.14577941  0.80418040  -0.57623074 -74.99554 -0.04422736 0.58716819  0.80825557  -178.05607 
662 'point symmetry operation' ?     ?     0.98585281 -0.09714325 0.13659210  -308.70983 0.16191311  0.76265391  -0.62621290 -73.65513 -0.04334003 0.63946981  0.76759328  -190.22330 
663 'point symmetry operation' ?     ?     0.98317504 -0.10088921 0.15227678  -307.08836 0.17791863  0.71772933  -0.67320860 -71.49678 -0.04137408 0.68897476  0.72360363  -202.29152 
664 'point symmetry operation' ?     ?     0.98030695 -0.10356217 0.16814608  -305.61324 0.19372251  0.66961169  -0.71700135 -68.53049 -0.03833820 0.73545512  0.67648736  -214.20583 
665 'point symmetry operation' ?     ?     0.97726170 -0.10515055 0.18412766  -304.29344 0.20925293  0.61852171  -0.75739356 -64.77051 -0.03424678 0.77870095  0.62646060  -225.91257 
666 'point symmetry operation' ?     ?     0.97405307 -0.10564640 0.20014859  -303.13742 0.22443879  0.56469089  -0.79419860 -60.23385 -0.02911786 0.81851269  0.57375004  -237.35859 
667 'point symmetry operation' ?     ?     0.97069587 -0.10504804 0.21613542  -302.15272 0.23921066  0.50836742  -0.82724970 -54.94206 -0.02297548 0.85470972  0.51859871  -248.49208 
668 'point symmetry operation' ?     ?     0.96720529 -0.10335751 0.23201529  -301.34626 0.25350097  0.44980636  -0.85639388 -48.91910 -0.01584701 0.88712482  0.46125636  -259.26256 
669 'point symmetry operation' ?     ?     0.96359748 -0.10058334 0.24771529  -300.72397 0.26724439  0.38927844  -0.88149996 -42.19350 -0.00776590 0.91561167  0.40198808  -269.62128 
670 'point symmetry operation' ?     ?     0.95988874 -0.09673786 0.26316426  -300.29102 0.28037854  0.32705737  -0.90245331 -34.79589 0.00123147  0.94004037  0.34106188  -279.52169 
671 'point symmetry operation' ?     ?     0.95609610 -0.09183837 0.27829110  -300.05181 0.29284283  0.26342861  -0.91915615 -26.76037 0.01110404  0.96029717  0.27875729  -288.91861 
672 'point symmetry operation' ?     ?     0.95223692 -0.08590773 0.29302684  -300.00968 0.30458062  0.19868350  -0.93153412 -18.12430 0.02180633  0.97629147  0.21535958  -297.76981 
673 'point symmetry operation' ?     ?     0.94832880 -0.07897274 0.30730410  -300.16719 0.31553812  0.13311732  -0.93952950 -8.92725  0.03328968  0.98794903  0.15115789  -306.03519 
674 'point symmetry operation' ?     ?     0.94438957 -0.07106508 0.32105776  -300.52595 0.32566536  0.06702926  -0.94310600 0.78845   0.04550169  0.99521687  0.08644518  -313.67756 
675 'point symmetry operation' ?     ?     0.94043730 -0.06222115 0.33422482  -301.08663 0.33491603  0.00072244  -0.94224784 10.97785  0.05838624  0.99806225  0.02151826  -320.66244 
676 'point symmetry operation' ?     ?     0.93649000 -0.05248118 0.34674524  -301.84902 0.34324791  -0.06550099 -0.93695859 21.59423  0.07188467  0.99647190  -0.04332701 -326.95841 
677 'point symmetry operation' ?     ?     0.93256574 -0.04188951 0.35856153  -302.81200 0.35062261  -0.13133793 -0.92726129 32.58877  0.08593537  0.99045190  -0.10779382 -332.53696 
678 'point symmetry operation' ?     ?     0.92868241 -0.03049483 0.36962011  -303.97342 0.35700692  -0.19648818 -0.91320214 43.91081  0.10047399  0.98003171  -0.17158823 -337.37344 
679 'point symmetry operation' ?     ?     0.92485779 -0.01834917 0.37987027  -305.33035 0.36237147  -0.26065353 -0.89484480 55.50827  0.11543408  0.96525832  -0.23441825 -341.44608 
680 'point symmetry operation' ?     ?     0.92110941 -0.00550797 0.38926480  -306.87894 0.36669141  -0.32353970 -0.87227220 67.32775  0.13074720  0.94619820  -0.29599571 -344.73648 
681 'point symmetry operation' ?     ?     0.91745429 0.00797015  0.39776128  -308.61441 0.36994743  -0.38486122 -0.84558836 79.31511  0.14634363  0.92293947  -0.35604107 -347.23043 
682 'point symmetry operation' ?     ?     0.91390916 0.02202350  0.40532088  -310.53115 0.37212470  -0.44433753 -0.81491563 91.41516  0.16215197  0.89558877  -0.41427963 -348.91702 
683 'point symmetry operation' ?     ?     0.91049027 0.03658783  0.41190879  -312.62275 0.37321302  -0.50169592 -0.78039359 103.57218 0.17809988  0.86427046  -0.47044435 -349.78884 
684 'point symmetry operation' ?     ?     0.90721329 0.05159650  0.41749474  -314.88199 0.37320729  -0.55667350 -0.74217996 115.73016 0.19411434  0.82912760  -0.52427779 -349.84231 
685 'point symmetry operation' ?     ?     0.90409301 0.06698148  0.42205370  -317.30091 0.37210781  -0.60902207 -0.70044859 127.83377 0.21012287  0.79032015  -0.57553694 -349.07784 
686 'point symmetry operation' ?     ?     0.90114388 0.08267178  0.42556442  -319.87073 0.36991946  -0.65849934 -0.65539157 139.82676 0.22605152  0.74802667  -0.62398455 -347.49930 
687 'point symmetry operation' ?     ?     0.89837929 0.09859584  0.42801118  -322.58202 0.36665250  -0.70488066 -0.60721507 151.65417 0.24182774  0.70244078  -0.66940063 -345.11458 
688 'point symmetry operation' ?     ?     0.89581192 0.11468111  0.42938238  -325.42479 0.36232137  -0.74795316 -0.55613752 163.26167 0.25737951  0.65376904  -0.71157676 -341.93469 
689 'point symmetry operation' ?     ?     0.89345341 0.13085410  0.42967222  -328.38835 0.35694631  -0.78752163 -0.50239337 174.59602 0.27263592  0.60223498  -0.75032178 -337.97496 
690 'point symmetry operation' ?     ?     0.89131464 0.14704064  0.42887906  -331.46147 0.35055167  -0.82340361 -0.44622837 185.60483 0.28752692  0.54807416  -0.78545702 -333.25383 
691 'point symmetry operation' ?     ?     0.88940531 0.16316689  0.42700680  -334.63244 0.34316688  -0.85543626 -0.38789934 196.23762 0.30198465  0.49153430  -0.81682305 -327.79347 
692 'point symmetry operation' ?     ?     0.88773419 0.17915933  0.42406361  -337.88915 0.33482528  -0.88347243 -0.32767141 206.44548 0.31594310  0.43287233  -0.84427576 -321.61904 
693 'point symmetry operation' ?     ?     0.88630889 0.19494458  0.42006335  -341.21898 0.32556547  -0.90738460 -0.26582178 216.18135 0.32933833  0.37235830  -0.86769029 -314.75958 
694 'point symmetry operation' ?     ?     0.88513595 0.21045063  0.41502404  -344.60907 0.31542947  -0.92706289 -0.20263198 225.40040 0.34210914  0.31026764  -0.88695906 -307.24668 
695 'point symmetry operation' ?     ?     0.88422075 0.22560658  0.40896862  -348.04628 0.30446355  -0.94241706 -0.13839080 234.06014 0.35419713  0.24688406  -0.90199370 -299.11513 
696 'point symmetry operation' ?     ?     0.88356739 0.24034329  0.40192514  -351.51721 0.29271812  -0.95337843 -0.07339222 242.12084 0.36554729  0.18249772  -0.91272696 -290.40277 
697 'point symmetry operation' ?     ?     0.88317896 0.25459328  0.39392531  -355.00834 0.28024645  -0.95989503 -0.00793266 249.54511 0.37610745  0.11740214  -0.91910794 -281.14962 
698 'point symmetry operation' ?     ?     0.88305711 0.26829164  0.38500623  -358.50605 0.26710598  -0.96193937 0.05768825  256.29900 0.38582975  0.05189542  -0.92110974 -271.39874 
699 'point symmetry operation' ?     ?     0.88320253 0.28137539  0.37520820  -361.99666 0.25335646  -0.95949970 0.12317035  262.35090 0.39466924  -0.01372295 -0.91872083 -261.19497 
700 'point symmetry operation' ?     ?     0.88361446 0.29378510  0.36457622  -365.46658 0.23906080  -0.95258875 0.18821513  267.67315 0.40258594  -0.07915374 -0.91195371 -250.58547 
701 'point symmetry operation' ?     ?     0.88429109 0.30546376  0.35315875  -368.90226 0.22428433  -0.94123695 0.25252458  272.24084 0.40954335  -0.14409724 -0.90083815 -239.61919 
702 'point symmetry operation' ?     ?     0.88522927 0.31635841  0.34100799  -372.29038 0.20909444  -0.92549726 0.31580619  276.03306 0.41551006  -0.20825798 -0.88542601 -228.34662 
703 'point symmetry operation' ?     ?     0.88642472 0.32641885  0.32817967  -375.61772 0.19356089  -0.90544129 0.37776889  279.03193 0.42045849  -0.27134091 -0.86578743 -216.82002 
704 'point symmetry operation' ?     ?     0.88787195 0.33559946  0.31473232  -378.87146 0.17775445  -0.88116126 0.43813098  281.22364 0.42436634  -0.33305915 -0.84201269 -205.09238 
705 'point symmetry operation' ?     ?     0.88956441 0.34385785  0.30072740  -382.03899 0.16174750  -0.85276704 0.49661509  282.59752 0.42721533  -0.39312922 -0.81420937 -193.21787 
706 'point symmetry operation' ?     ?     0.89149438 0.35115667  0.28622853  -385.10827 0.14561274  -0.82038811 0.55295606  283.14713 0.42899267  -0.45127870 -0.78250427 -181.25090 
707 'point symmetry operation' ?     ?     0.89365297 0.35746224  0.27130255  -388.06749 0.12942451  -0.78417358 0.60689412  282.86957 0.42969015  -0.50723952 -0.74704340 -169.24709 
708 'point symmetry operation' ?     ?     0.89603037 0.36274620  0.25601714  -390.90559 0.11325616  -0.74428825 0.65818548  281.76595 0.42930482  -0.56075867 -0.70798812 -157.26130 
709 'point symmetry operation' ?     ?     0.89861563 0.36698394  0.24044282  -393.61179 0.09718236  -0.70091557 0.70659268  279.84084 0.42783823  -0.61158843 -0.66551806 -145.34937 
710 'point symmetry operation' ?     ?     0.90139706 0.37015635  0.22465000  -396.17617 0.08127576  -0.65425173 0.75189705  277.10267 0.42529707  -0.65949920 -0.61982534 -133.56561 
711 'point symmetry operation' ?     ?     0.90436186 0.37224885  0.20871136  -398.58928 0.06560956  -0.60451156 0.79389015  273.56371 0.42169305  -0.70427052 -0.57112030 -121.96473 
712 'point symmetry operation' ?     ?     0.90749653 0.37325185  0.19269957  -400.84243 0.05025520  -0.55192167 0.83238036  269.23972 0.41704254  -0.74569813 -0.51962485 -110.60011 
713 'point symmetry operation' ?     ?     0.91078666 0.37316093  0.17668796  -402.92767 0.03528295  -0.49672338 0.86719200  264.15031 0.41136702  -0.78359286 -0.46557528 -99.52422  
714 'point symmetry operation' ?     ?     0.91421736 0.37197606  0.16074940  -404.83776 0.02076109  -0.43916683 0.89816516  258.31801 0.40469191  -0.81778083 -0.40921654 -88.78807  
715 'point symmetry operation' ?     ?     0.91777284 0.36970321  0.14495689  -406.56637 0.00675595  -0.37951689 0.92515975  251.76955 0.39704826  -0.84810715 -0.35080796 -78.44116  
716 'point symmetry operation' ?     ?     0.92143685 0.36635256  0.12938276  -408.10789 -0.00666824 -0.31804626 0.94805142  244.53446 0.38847089  -0.87443225 -0.29061659 -68.53143  
717 'point symmetry operation' ?     ?     0.92519271 0.36193943  0.11409780  -409.45764 -0.01945051 -0.25503453 0.96673639  236.64533 0.37899886  -0.89663672 -0.22891618 -59.10436  
718 'point symmetry operation' ?     ?     0.92902318 0.35648384  0.09917238  -410.61171 -0.03153190 -0.19077107 0.98112765  228.13796 0.36867550  -0.91461741 -0.16599011 -50.20391  
719 'point symmetry operation' ?     ?     0.93291084 0.35001097  0.08467413  -411.56725 -0.04285783 -0.12554823 0.99116156  219.05089 0.35754803  -0.92829433 -0.10212461 -41.87077  
720 'point symmetry operation' ?     ?     0.93683785 0.34255014  0.07066982  -412.32214 -0.05337596 -0.05966519 0.99679021  209.42529 0.34566723  -0.93760285 -0.03761265 -34.14393  
721 'point symmetry operation' ?     ?     0.94078632 0.33413555  0.05722313  -412.87531 -0.06303857 0.00657786  0.99798897  199.30478 0.33308737  -0.94250160 0.02725182  -27.05892  
722 'point symmetry operation' ?     ?     0.94473817 0.32480578  0.04439552  -413.22657 -0.07180153 0.07287781  0.99475273  188.73538 0.31986606  -0.94296854 0.09217202  -20.64857  
723 'point symmetry operation' ?     ?     0.94867536 0.31460338  0.03224571  -413.37663 -0.07962466 0.13893154  0.98709578  177.76504 0.30606370  -0.93900100 0.15685111  -14.94275  
724 'point symmetry operation' ?     ?     0.95257991 0.30357481  0.02082915  -413.32712 -0.08647225 0.20443788  0.97505273  166.44340 0.29174315  -0.93061680 0.22099421  -9.96799   
725 'point symmetry operation' ?     ?     0.95643395 0.29177074  0.01019804  -413.08063 -0.09231305 0.26909666  0.95867951  154.82209 0.27697016  -0.91785507 0.28430739  -5.74746   
726 'point symmetry operation' ?     ?     0.96021981 0.27924492  0.00040133  -412.64056 -0.09711996 0.33261163  0.93804940  142.95385 0.26181215  -0.90077258 0.34650056  -2.30124   
727 'point symmetry operation' ?     ?     0.96392030 0.26605477  -0.00851686 -412.01134 -0.10087170 0.39469439  0.91325875  130.89251 0.24633834  -0.87944955 0.40729132  0.35496    
728 'point symmetry operation' ?     ?     0.96751846 0.25226035  -0.01651541 -411.19810 -0.10355069 0.45506044  0.88441935  118.69283 0.23061938  -0.85398187 0.46640110  2.20821    
729 'point symmetry operation' ?     ?     0.97099787 0.23792470  -0.02355783 -410.20690 -0.10514476 0.51343414  0.85166307  106.41019 0.21472707  -0.82448605 0.52355999  3.24961    
730 'point symmetry operation' ?     ?     0.97434256 0.22311356  -0.02961178 -409.04462 -0.10564655 0.56954768  0.81514005  94.10061  0.19873430  -0.79109723 0.57850576  3.47386    
731 'point symmetry operation' ?     ?     0.97753733 0.20789448  -0.03464993 -407.71892 -0.10505403 0.62314601  0.77501750  81.81982  0.18271394  -0.75396841 0.63098866  2.87967    
732 'point symmetry operation' ?     ?     0.98056756 0.19233709  -0.03864919 -406.23819 -0.10336989 0.67398388  0.73147889  69.62368  0.16673926  -0.71326933 0.68076856  1.46926    
733 'point symmetry operation' ?     ?     0.98341934 0.17651236  -0.04159089 -404.61147 -0.10060139 0.72182783  0.68472187  57.56762  0.15088332  -0.66918463 0.72761683  -0.75173   
734 'point symmetry operation' ?     ?     0.98607967 0.16049271  -0.04346189 -402.84857 -0.09676153 0.76646008  0.63496115  45.70639  0.13521854  -0.62191684 0.77132025  -3.77338   
735 'point symmetry operation' ?     ?     0.98853647 0.14435112  -0.04425376 -400.95985 -0.09186786 0.80767757  0.58242365  34.09368  0.11981627  -0.57168152 0.81167996  -7.58234   
736 'point symmetry operation' ?     ?     0.99077839 0.12816183  -0.04396263 -398.95633 -0.08594270 0.84528998  0.52735045  22.78260  0.10474741  -0.51870915 0.84850963  -12.16171  
737 'point symmetry operation' ?     ?     0.99279525 0.11199836  -0.04258987 -396.84942 -0.07901298 0.87912664  0.46999182  11.82421  0.09008040  -0.46324046 0.88164211  -17.49116  
738 'point symmetry operation' ?     ?     0.99457787 0.09593477  -0.04014206 -394.65115 -0.07111074 0.90903352  0.41061114  1.26828   0.07588232  -0.40553022 0.91092661  -23.54654  
739 'point symmetry operation' ?     ?     0.99611801 0.08004453  -0.03662995 -392.37386 -0.06227170 0.93487231  0.34947910  -8.83709  0.06221828  -0.34584141 0.93622767  -30.30093  
740 'point symmetry operation' ?     ?     0.99740872 0.06439999  -0.03206979 -390.03026 -0.05253636 0.95652628  0.28687455  -18.44633 0.04915039  -0.28444633 0.95743100  -37.72388  
741 'point symmetry operation' ?     ?     0.99844407 0.04907284  -0.02648254 -387.63344 -0.04194936 0.97389634  0.22308455  -27.51572 0.03673853  -0.22162653 0.97443958  -45.78181  
742 'point symmetry operation' ?     ?     0.99921929 0.03413326  -0.01989349 -385.19667 -0.03055894 0.98690207  0.15840050  -36.00401 0.02503960  -0.15766892 0.98717465  -54.43850  
743 'point symmetry operation' ?     ?     0.99973086 0.01964944  -0.01233289 -382.73344 -0.01841722 0.99548459  0.09311806  -43.87281 0.01410697  -0.09286586 0.99557856  -63.65480  
744 'point symmetry operation' ?     ?     0.99997649 0.00568719  -0.00383529 -380.25726 -0.00557957 0.99960565  0.02753425  -51.08678 0.00399023  -0.02751222 0.99961386  -73.38917  
745 'point symmetry operation' ?     ?     0.99995498 -0.00768913 0.00556059  -377.78186 0.00789526  0.99924465  -0.03804956 -57.61284 -0.00526382 0.03809175  0.99926037  -83.59754  
746 'point symmetry operation' ?     ?     0.99966648 -0.02041854 0.01581156  -375.32088 0.02194550  0.99440454  -0.10333363 -63.42170 -0.01361313 0.10364616  0.99452098  -94.23358  
747 'point symmetry operation' ?     ?     0.99911228 -0.03244322 0.02687115  -372.88781 0.03650743  0.98510689  -0.16802163 -68.48726 -0.02101972 0.16885348  0.98541683  -105.24954 
748 'point symmetry operation' ?     ?     0.99829497 -0.04370788 0.03868841  -370.49620 0.05151399  0.97139487  -0.23181591 -72.78661 -0.02744960 0.23341364  0.97199016  -116.59517 
749 'point symmetry operation' ?     ?     0.99721822 -0.05416098 0.05120954  -368.15928 0.06689678  0.95333027  -0.29442516 -76.30032 -0.03287324 0.29703188  0.95430151  -128.21922 
750 'point symmetry operation' ?     ?     0.99588699 -0.06375511 0.06437732  -365.89002 0.08258562  0.93099649  -0.35556449 -79.01291 -0.03726619 0.35941866  0.93243251  -140.06914 
751 'point symmetry operation' ?     ?     0.99430733 -0.07244607 0.07813163  -363.70117 0.09850874  0.90449456  -0.41495339 -80.91205 -0.04060803 0.42028782  0.90648211  -152.09121 
752 'point symmetry operation' ?     ?     0.99248646 -0.08019424 0.09240953  -361.60505 0.11459334  0.87394612  -0.47232065 -81.98949 -0.04288360 0.47936137  0.87656941  -164.23093 
753 'point symmetry operation' ?     ?     0.99043271 -0.08696423 0.10714585  -359.61357 0.13076600  0.83949048  -0.52740431 -82.24062 -0.04408248 0.53636953  0.84283082  -176.43336 
754 'point symmetry operation' ?     ?     0.98815553 -0.09272527 0.12227298  -357.73816 0.14695259  0.80128654  -0.57995262 -81.66483 -0.04419947 0.59105171  0.80542193  -188.64307 
755 'point symmetry operation' ?     ?     0.98566523 -0.09745088 0.13772222  -355.98969 0.16307951  0.75950695  -0.62972589 -80.26484 -0.04323373 0.64315857  0.76451182  -200.80500 
756 'point symmetry operation' ?     ?     0.98297320 -0.10111930 0.15342275  -354.37854 0.17907281  0.71434302  -0.67649561 -78.04734 -0.04118958 0.69245091  0.72028778  -212.86385 
757 'point symmetry operation' ?     ?     0.98009184 -0.10371421 0.16930268  -352.91435 0.19485941  0.66600270  -0.72004927 -75.02314 -0.03807685 0.73870461  0.67295347  -224.76502 
758 'point symmetry operation' ?     ?     0.97703418 -0.10522317 0.18528966  -351.60620 0.21036717  0.61470475  -0.76018629 -71.20591 -0.03390912 0.78170687  0.62272307  -236.45458 
759 'point symmetry operation' ?     ?     0.97381433 -0.10563989 0.20131049  -350.46234 0.22552530  0.56068558  -0.79672505 -66.61392 -0.02870609 0.82126286  0.56982809  -247.87966 
760 'point symmetry operation' ?     ?     0.97044689 -0.10496191 0.21729201  -349.49039 0.24026438  0.50419044  -0.82949675 -61.26806 -0.02249096 0.85719008  0.51450866  -258.98841 
761 'point symmetry operation' ?     ?     0.96694731 -0.10319277 0.23316127  -348.69705 0.25451732  0.44547831  -0.85835339 -55.19337 -0.01529253 0.88932607  0.45701838  -269.73074 
762 'point symmetry operation' ?     ?     0.96333155 -0.10034022 0.24884568  -348.08833 0.26821876  0.38481698  -0.88316173 -48.41774 -0.00714341 0.91752264  0.39761947  -280.05787 
763 'point symmetry operation' ?     ?     0.95961621 -0.09641765 0.26427339  -347.66932 0.28130608  0.32248506  -0.90380925 -40.97276 0.00191877  0.94165169  0.33658473  -289.92307 
764 'point symmetry operation' ?     ?     0.95581813 -0.09144255 0.27937429  -347.44429 0.29371966  0.25876507  -0.92020097 -32.89237 0.01185314  0.96160247  0.27419080  -299.28188 
765 'point symmetry operation' ?     ?     0.95195479 -0.08543787 0.29407888  -347.41661 0.30540240  0.19395031  -0.93226164 -24.21412 0.02261393  0.97728336  0.21072489  -308.09175 
766 'point symmetry operation' ?     ?     0.94804381 -0.07843118 0.30832034  -347.58868 0.31630132  0.12833606  -0.93993741 -14.97797 0.03415198  0.98862400  0.14647613  -316.31316 
767 'point symmetry operation' ?     ?     0.94410306 -0.07045450 0.32203349  -347.96206 0.32636651  0.06222250  -0.94319300 -5.22650  0.04641451  0.99557234  0.08173845  -323.90898 
768 'point symmetry operation' ?     ?     0.94015050 -0.06154397 0.33515571  -348.53741 0.33555191  -0.00408923 -0.94201255 4.99564   0.05934582  0.99809572  0.01680673  -330.84490 
769 'point symmetry operation' ?     ?     0.93620431 -0.05174080 0.34762681  -349.31439 0.34381551  -0.07029402 -0.93640264 15.64097  0.07288626  0.99618367  -0.04802029 -337.08969 
770 'point symmetry operation' ?     ?     0.93228239 -0.04108914 0.35939001  -350.29185 0.35111951  -0.13609171 -0.92638720 26.66106  0.08697463  0.98984334  -0.11244867 -342.61527 
771 'point symmetry operation' ?     ?     0.92840274 -0.02963835 0.37039162  -351.46754 0.35743084  -0.20118016 -0.91201443 38.00475  0.10154594  0.97910607  -0.17618258 -347.39708 
772 'point symmetry operation' ?     ?     0.92458309 -0.01744032 0.38058112  -352.83852 0.36272027  -0.26526214 -0.89334794 49.62009  0.11653393  0.96401887  -0.23893095 -351.41345 
773 'point symmetry operation' ?     ?     0.92084085 -0.00455081 0.38991210  -354.40083 0.36696379  -0.32804530 -0.87047353 61.45372  0.13187013  0.94465120  -0.30040754 -354.64664 
774 'point symmetry operation' ?     ?     0.91719316 0.00897109  0.39834190  -356.14964 0.37014204  -0.38924224 -0.84349626 73.45108  0.14748429  0.92109206  -0.36033092 -357.08237 
775 'point symmetry operation' ?     ?     0.91365668 0.02306381  0.40583187  -358.07933 0.37224032  -0.44857337 -0.81253842 85.55714  0.16330522  0.89344815  -0.41842731 -358.70985 
776 'point symmetry operation' ?     ?     0.91024755 0.03766259  0.41234815  -360.18333 0.37324948  -0.50576794 -0.77774344 97.71610  0.17926040  0.86184776  -0.47443162 -359.52246 
777 'point symmetry operation' ?     ?     0.90698145 0.05270098  0.41786032  -362.45446 0.37316424  -0.56056305 -0.73926807 109.87206 0.19527695  0.82643296  -0.52808640 -359.51645 
778 'point symmetry operation' ?     ?     0.90387316 0.06811036  0.42234377  -364.88462 0.37198549  -0.61271052 -0.69728906 121.96939 0.21128198  0.78736664  -0.57914864 -358.69271 
779 'point symmetry operation' ?     ?     0.90093695 0.08382013  0.42577782  -367.46503 0.36971850  -0.66197099 -0.65199843 133.95228 0.22720211  0.74482743  -0.62738396 -357.05539 
780 'point symmetry operation' ?     ?     0.89818627 0.09975841  0.42814672  -370.18623 0.36637361  -0.70811884 -0.60360333 145.76556 0.24296447  0.69900991  -0.67257143 -354.61243 
781 'point symmetry operation' ?     ?     0.89563364 0.11585245  0.42943983  -373.03810 0.36196624  -0.75094414 -0.55232503 157.35504 0.25849719  0.65012361  -0.71450550 -351.37558 
782 'point symmetry operation' ?     ?     0.89329074 0.13202882  0.42965104  -376.00998 0.35651632  -0.79025070 -0.49839705 168.66743 0.27372933  0.59839109  -0.75299405 -347.35994 
783 'point symmetry operation' ?     ?     0.89116828 0.14821357  0.42877943  -379.09061 0.35004879  -0.82585899 -0.44206600 179.65072 0.28859125  0.54404893  -0.78786130 -342.58438 
784 'point symmetry operation' ?     ?     0.88927597 0.16433264  0.42682901  -382.26823 0.34259327  -0.85760617 -0.38358969 190.25431 0.30301498  0.48734586  -0.81894780 -337.07123 
785 'point symmetry operation' ?     ?     0.88762245 0.18031241  0.42380865  -385.53066 0.33418378  -0.88534707 -0.32323513 200.42942 0.31693460  0.42854076  -0.84611138 -330.84614 
786 'point symmetry operation' ?     ?     0.88621527 0.19607979  0.41973224  -388.86530 0.32485884  -0.90895513 -0.26127852 210.12923 0.33028650  0.36790277  -0.86922814 -323.93810 
787 'point symmetry operation' ?     ?     0.88506087 0.21156288  0.41461832  -392.25928 0.31466095  -0.92832245 -0.19800232 219.30914 0.34300974  0.30570833  -0.88819242 -316.37905 
788 'point symmetry operation' ?     ?     0.88416450 0.22669082  0.40849036  -395.69939 0.30363683  -0.94336075 -0.13369622 227.92684 0.35504617  0.24224218  -0.90291775 -308.20413 
789 'point symmetry operation' ?     ?     0.88353026 0.24139449  0.40137642  -399.17224 0.29183691  -0.95400135 -0.06865419 235.94262 0.36634075  0.17779449  -0.91333691 -299.45119 
790 'point symmetry operation' ?     ?     0.88316113 0.25560646  0.39330872  -402.66427 0.27931491  -0.96019422 -0.00317359 243.31929 0.37684160  0.11265979  -0.91940091 -290.16057 
791 'point symmetry operation' ?     ?     0.88305869 0.26926237  0.38432427  -406.16195 0.26612802  -0.96191289 0.06244792  250.02325 0.38650129  0.04713427  -0.92108380 -280.37516 
792 'point symmetry operation' ?     ?     0.88322346 0.28229924  0.37446425  -409.65151 0.25233677  -0.95914851 0.12790834  256.02316 0.39527521  -0.01848055 -0.91837695 -270.14038 
793 'point symmetry operation' ?     ?     0.88365469 0.29465763  0.36377365  -413.11938 0.23800410  -0.95191384 0.19290914  261.29136 0.40312335  -0.08388545 -0.91129285 -259.50339 
794 'point symmetry operation' ?     ?     0.88435038 0.30628133  0.35230122  -416.55208 0.22319531  -0.94024224 0.25715436  265.80360 0.41001007  -0.14878258 -0.89986414 -248.51315 
795 'point symmetry operation' ?     ?     0.88530739 0.31711700  0.34009944  -419.93621 0.20797821  -0.92418668 0.32034951  269.53876 0.41590369  -0.21287451 -0.88414271 -237.22045 
796 'point symmetry operation' ?     ?     0.88652131 0.32711508  0.32722416  -423.25864 0.19242242  -0.90382073 0.38220556  272.47947 0.42077730  -0.27586810 -0.86420059 -225.67743 
797 'point symmetry operation' ?     ?     0.88798661 0.33622991  0.31373423  -426.50651 0.17659905  -0.87923758 0.44243983  274.61197 0.42460863  -0.33747545 -0.84012904 -213.93735 
798 'point symmetry operation' ?     ?     0.88969655 0.34442007  0.29969127  -429.66734 0.16058028  -0.85055004 0.50077797  275.92635 0.42738041  -0.39741592 -0.81203851 -202.05423 
799 'point symmetry operation' ?     ?     0.89164342 0.35164783  0.28515920  -432.72901 0.14443921  -0.81788761 0.55695285  276.41596 0.42907957  -0.45541516 -0.78005581 -190.08276 
800 'point symmetry operation' ?     ?     0.89381821 0.35788038  0.27020480  -435.67985 0.12824985  -0.78140135 0.61070770  276.07852 0.42969870  -0.51120794 -0.74432886 -178.07834 
801 'point symmetry operation' ?     ?     0.89621105 0.36308908  0.25489624  -438.50870 0.11208608  -0.74125705 0.66179679  274.91507 0.42923477  -0.56453928 -0.70502000 -166.09621 
802 'point symmetry operation' ?     ?     0.89881098 0.36725013  0.23930349  -441.20496 0.09602178  -0.69763814 0.70998655  272.93059 0.42768988  -0.61516537 -0.66230884 -154.19161 
803 'point symmetry operation' ?     ?     0.90160616 0.37034462  0.22349766  -443.75867 0.08013020  -0.65074377 0.75505743  270.13386 0.42507116  -0.66285552 -0.61639038 -142.41931 
804 'point symmetry operation' ?     ?     0.90458376 0.37235835  0.20755117  -446.16046 0.06448415  -0.60078877 0.79680291  266.53735 0.42139058  -0.70739123 -0.56747499 -130.83371 
805 'point symmetry operation' ?     ?     0.90773018 0.37328201  0.19153705  -448.40167 0.04915532  -0.54800171 0.83503145  262.15714 0.41666492  -0.74856817 -0.51578647 -119.48840 
806 'point symmetry operation' ?     ?     0.91103107 0.37311165  0.17552806  -450.47445 0.03421325  -0.49262292 0.86957024  257.01295 0.41091587  -0.78620013 -0.46156016 -108.43530 
807 'point symmetry operation' ?     ?     0.91447131 0.37184777  0.15959782  -452.37159 0.01972677  -0.43490647 0.90025948  251.12792 0.40416962  -0.82011312 -0.40504484 -97.72581  
808 'point symmetry operation' ?     ?     0.91803521 0.36949626  0.14381880  -454.08679 0.00576174  -0.37511527 0.92696000  244.52860 0.39645698  -0.85015326 -0.34649794 -87.40910  
809 'point symmetry operation' ?     ?     0.92170646 0.36606804  0.12826313  -455.61457 -0.00761809 -0.31352300 0.94955039  237.24493 0.38781336  -0.87618386 -0.28618746 -77.53274  
810 'point symmetry operation' ?     ?     0.92546829 0.36157850  0.11300210  -456.95022 -0.02035125 -0.25041121 0.96792594  229.30974 0.37827809  -0.89808451 -0.22438908 -68.14258  
811 'point symmetry operation' ?     ?     0.92930355 0.35604818  0.09810515  -458.08999 -0.03237986 -0.18606731 0.98200348  220.75889 0.36789465  -0.91575597 -0.16138424 -59.28178  
812 'point symmetry operation' ?     ?     0.93319466 0.34950247  0.08364064  -459.03101 -0.04364875 -0.12078659 0.99171848  211.63129 0.35671070  -0.92911721 -0.09746207 -50.99147  
813 'point symmetry operation' ?     ?     0.93712383 0.34197135  0.06967459  -459.77131 -0.05410648 -0.05486726 0.99702688  201.96833 0.34477738  -0.93810751 -0.03291457 -43.30994  
814 'point symmetry operation' ?     ?     0.94107318 0.33348902  0.05627066  -460.30984 -0.06370537 0.01139051  0.99790405  191.81365 0.33214897  -0.94268550 0.03196432  -36.27273  
815 'point symmetry operation' ?     ?     0.94502457 0.32409438  0.04349039  -460.64645 -0.07240132 0.07768261  0.99434589  181.21351 0.31888341  -0.94283006 0.09687682  -29.91262  
816 'point symmetry operation' ?     ?     0.94896000 0.31383026  0.03139202  -460.78193 -0.08015470 0.14370691  0.98636858  170.21588 0.30504117  -0.93854053 0.16152710  -24.25907  
817 'point symmetry operation' ?     ?     0.95286145 0.30274383  0.02003078  -460.71805 -0.08693024 0.20916126  0.97400969  158.87088 0.29068573  -0.92983757 0.22561929  -19.33829  
818 'point symmetry operation' ?     ?     0.95671110 0.29088546  0.00945882  -460.45736 -0.09269666 0.27374647  0.95732413  147.22986 0.27588249  -0.91675941 0.28886043  -15.17348  
819 'point symmetry operation' ?     ?     0.96049141 0.27830960  -0.00027599 -460.00346 -0.09742810 0.33716825  0.93639000  135.34575 0.26069920  -0.89936769 0.35096234  -11.78377  
820 'point symmetry operation' ?     ?     0.96418500 0.26507348  -0.00912854 -459.36067 -0.10110227 0.39913525  0.91130082  123.27255 0.24520524  -0.87773966 0.41163976  -9.18563   
821 'point symmetry operation' ?     ?     0.96777509 0.25123755  -0.01705884 -458.53429 -0.10370282 0.45936592  0.88217215  111.06494 0.22947121  -0.85197516 0.47061698  -7.39109   
822 'point symmetry operation' ?     ?     0.97124526 0.23686525  -0.02403067 -457.53046 -0.10521795 0.51758463  0.84913784  98.77850  0.21356921  -0.82219265 0.52762411  -6.40876   
823 'point symmetry operation' ?     ?     0.97457960 0.22202219  -0.03001189 -456.35606 -0.10564044 0.57352454  0.81234798  86.46908  0.19757192  -0.78852729 0.58239986  -6.24382   
824 'point symmetry operation' ?     ?     0.97776291 0.20677632  -0.03497543 -455.01885 -0.10496866 0.62693060  0.77197173  74.19262  0.18155250  -0.75113402 0.63469449  -6.89728   
825 'point symmetry operation' ?     ?     0.98078063 0.19119693  -0.03889828 -453.52715 -0.10320523 0.67755854  0.72819154  62.00472  0.16558389  -0.71018165 0.68426883  -8.36698   
826 'point symmetry operation' ?     ?     0.98361896 0.17535572  -0.04176283 -451.89024 -0.10035868 0.72517687  0.68120989  49.96100  0.14973943  -0.66585971 0.73089617  -10.64631  
827 'point symmetry operation' ?     ?     0.98626491 0.15932471  -0.04355566 -450.11784 -0.09644159 0.76956780  0.63123953  38.11600  0.13409130  -0.61836879 0.77436329  -13.72565  
828 'point symmetry operation' ?     ?     0.98870645 0.14317734  -0.04426895 -448.22044 -0.09147228 0.81052925  0.57851026  26.52355  0.11871105  -0.56792741 0.81447230  -17.59111  
829 'point symmetry operation' ?     ?     0.99093241 0.12698725  -0.04389928 -446.20900 -0.08547324 0.84787386  0.52326212  15.23622  0.10366887  -0.51476515 0.85103973  -22.22566  
830 'point symmetry operation' ?     ?     0.99293260 0.11082856  -0.04244842 -444.09508 -0.07847201 0.88143094  0.46574828  4.30533   0.08903360  -0.45912563 0.88389846  -27.60850  
831 'point symmetry operation' ?     ?     0.99469786 0.09477513  -0.03992282 -441.89064 -0.07050042 0.91104647  0.40623116  -6.21942  0.07487221  -0.40126268 0.91289767  -33.71563  
832 'point symmetry operation' ?     ?     0.99622016 0.07890010  -0.03633414 -439.60808 -0.06159494 0.93658607  0.34498231  -16.29047 0.06124915  -0.34144033 0.93790577  -40.51958  
833 'point symmetry operation' ?     ?     0.99749251 0.06327633  -0.03169871 -437.26020 -0.05179632 0.95793201  0.28228253  -25.86188 0.04822701  -0.27993283 0.95880748  -47.98972  
834 'point symmetry operation' ?     ?     0.99850909 0.04797508  -0.02603774 -434.86004 -0.04114928 0.97498718  0.21841787  -34.89035 0.03586514  -0.21702079 0.97550772  -56.09241  
835 'point symmetry operation' ?     ?     0.99926530 0.03306628  -0.01937723 -432.42091 -0.02970264 0.98767409  0.15368063  -43.33499 0.02422002  -0.15299217 0.98793060  -64.79099  
836 'point symmetry operation' ?     ?     0.99975764 0.01861816  -0.01174744 -429.95629 -0.01750855 0.99593387  0.08836645  -51.15740 0.01334500  -0.08813934 0.99601849  -74.04629  
837 'point symmetry operation' ?     ?     0.99998392 0.00469624  -0.00318329 -427.47969 -0.00462262 0.99973023  0.02277230  -58.32256 0.00328928  -0.02275723 0.99973585  -83.81659  
838 'point symmetry operation' ?     ?     0.99994305 -0.00863518 0.00627596  -425.00489 0.00889592  0.99904453  -0.04279953 -64.79760 -0.00590057 0.04285290  0.99906442  -94.05745  
839 'point symmetry operation' ?     ?     0.99963520 -0.02131552 0.01658741  -422.54545 0.02298569  0.99387972  -0.10805124 -70.55342 -0.01418278 0.10839309  0.99400709  -104.72287 
840 'point symmetry operation' ?     ?     0.99906182 -0.03328676 0.02770359  -420.11496 0.03758199  0.98426031  -0.17268368 -75.56408 -0.02151954 0.17356281  0.98458787  -115.76433 
841 'point symmetry operation' ?     ?     0.99822551 -0.04449402 0.03957382  -417.72690 0.05261816  0.97022947  -0.23640113 -79.80688 -0.02787714 0.23806396  0.97084902  -127.13188 
842 'point symmetry operation' ?     ?     0.99713010 -0.05488655 0.05214401  -415.39441 0.06802577  0.95185195  -0.29891431 -83.26302 -0.03322689 0.30160361  0.95285395  -138.77428 
843 'point symmetry operation' ?     ?     0.99578063 -0.06441648 0.06535633  -413.13058 0.08373393  0.92921210  -0.35993545 -85.91691 -0.03754413 0.36388929  0.93068526  -150.63843 
844 'point symmetry operation' ?     ?     0.99418319 -0.07304033 0.07915087  -410.94804 0.09967133  0.90241196  -0.41918697 -87.75664 -0.04080903 0.42463773  0.90444285  -162.67095 
845 'point symmetry operation' ?     ?     0.99234520 -0.08071870 0.09346399  -408.85914 0.11576456  0.87157610  -0.47639678 -88.77434 -0.04300689 0.48356987  0.87424871  -174.81690 
846 'point symmetry operation' ?     ?     0.99027489 -0.08741664 0.10823113  -406.87566 0.13194093  0.83684283  -0.53130578 -88.96553 -0.04412751 0.54041889  0.84023827  -187.02189 
847 'point symmetry operation' ?     ?     0.98798187 -0.09310328 0.12338399  -405.00911 0.14812567  0.79837305  -0.58366037 -88.32971 -0.04416579 0.59492219  0.80256908  -199.22997 
848 'point symmetry operation' ?     ?     0.98547654 -0.09775278 0.13885379  -403.27028 0.16424529  0.75634136  -0.63322282 -86.87011 -0.04312155 0.64683232  0.76141210  -211.38621 
849 'point symmetry operation' ?     ?     0.98277036 -0.10134393 0.15456978  -401.66946 0.18022609  0.71094003  -0.67976662 -84.59375 -0.04099959 0.69591200  0.71695561  -223.43549 
850 'point symmetry operation' ?     ?     0.97987573 -0.10386019 0.17045994  -400.21632 0.19599481  0.66237703  -0.72307828 -81.51135 -0.03780960 0.74193613  0.66940325  -235.32306 
851 'point symmetry operation' ?     ?     0.97680585 -0.10529014 0.18645175  -398.91983 0.21147950  0.61087405  -0.76296020 -77.63734 -0.03356615 0.78469474  0.61897210  -246.99515 
852 'point symmetry operation' ?     ?     0.97357477 -0.10562734 0.20247219  -397.78820 0.22660951  0.55666654  -0.79923074 -72.98982 -0.02828873 0.82399303  0.56589269  -258.39899 
853 'point symmetry operation' ?     ?     0.97019722 -0.10487020 0.21844815  -396.82895 0.24131575  0.50000169  -0.83172408 -67.59028 -0.02200136 0.85965137  0.51040709  -269.48296 
854 'point symmetry operation' ?     ?     0.96668869 -0.10302199 0.23430621  -396.04886 0.25553057  0.44113947  -0.86029027 -61.46373 -0.01473275 0.89150530  0.45276984  -280.19659 
855 'point symmetry operation' ?     ?     0.96306515 -0.10009146 0.24997445  -395.45372 0.26918964  0.38034768  -0.88480096 -54.63854 -0.00651621 0.91941150  0.39324317  -290.49183 
856 'point symmetry operation' ?     ?     0.95934320 -0.09609180 0.26538090  -395.04865 0.28223012  0.31790491  -0.90514264 -47.14620 0.00261079  0.94324091  0.33209989  -300.32181 
857 'point symmetry operation' ?     ?     0.95553986 -0.09104130 0.28045513  -394.83784 0.29459239  0.25409663  -0.92122237 -39.02129 0.01260650  0.96288463  0.26961951  -309.64208 
858 'point symmetry operation' ?     ?     0.95167243 -0.08496290 0.29512852  -394.82457 0.30622016  0.18921320  -0.93296674 -30.30111 0.02342548  0.97825305  0.20608637  -318.41066 
859 'point symmetry operation' ?     ?     0.94775870 -0.07788478 0.30933379  -395.01119 0.31706022  0.12355284  -0.94032295 -21.02617 0.03501783  0.98927671  0.14179246  -326.58791 
860 'point symmetry operation' ?     ?     0.94381649 -0.06983902 0.32300610  -395.39923 0.32706302  0.05741475  -0.94325667 -11.23899 0.04733084  0.99590456  0.07703076  -334.13691 
861 'point symmetry operation' ?     ?     0.93986381 -0.06086248 0.33608305  -395.98920 0.33618295  -0.00889893 -0.94175499 -0.98467  0.06030820  0.99810681  0.01209712  -341.02374 
862 'point symmetry operation' ?     ?     0.93591873 -0.05099592 0.34850468  -396.78082 0.34437807  -0.07508509 -0.93582346 9.68973   0.07389076  0.99587209  -0.05271165 -347.21720 
863 'point symmetry operation' ?     ?     0.93199927 -0.04028474 0.36021455  -397.77270 0.35161131  -0.14084158 -0.92549090 20.73496  0.08801629  0.98921234  -0.11709969 -352.68975 
864 'point symmetry operation' ?     ?     0.92812336 -0.02877777 0.37115886  -398.96271 0.35784933  -0.20586725 -0.91080356 32.10023  0.10262023  0.97815699  -0.18077212 -357.41663 
865 'point symmetry operation' ?     ?     0.92430874 -0.01652750 0.38128750  -400.34774 0.36306350  -0.26986486 -0.89182795 43.73331  0.11763593  0.96275596  -0.24343788 -361.37664 
866 'point symmetry operation' ?     ?     0.92057281 -0.00359028 0.39055449  -401.92373 0.36723039  -0.33254208 -0.86865279 55.58052  0.13299450  0.94308162  -0.30481074 -364.55247 
867 'point symmetry operation' ?     ?     0.91693267 0.00997512  0.39891722  -403.68587 0.37033061  -0.39361247 -0.84138213 67.58758  0.14862601  0.91922204  -0.36461020 -366.92979 
868 'point symmetry operation' ?     ?     0.91340484 0.02410682  0.40633784  -405.62843 0.37235029  -0.45279841 -0.81014114 79.69946  0.16445924  0.89128686  -0.42256443 -368.49846 
869 'point symmetry operation' ?     ?     0.91000560 0.03873978  0.41278210  -407.74482 0.37328003  -0.50982720 -0.77507327 91.86006  0.18042131  0.85940432  -0.47840640 -369.25165 
870 'point symmetry operation' ?     ?     0.90675043 0.05380736  0.41822057  -410.02774 0.37311554  -0.56443887 -0.73633813 104.01365 0.19643948  0.82371950  -0.53188156 -369.18637 
871 'point symmetry operation' ?     ?     0.90365418 0.06924080  0.42262846  -412.46909 0.37185758  -0.61638426 -0.69411248 116.10443 0.21244068  0.78439525  -0.58274592 -368.30341 
872 'point symmetry operation' ?     ?     0.90073096 0.08496972  0.42598580  -415.06006 0.36951202  -0.66542696 -0.64858923 128.07699 0.22835196  0.74161127  -0.63076800 -366.60736 
873 'point symmetry operation' ?     ?     0.89799425 0.10092168  0.42827691  -417.79108 0.36608946  -0.71134035 -0.59997750 139.87578 0.24409999  0.69556402  -0.67572590 -364.10635 
874 'point symmetry operation' ?     ?     0.89545647 0.11702423  0.42949156  -420.65204 0.36160560  -0.75391649 -0.54849851 151.44694 0.25961329  0.64646311  -0.71741598 -360.81235 
875 'point symmetry operation' ?     ?     0.89312919 0.13320379  0.42962428  -423.63220 0.35608101  -0.79296112 -0.49438766 162.73729 0.27482100  0.59453309  -0.75564807 -356.74095 
876 'point symmetry operation' ?     ?     0.89102310 0.14938621  0.42867429  -426.72026 0.34954085  -0.82829474 -0.43789254 173.69470 0.28965339  0.54001152  -0.79024636 -351.91115 
877 'point symmetry operation' ?     ?     0.88914786 0.16549758  0.42664581  -429.90444 0.34201487  -0.85975548 -0.37927092 184.26874 0.30404264  0.48314713  -0.82105238 -346.34541 
878 'point symmetry operation' ?     ?     0.88751194 0.18146446  0.42354840  -433.17254 0.33353767  -0.88720110 -0.31879070 194.41101 0.31792329  0.42419988  -0.84792684 -340.06981 
879 'point symmetry operation' ?     ?     0.88612295 0.19721346  0.41939592  -436.51191 0.32414788  -0.91050409 -0.25672908 204.07442 0.33123139  0.36343984  -0.87074486 -333.11339 
880 'point symmetry operation' ?     ?     0.88498708 0.21267317  0.41420766  -439.90968 0.31388849  -0.92956044 -0.19336841 213.21498 0.34390680  0.30114357  -0.88940464 -325.50849 
881 'point symmetry operation' ?     ?     0.88410960 0.22777278  0.40800712  -443.35264 0.30280624  -0.94428188 -0.12899838 221.79039 0.35589132  0.23759580  -0.90381971 -317.29025 
882 'point symmetry operation' ?     ?     0.88349453 0.24244287  0.40082279  -446.82732 0.29095209  -0.95460072 -0.06391489 229.76091 0.36712987  0.17308866  -0.91392381 -308.49691 
883 'point symmetry operation' ?     ?     0.88314470 0.25661683  0.39268722  -450.32026 0.27837977  -0.96046988 0.00158675  237.08998 0.37757140  0.10791484  -0.91967082 -299.16883 
884 'point symmetry operation' ?     ?     0.88306167 0.27022969  0.38363783  -453.81777 0.26514704  -0.96186286 0.06720596  243.74373 0.38716808  0.04237343  -0.92103481 -289.34933 
885 'point symmetry operation' ?     ?     0.88324580 0.28321928  0.37371610  -457.30621 0.25131447  -0.95877378 0.13264275  249.69146 0.39587613  -0.02323590 -0.91801002 -279.08384 
886 'point symmetry operation' ?     ?     0.88369632 0.29552635  0.36296686  -460.77201 0.23694478  -0.95121539 0.19759959  254.90561 0.40365572  -0.08861491 -0.91060893 -268.41936 
887 'point symmetry operation' ?     ?     0.88441108 0.30709470  0.35143974  -464.20164 0.22210407  -0.93922399 0.26177863  259.36220 0.41047147  -0.15346372 -0.89886708 -257.40546 
888 'point symmetry operation' ?     ?     0.88538685 0.31787111  0.33918742  -467.58170 0.20686029  -0.92285354 0.32488542  263.04026 0.41629193  -0.21748488 -0.88283731 -246.09302 
889 'point symmetry operation' ?     ?     0.88661920 0.32780677  0.32626551  -470.89918 0.19128260  -0.90217858 0.38663386  265.92287 0.42109076  -0.28038812 -0.86259262 -234.53384 
890 'point symmetry operation' ?     ?     0.88810250 0.33685595  0.31273319  -474.14117 0.17544243  -0.87729329 0.44674035  267.99631 0.42484577  -0.34188457 -0.83822521 -222.78142 
891 'point symmetry operation' ?     ?     0.88982993 0.34497729  0.29865261  -477.29518 0.15941244  -0.84831245 0.50492959  269.25089 0.42753993  -0.40169253 -0.80984748 -210.89013 
892 'point symmetry operation' ?     ?     0.89179364 0.35213393  0.28408766  -480.34919 0.14326538  -0.81536749 0.56093746  269.68057 0.42916097  -0.45954053 -0.77758814 -198.91442 
893 'point symmetry operation' ?     ?     0.89398462 0.35829306  0.26910513  -483.29156 0.12707530  -0.77860950 0.61450715  269.28304 0.42970147  -0.51516332 -0.74159512 -186.90968 
894 'point symmetry operation' ?     ?     0.89639289 0.36342631  0.25377356  -486.11111 0.11091631  -0.73820623 0.66539300  268.05968 0.42915880  -0.56830589 -0.70203267 -174.93135 
895 'point symmetry operation' ?     ?     0.89900739 0.36751074  0.23816289  -488.79738 0.09486198  -0.69434306 0.71336441  266.01604 0.42753586  -0.61872727 -0.65908233 -163.03444 
896 'point symmetry operation' ?     ?     0.90181619 0.37052716  0.22234471  -491.34034 0.07898608  -0.64722012 0.75819990  263.16087 0.42483967  -0.66619480 -0.61294006 -151.27409 
897 'point symmetry operation' ?     ?     0.90480654 0.37246207  0.20639070  -493.73079 0.06336049  -0.59705127 0.79969684  259.50687 0.42108260  -0.71049391 -0.56381527 -139.70403 
898 'point symmetry operation' ?     ?     0.90796465 0.37330653  0.19037446  -495.96004 0.04805733  -0.54406801 0.83766373  255.07058 0.41628199  -0.75142017 -0.51193464 -128.37812 
899 'point symmetry operation' ?     ?     0.91127613 0.37305672  0.17436893  -498.02029 0.03314624  -0.48851166 0.87192781  249.87187 0.41045971  -0.78878734 -0.45753446 -117.34841 
900 'point symmetry operation' ?     ?     0.91472589 0.37171363  0.15844715  -499.90444 0.01869534  -0.43063532 0.90233216  243.93403 0.40364218  -0.82242436 -0.40086257 -106.66574 
901 'point symmetry operation' ?     ?     0.91829815 0.36928360  0.14268182  -501.60622 0.00477055  -0.37070384 0.92873864  237.28400 0.39586073  -0.85217829 -0.34217832 -96.37932  
902 'point symmetry operation' ?     ?     0.92197654 0.36577768  0.12714526  -503.12018 -0.00856423 -0.30899189 0.95102585  229.95187 0.38715098  -0.87791241 -0.28175065 -86.53684  
903 'point symmetry operation' ?     ?     0.92574433 0.36121193  0.11190803  -504.44177 -0.02124849 -0.24578004 0.96909296  221.97072 0.37755260  -0.89951020 -0.21985429 -77.18344  
904 'point symmetry operation' ?     ?     0.92958422 0.35560708  0.09704027  -505.56721 -0.03322372 -0.18135865 0.98285589  213.37674 0.36710952  -0.91687138 -0.15677357 -68.36272  
905 'point symmetry operation' ?     ?     0.93347866 0.34898881  0.08260988  -506.49370 -0.04443529 -0.11602201 0.99225203  204.20891 0.35586948  -0.92991688 -0.09279664 -60.11543  
906 'point symmetry operation' ?     ?     0.93740993 0.34138733  0.06868242  -507.21938 -0.05483231 -0.05006737 0.99723923  194.50866 0.34388370  -0.93858796 -0.02821457 -52.47947  
907 'point symmetry operation' ?     ?     0.94135998 0.33283765  0.05532183  -507.74326 -0.06436706 0.01620217  0.99779490  184.32026 0.33120732  -0.94284510 0.03667585  -45.49036  
908 'point symmetry operation' ?     ?     0.94531085 0.32337848  0.04258896  -508.06527 -0.07299607 0.08248545  0.99391581  173.68962 0.31789783  -0.94266824 0.10157971  -39.18044  
909 'point symmetry operation' ?     ?     0.94924440 0.31305310  0.03054228  -508.18622 -0.08067963 0.14847835  0.98561917  162.66512 0.30401624  -0.93805763 0.16619925  -33.57922  
910 'point symmetry operation' ?     ?     0.95314270 0.30190876  0.01923669  -508.10792 -0.08738281 0.21387973  0.97294349  151.29681 0.28962596  -0.92903493 0.23023957  -28.71266  
911 'point symmetry operation' ?     ?     0.95698791 0.28999661  0.00872379  -507.83312 -0.09307510 0.27839039  0.95594758  139.63643 0.27479295  -0.91564224 0.29340770  -24.60337  
912 'point symmetry operation' ?     ?     0.96076248 0.27737071  -0.00094827 -507.36531 -0.09773026 0.34171603  0.93470757  127.73672 0.25958468  -0.89793927 0.35541549  -21.27078  
913 'point symmetry operation' ?     ?     0.96444917 0.26408901  -0.00973545 -506.70904 -0.10132728 0.40356728  0.90932179  115.65185 0.24407083  -0.87600817 0.41597955  -18.73040  
914 'point symmetry operation' ?     ?     0.96803108 0.25021225  -0.01759739 -505.86960 -0.10384950 0.46366062  0.87990586  103.43680 0.22832240  -0.84994875 0.47482230  -16.99447  
915 'point symmetry operation' ?     ?     0.97149190 0.23580357  -0.02449824 -504.85315 -0.10528542 0.52172237  0.84659357  91.14687  0.21241109  -0.81987948 0.53167573  -16.07140  
916 'point symmetry operation' ?     ?     0.97481583 0.22092892  -0.03040668 -503.66668 -0.10562867 0.57748766  0.80953786  78.83787  0.19640962  -0.78593853 0.58628051  -15.96573  
917 'point symmetry operation' ?     ?     0.97798756 0.20565633  -0.03529509 -502.31791 -0.10487717 0.63069949  0.76890699  66.56595  0.18039138  -0.74827979 0.63838495  -16.67881  
918 'point symmetry operation' ?     ?     0.98099271 0.19005567  -0.03914175 -500.81539 -0.10303491 0.68111653  0.72488817  54.38673  0.16442944  -0.70707701 0.68775277  -18.20744  
919 'point symmetry operation' ?     ?     0.98381753 0.17419811  -0.04192895 -499.16829 -0.10011018 0.72850825  0.67768191  42.35550  0.14859667  -0.66251780 0.73415822  -20.54520  
920 'point symmetry operation' ?     ?     0.98644910 0.15815613  -0.04364389 -497.38648 -0.09611627 0.77265786  0.62750385  30.52693  0.13296546  -0.61480570 0.77738904  -23.68195  
921 'point symmetry operation' ?     ?     0.98887538 0.14200319  -0.04427875 -495.48043 -0.09107151 0.81336328  0.57458377  18.95483  0.11760736  -0.56415922 0.81724735  -27.60377  
922 'point symmetry operation' ?     ?     0.99108525 0.12581296  -0.04383042 -493.46117 -0.08499872 0.85043812  0.51916269  7.69174   0.10259252  -0.51080894 0.85355063  -32.29339  
923 'point symmetry operation' ?     ?     0.99306866 0.10965953  -0.04230122 -491.34027 -0.07792591 0.88371366  0.46149467  -3.21123  0.08798953  -0.45499952 0.88613368  -37.72966  
924 'point symmetry operation' ?     ?     0.99481655 0.09361646  -0.03969797 -489.12972 -0.06988518 0.91303784  0.40184207  -13.70472 0.07386495  -0.39698482 0.91484760  -43.88839  
925 'point symmetry operation' ?     ?     0.99632097 0.07775736  -0.03603294 -486.84203 -0.06091372 0.93827726  0.34047935  -23.74100 0.06028348  -0.33703184 0.93956177  -50.74157  
926 'point symmetry operation' ?     ?     0.99757495 0.06215457  -0.03132238 -484.48992 -0.05105201 0.95931518  0.27768532  -33.27449 0.04730723  -0.27541288 0.96016187  -58.25875  
927 'point symmetry operation' ?     ?     0.99857277 0.04687940  -0.02558781 -482.08645 -0.04034512 0.97605546  0.21374698  -42.26194 0.03499550  -0.21240956 0.97655377  -66.40605  
928 'point symmetry operation' ?     ?     0.99930992 0.03200172  -0.01885580 -479.64500 -0.02884234 0.98842257  0.14895754  -50.66267 0.02340451  -0.14831089 0.98866351  -75.14646  
929 'point symmetry operation' ?     ?     0.99978307 0.01758936  -0.01115714 -477.17903 -0.01659620 0.99636060  0.08361256  -58.43877 0.01258704  -0.08340929 0.99643633  -84.44052  
930 'point symmetry operation' ?     ?     0.99998994 0.00370850  -0.00252667 -474.70216 -0.00366246 0.99983127  0.01801101  -65.55467 0.00259296  -0.01800159 0.99983478  -94.24639 
# 
loop_
_struct_conf.conf_type_id 
_struct_conf.id 
_struct_conf.pdbx_PDB_helix_id 
_struct_conf.beg_label_comp_id 
_struct_conf.beg_label_asym_id 
_struct_conf.beg_label_seq_id 
_struct_conf.pdbx_beg_PDB_ins_code 
_struct_conf.end_label_comp_id 
_struct_conf.end_label_asym_id 
_struct_conf.end_label_seq_id 
_struct_conf.pdbx_end_PDB_ins_code 
_struct_conf.beg_auth_comp_id 
_struct_conf.beg_auth_asym_id 
_struct_conf.beg_auth_seq_id 
_struct_conf.end_auth_comp_id 
_struct_conf.end_auth_asym_id 
_struct_conf.end_auth_seq_id 
_struct_conf.pdbx_PDB_helix_class 
_struct_conf.details 
_struct_conf.pdbx_PDB_helix_length 
HELX_P HELX_P1 AA1 SER A 11 ? ASP A 21 ? SER N 11 ASP N 21 1 ? 11 
HELX_P HELX_P2 AA2 SER A 50 ? GLY A 62 ? SER N 50 GLY N 62 1 ? 13 
# 
_struct_conf_type.id          HELX_P 
_struct_conf_type.criteria    ? 
_struct_conf_type.reference   ? 
# 
_struct_sheet.id               AA1 
_struct_sheet.type             ? 
_struct_sheet.number_strands   2 
_struct_sheet.details          ? 
# 
_struct_sheet_order.sheet_id     AA1 
_struct_sheet_order.range_id_1   1 
_struct_sheet_order.range_id_2   2 
_struct_sheet_order.offset       ? 
_struct_sheet_order.sense        anti-parallel 
# 
loop_
_struct_sheet_range.sheet_id 
_struct_sheet_range.id 
_struct_sheet_range.beg_label_comp_id 
_struct_sheet_range.beg_label_asym_id 
_struct_sheet_range.beg_label_seq_id 
_struct_sheet_range.pdbx_beg_PDB_ins_code 
_struct_sheet_range.end_label_comp_id 
_struct_sheet_range.end_label_asym_id 
_struct_sheet_range.end_label_seq_id 
_struct_sheet_range.pdbx_end_PDB_ins_code 
_struct_sheet_range.beg_auth_comp_id 
_struct_sheet_range.beg_auth_asym_id 
_struct_sheet_range.beg_auth_seq_id 
_struct_sheet_range.end_auth_comp_id 
_struct_sheet_range.end_auth_asym_id 
_struct_sheet_range.end_auth_seq_id 
AA1 1 ILE A 24 ? VAL A 34 ? ILE N 24 VAL N 34 
AA1 2 ILE A 37 ? ILE A 48 ? ILE N 37 ILE N 48 
# 
_pdbx_struct_sheet_hbond.sheet_id                AA1 
_pdbx_struct_sheet_hbond.range_id_1              1 
_pdbx_struct_sheet_hbond.range_id_2              2 
_pdbx_struct_sheet_hbond.range_1_label_atom_id   N 
_pdbx_struct_sheet_hbond.range_1_label_comp_id   VAL 
_pdbx_struct_sheet_hbond.range_1_label_asym_id   A 
_pdbx_struct_sheet_hbond.range_1_label_seq_id    34 
_pdbx_struct_sheet_hbond.range_1_PDB_ins_code    ? 
_pdbx_struct_sheet_hbond.range_1_auth_atom_id    N 
_pdbx_struct_sheet_hbond.range_1_auth_comp_id    VAL 
_pdbx_struct_sheet_hbond.range_1_auth_asym_id    N 
_pdbx_struct_sheet_hbond.range_1_auth_seq_id     34 
_pdbx_struct_sheet_hbond.range_2_label_atom_id   O 
_pdbx_struct_sheet_hbond.range_2_label_comp_id   ILE 
_pdbx_struct_sheet_hbond.range_2_label_asym_id   A 
_pdbx_struct_sheet_hbond.range_2_label_seq_id    37 
_pdbx_struct_sheet_hbond.range_2_PDB_ins_code    ? 
_pdbx_struct_sheet_hbond.range_2_auth_atom_id    O 
_pdbx_struct_sheet_hbond.range_2_auth_comp_id    ILE 
_pdbx_struct_sheet_hbond.range_2_auth_asym_id    N 
_pdbx_struct_sheet_hbond.range_2_auth_seq_id     37 
# 
_pdbx_validate_torsion.id              1 
_pdbx_validate_torsion.PDB_model_num   1 
_pdbx_validate_torsion.auth_comp_id    VAL 
_pdbx_validate_torsion.auth_asym_id    N 
_pdbx_validate_torsion.auth_seq_id     35 
_pdbx_validate_torsion.PDB_ins_code    ? 
_pdbx_validate_torsion.label_alt_id    ? 
_pdbx_validate_torsion.phi             49.77 
_pdbx_validate_torsion.psi             12.39 
# 
_em_3d_fitting.entry_id          7R1C 
_em_3d_fitting.id                1 
_em_3d_fitting.details           ? 
_em_3d_fitting.overall_b_value   ? 
_em_3d_fitting.ref_protocol      'AB INITIO MODEL' 
_em_3d_fitting.ref_space         REAL 
_em_3d_fitting.target_criteria   ? 
_em_3d_fitting.method            ? 
# 
_em_3d_reconstruction.entry_id                    7R1C 
_em_3d_reconstruction.id                          1 
_em_3d_reconstruction.algorithm                   'BACK PROJECTION' 
_em_3d_reconstruction.details                     
'Final reconstruction in cryoSPARC 3.3 using local refinement in a small section of the cylinder' 
_em_3d_reconstruction.refinement_type             ? 
_em_3d_reconstruction.image_processing_id         1 
_em_3d_reconstruction.num_class_averages          1 
_em_3d_reconstruction.num_particles               1460 
_em_3d_reconstruction.resolution                  3.2 
_em_3d_reconstruction.resolution_method           'FSC 0.143 CUT-OFF' 
_em_3d_reconstruction.symmetry_type               HELICAL 
_em_3d_reconstruction.method                      ? 
_em_3d_reconstruction.nominal_pixel_size          ? 
_em_3d_reconstruction.actual_pixel_size           ? 
_em_3d_reconstruction.magnification_calibration   ? 
# 
_em_buffer.id            1 
_em_buffer.details       ? 
_em_buffer.pH            8.0 
_em_buffer.specimen_id   1 
_em_buffer.name          ? 
# 
_em_entity_assembly.id                   1 
_em_entity_assembly.parent_id            0 
_em_entity_assembly.details              ? 
_em_entity_assembly.name                 'Helical assembly of GvpB monomers forming the gas vesicle wall' 
_em_entity_assembly.source               RECOMBINANT 
_em_entity_assembly.type                 COMPLEX 
_em_entity_assembly.entity_id_list       1 
_em_entity_assembly.synonym              ? 
_em_entity_assembly.oligomeric_details   ? 
# 
_em_image_scans.entry_id                7R1C 
_em_image_scans.id                      1 
_em_image_scans.dimension_height        4092 
_em_image_scans.dimension_width         5760 
_em_image_scans.frames_per_image        ? 
_em_image_scans.image_recording_id      1 
_em_image_scans.sampling_size           ? 
_em_image_scans.scanner_model           ? 
_em_image_scans.used_frames_per_image   ? 
_em_image_scans.citation_id             ? 
_em_image_scans.number_digital_images   ? 
_em_image_scans.od_range                ? 
_em_image_scans.quant_bit_size          ? 
_em_image_scans.details                 ? 
# 
_em_imaging.id                              1 
_em_imaging.entry_id                        7R1C 
_em_imaging.accelerating_voltage            300 
_em_imaging.alignment_procedure             'COMA FREE' 
_em_imaging.c2_aperture_diameter            ? 
_em_imaging.calibrated_defocus_max          ? 
_em_imaging.calibrated_defocus_min          ? 
_em_imaging.calibrated_magnification        ? 
_em_imaging.cryogen                         NITROGEN 
_em_imaging.details                         ? 
_em_imaging.electron_source                 'FIELD EMISSION GUN' 
_em_imaging.illumination_mode               'FLOOD BEAM' 
_em_imaging.microscope_model                'FEI TITAN KRIOS' 
_em_imaging.mode                            'BRIGHT FIELD' 
_em_imaging.nominal_cs                      2.7 
_em_imaging.nominal_defocus_max             1250 
_em_imaging.nominal_defocus_min             250 
_em_imaging.nominal_magnification           64000 
_em_imaging.recording_temperature_maximum   ? 
_em_imaging.recording_temperature_minimum   ? 
_em_imaging.residual_tilt                   ? 
_em_imaging.specimen_holder_model           'FEI TITAN KRIOS AUTOGRID HOLDER' 
_em_imaging.specimen_id                     1 
_em_imaging.citation_id                     ? 
_em_imaging.date                            ? 
_em_imaging.temperature                     ? 
_em_imaging.tilt_angle_min                  ? 
_em_imaging.tilt_angle_max                  ? 
_em_imaging.astigmatism                     ? 
_em_imaging.detector_distance               ? 
_em_imaging.electron_beam_tilt_params       ? 
_em_imaging.specimen_holder_type            ? 
# 
_em_sample_support.id               1 
_em_sample_support.specimen_id      1 
_em_sample_support.details          ? 
_em_sample_support.grid_material    COPPER 
_em_sample_support.grid_mesh_size   300 
_em_sample_support.grid_type        'Quantifoil R2/1' 
_em_sample_support.method           ? 
_em_sample_support.film_material    ? 
# 
_em_vitrification.id                    1 
_em_vitrification.specimen_id           1 
_em_vitrification.chamber_temperature   293 
_em_vitrification.cryogen_name          ETHANE 
_em_vitrification.details               'Blot times between 5 and 11 seconds.' 
_em_vitrification.humidity              95 
_em_vitrification.instrument            'LEICA PLUNGER' 
_em_vitrification.entry_id              7R1C 
_em_vitrification.citation_id           ? 
_em_vitrification.method                ? 
_em_vitrification.temp                  ? 
_em_vitrification.time_resolved_state   ? 
# 
_em_experiment.entry_id                7R1C 
_em_experiment.id                      1 
_em_experiment.aggregation_state       'HELICAL ARRAY' 
_em_experiment.reconstruction_method   HELICAL 
_em_experiment.entity_assembly_id      1 
# 
loop_
_pdbx_unobs_or_zero_occ_residues.id 
_pdbx_unobs_or_zero_occ_residues.PDB_model_num 
_pdbx_unobs_or_zero_occ_residues.polymer_flag 
_pdbx_unobs_or_zero_occ_residues.occupancy_flag 
_pdbx_unobs_or_zero_occ_residues.auth_asym_id 
_pdbx_unobs_or_zero_occ_residues.auth_comp_id 
_pdbx_unobs_or_zero_occ_residues.auth_seq_id 
_pdbx_unobs_or_zero_occ_residues.PDB_ins_code 
_pdbx_unobs_or_zero_occ_residues.label_asym_id 
_pdbx_unobs_or_zero_occ_residues.label_comp_id 
_pdbx_unobs_or_zero_occ_residues.label_seq_id 
1  1 Y 1 N MET 1  ? A MET 1  
2  1 Y 1 N ASP 67 ? A ASP 67 
3  1 Y 1 N VAL 68 ? A VAL 68 
4  1 Y 1 N GLU 69 ? A GLU 69 
5  1 Y 1 N GLU 70 ? A GLU 70 
6  1 Y 1 N ASN 71 ? A ASN 71 
7  1 Y 1 N GLY 72 ? A GLY 72 
8  1 Y 1 N LEU 73 ? A LEU 73 
9  1 Y 1 N PRO 74 ? A PRO 74 
10 1 Y 1 N GLU 75 ? A GLU 75 
11 1 Y 1 N ARG 76 ? A ARG 76 
12 1 Y 1 N SER 77 ? A SER 77 
13 1 Y 1 N ASN 78 ? A ASN 78 
14 1 Y 1 N SER 79 ? A SER 79 
15 1 Y 1 N SER 80 ? A SER 80 
16 1 Y 1 N GLU 81 ? A GLU 81 
17 1 Y 1 N GLY 82 ? A GLY 82 
18 1 Y 1 N GLN 83 ? A GLN 83 
19 1 Y 1 N PRO 84 ? A PRO 84 
20 1 Y 1 N ARG 85 ? A ARG 85 
21 1 Y 1 N PHE 86 ? A PHE 86 
22 1 Y 1 N SER 87 ? A SER 87 
23 1 Y 1 N ILE 88 ? A ILE 88 
# 
loop_
_chem_comp_atom.comp_id 
_chem_comp_atom.atom_id 
_chem_comp_atom.type_symbol 
_chem_comp_atom.pdbx_aromatic_flag 
_chem_comp_atom.pdbx_stereo_config 
_chem_comp_atom.pdbx_ordinal 
ALA N    N N N 1   
ALA CA   C N S 2   
ALA C    C N N 3   
ALA O    O N N 4   
ALA CB   C N N 5   
ALA OXT  O N N 6   
ALA H    H N N 7   
ALA H2   H N N 8   
ALA HA   H N N 9   
ALA HB1  H N N 10  
ALA HB2  H N N 11  
ALA HB3  H N N 12  
ALA HXT  H N N 13  
ARG N    N N N 14  
ARG CA   C N S 15  
ARG C    C N N 16  
ARG O    O N N 17  
ARG CB   C N N 18  
ARG CG   C N N 19  
ARG CD   C N N 20  
ARG NE   N N N 21  
ARG CZ   C N N 22  
ARG NH1  N N N 23  
ARG NH2  N N N 24  
ARG OXT  O N N 25  
ARG H    H N N 26  
ARG H2   H N N 27  
ARG HA   H N N 28  
ARG HB2  H N N 29  
ARG HB3  H N N 30  
ARG HG2  H N N 31  
ARG HG3  H N N 32  
ARG HD2  H N N 33  
ARG HD3  H N N 34  
ARG HE   H N N 35  
ARG HH11 H N N 36  
ARG HH12 H N N 37  
ARG HH21 H N N 38  
ARG HH22 H N N 39  
ARG HXT  H N N 40  
ASN N    N N N 41  
ASN CA   C N S 42  
ASN C    C N N 43  
ASN O    O N N 44  
ASN CB   C N N 45  
ASN CG   C N N 46  
ASN OD1  O N N 47  
ASN ND2  N N N 48  
ASN OXT  O N N 49  
ASN H    H N N 50  
ASN H2   H N N 51  
ASN HA   H N N 52  
ASN HB2  H N N 53  
ASN HB3  H N N 54  
ASN HD21 H N N 55  
ASN HD22 H N N 56  
ASN HXT  H N N 57  
ASP N    N N N 58  
ASP CA   C N S 59  
ASP C    C N N 60  
ASP O    O N N 61  
ASP CB   C N N 62  
ASP CG   C N N 63  
ASP OD1  O N N 64  
ASP OD2  O N N 65  
ASP OXT  O N N 66  
ASP H    H N N 67  
ASP H2   H N N 68  
ASP HA   H N N 69  
ASP HB2  H N N 70  
ASP HB3  H N N 71  
ASP HD2  H N N 72  
ASP HXT  H N N 73  
GLN N    N N N 74  
GLN CA   C N S 75  
GLN C    C N N 76  
GLN O    O N N 77  
GLN CB   C N N 78  
GLN CG   C N N 79  
GLN CD   C N N 80  
GLN OE1  O N N 81  
GLN NE2  N N N 82  
GLN OXT  O N N 83  
GLN H    H N N 84  
GLN H2   H N N 85  
GLN HA   H N N 86  
GLN HB2  H N N 87  
GLN HB3  H N N 88  
GLN HG2  H N N 89  
GLN HG3  H N N 90  
GLN HE21 H N N 91  
GLN HE22 H N N 92  
GLN HXT  H N N 93  
GLU N    N N N 94  
GLU CA   C N S 95  
GLU C    C N N 96  
GLU O    O N N 97  
GLU CB   C N N 98  
GLU CG   C N N 99  
GLU CD   C N N 100 
GLU OE1  O N N 101 
GLU OE2  O N N 102 
GLU OXT  O N N 103 
GLU H    H N N 104 
GLU H2   H N N 105 
GLU HA   H N N 106 
GLU HB2  H N N 107 
GLU HB3  H N N 108 
GLU HG2  H N N 109 
GLU HG3  H N N 110 
GLU HE2  H N N 111 
GLU HXT  H N N 112 
GLY N    N N N 113 
GLY CA   C N N 114 
GLY C    C N N 115 
GLY O    O N N 116 
GLY OXT  O N N 117 
GLY H    H N N 118 
GLY H2   H N N 119 
GLY HA2  H N N 120 
GLY HA3  H N N 121 
GLY HXT  H N N 122 
ILE N    N N N 123 
ILE CA   C N S 124 
ILE C    C N N 125 
ILE O    O N N 126 
ILE CB   C N S 127 
ILE CG1  C N N 128 
ILE CG2  C N N 129 
ILE CD1  C N N 130 
ILE OXT  O N N 131 
ILE H    H N N 132 
ILE H2   H N N 133 
ILE HA   H N N 134 
ILE HB   H N N 135 
ILE HG12 H N N 136 
ILE HG13 H N N 137 
ILE HG21 H N N 138 
ILE HG22 H N N 139 
ILE HG23 H N N 140 
ILE HD11 H N N 141 
ILE HD12 H N N 142 
ILE HD13 H N N 143 
ILE HXT  H N N 144 
LEU N    N N N 145 
LEU CA   C N S 146 
LEU C    C N N 147 
LEU O    O N N 148 
LEU CB   C N N 149 
LEU CG   C N N 150 
LEU CD1  C N N 151 
LEU CD2  C N N 152 
LEU OXT  O N N 153 
LEU H    H N N 154 
LEU H2   H N N 155 
LEU HA   H N N 156 
LEU HB2  H N N 157 
LEU HB3  H N N 158 
LEU HG   H N N 159 
LEU HD11 H N N 160 
LEU HD12 H N N 161 
LEU HD13 H N N 162 
LEU HD21 H N N 163 
LEU HD22 H N N 164 
LEU HD23 H N N 165 
LEU HXT  H N N 166 
LYS N    N N N 167 
LYS CA   C N S 168 
LYS C    C N N 169 
LYS O    O N N 170 
LYS CB   C N N 171 
LYS CG   C N N 172 
LYS CD   C N N 173 
LYS CE   C N N 174 
LYS NZ   N N N 175 
LYS OXT  O N N 176 
LYS H    H N N 177 
LYS H2   H N N 178 
LYS HA   H N N 179 
LYS HB2  H N N 180 
LYS HB3  H N N 181 
LYS HG2  H N N 182 
LYS HG3  H N N 183 
LYS HD2  H N N 184 
LYS HD3  H N N 185 
LYS HE2  H N N 186 
LYS HE3  H N N 187 
LYS HZ1  H N N 188 
LYS HZ2  H N N 189 
LYS HZ3  H N N 190 
LYS HXT  H N N 191 
MET N    N N N 192 
MET CA   C N S 193 
MET C    C N N 194 
MET O    O N N 195 
MET CB   C N N 196 
MET CG   C N N 197 
MET SD   S N N 198 
MET CE   C N N 199 
MET OXT  O N N 200 
MET H    H N N 201 
MET H2   H N N 202 
MET HA   H N N 203 
MET HB2  H N N 204 
MET HB3  H N N 205 
MET HG2  H N N 206 
MET HG3  H N N 207 
MET HE1  H N N 208 
MET HE2  H N N 209 
MET HE3  H N N 210 
MET HXT  H N N 211 
PHE N    N N N 212 
PHE CA   C N S 213 
PHE C    C N N 214 
PHE O    O N N 215 
PHE CB   C N N 216 
PHE CG   C Y N 217 
PHE CD1  C Y N 218 
PHE CD2  C Y N 219 
PHE CE1  C Y N 220 
PHE CE2  C Y N 221 
PHE CZ   C Y N 222 
PHE OXT  O N N 223 
PHE H    H N N 224 
PHE H2   H N N 225 
PHE HA   H N N 226 
PHE HB2  H N N 227 
PHE HB3  H N N 228 
PHE HD1  H N N 229 
PHE HD2  H N N 230 
PHE HE1  H N N 231 
PHE HE2  H N N 232 
PHE HZ   H N N 233 
PHE HXT  H N N 234 
PRO N    N N N 235 
PRO CA   C N S 236 
PRO C    C N N 237 
PRO O    O N N 238 
PRO CB   C N N 239 
PRO CG   C N N 240 
PRO CD   C N N 241 
PRO OXT  O N N 242 
PRO H    H N N 243 
PRO HA   H N N 244 
PRO HB2  H N N 245 
PRO HB3  H N N 246 
PRO HG2  H N N 247 
PRO HG3  H N N 248 
PRO HD2  H N N 249 
PRO HD3  H N N 250 
PRO HXT  H N N 251 
SER N    N N N 252 
SER CA   C N S 253 
SER C    C N N 254 
SER O    O N N 255 
SER CB   C N N 256 
SER OG   O N N 257 
SER OXT  O N N 258 
SER H    H N N 259 
SER H2   H N N 260 
SER HA   H N N 261 
SER HB2  H N N 262 
SER HB3  H N N 263 
SER HG   H N N 264 
SER HXT  H N N 265 
THR N    N N N 266 
THR CA   C N S 267 
THR C    C N N 268 
THR O    O N N 269 
THR CB   C N R 270 
THR OG1  O N N 271 
THR CG2  C N N 272 
THR OXT  O N N 273 
THR H    H N N 274 
THR H2   H N N 275 
THR HA   H N N 276 
THR HB   H N N 277 
THR HG1  H N N 278 
THR HG21 H N N 279 
THR HG22 H N N 280 
THR HG23 H N N 281 
THR HXT  H N N 282 
TRP N    N N N 283 
TRP CA   C N S 284 
TRP C    C N N 285 
TRP O    O N N 286 
TRP CB   C N N 287 
TRP CG   C Y N 288 
TRP CD1  C Y N 289 
TRP CD2  C Y N 290 
TRP NE1  N Y N 291 
TRP CE2  C Y N 292 
TRP CE3  C Y N 293 
TRP CZ2  C Y N 294 
TRP CZ3  C Y N 295 
TRP CH2  C Y N 296 
TRP OXT  O N N 297 
TRP H    H N N 298 
TRP H2   H N N 299 
TRP HA   H N N 300 
TRP HB2  H N N 301 
TRP HB3  H N N 302 
TRP HD1  H N N 303 
TRP HE1  H N N 304 
TRP HE3  H N N 305 
TRP HZ2  H N N 306 
TRP HZ3  H N N 307 
TRP HH2  H N N 308 
TRP HXT  H N N 309 
TYR N    N N N 310 
TYR CA   C N S 311 
TYR C    C N N 312 
TYR O    O N N 313 
TYR CB   C N N 314 
TYR CG   C Y N 315 
TYR CD1  C Y N 316 
TYR CD2  C Y N 317 
TYR CE1  C Y N 318 
TYR CE2  C Y N 319 
TYR CZ   C Y N 320 
TYR OH   O N N 321 
TYR OXT  O N N 322 
TYR H    H N N 323 
TYR H2   H N N 324 
TYR HA   H N N 325 
TYR HB2  H N N 326 
TYR HB3  H N N 327 
TYR HD1  H N N 328 
TYR HD2  H N N 329 
TYR HE1  H N N 330 
TYR HE2  H N N 331 
TYR HH   H N N 332 
TYR HXT  H N N 333 
VAL N    N N N 334 
VAL CA   C N S 335 
VAL C    C N N 336 
VAL O    O N N 337 
VAL CB   C N N 338 
VAL CG1  C N N 339 
VAL CG2  C N N 340 
VAL OXT  O N N 341 
VAL H    H N N 342 
VAL H2   H N N 343 
VAL HA   H N N 344 
VAL HB   H N N 345 
VAL HG11 H N N 346 
VAL HG12 H N N 347 
VAL HG13 H N N 348 
VAL HG21 H N N 349 
VAL HG22 H N N 350 
VAL HG23 H N N 351 
VAL HXT  H N N 352 
# 
loop_
_chem_comp_bond.comp_id 
_chem_comp_bond.atom_id_1 
_chem_comp_bond.atom_id_2 
_chem_comp_bond.value_order 
_chem_comp_bond.pdbx_aromatic_flag 
_chem_comp_bond.pdbx_stereo_config 
_chem_comp_bond.pdbx_ordinal 
ALA N   CA   sing N N 1   
ALA N   H    sing N N 2   
ALA N   H2   sing N N 3   
ALA CA  C    sing N N 4   
ALA CA  CB   sing N N 5   
ALA CA  HA   sing N N 6   
ALA C   O    doub N N 7   
ALA C   OXT  sing N N 8   
ALA CB  HB1  sing N N 9   
ALA CB  HB2  sing N N 10  
ALA CB  HB3  sing N N 11  
ALA OXT HXT  sing N N 12  
ARG N   CA   sing N N 13  
ARG N   H    sing N N 14  
ARG N   H2   sing N N 15  
ARG CA  C    sing N N 16  
ARG CA  CB   sing N N 17  
ARG CA  HA   sing N N 18  
ARG C   O    doub N N 19  
ARG C   OXT  sing N N 20  
ARG CB  CG   sing N N 21  
ARG CB  HB2  sing N N 22  
ARG CB  HB3  sing N N 23  
ARG CG  CD   sing N N 24  
ARG CG  HG2  sing N N 25  
ARG CG  HG3  sing N N 26  
ARG CD  NE   sing N N 27  
ARG CD  HD2  sing N N 28  
ARG CD  HD3  sing N N 29  
ARG NE  CZ   sing N N 30  
ARG NE  HE   sing N N 31  
ARG CZ  NH1  sing N N 32  
ARG CZ  NH2  doub N N 33  
ARG NH1 HH11 sing N N 34  
ARG NH1 HH12 sing N N 35  
ARG NH2 HH21 sing N N 36  
ARG NH2 HH22 sing N N 37  
ARG OXT HXT  sing N N 38  
ASN N   CA   sing N N 39  
ASN N   H    sing N N 40  
ASN N   H2   sing N N 41  
ASN CA  C    sing N N 42  
ASN CA  CB   sing N N 43  
ASN CA  HA   sing N N 44  
ASN C   O    doub N N 45  
ASN C   OXT  sing N N 46  
ASN CB  CG   sing N N 47  
ASN CB  HB2  sing N N 48  
ASN CB  HB3  sing N N 49  
ASN CG  OD1  doub N N 50  
ASN CG  ND2  sing N N 51  
ASN ND2 HD21 sing N N 52  
ASN ND2 HD22 sing N N 53  
ASN OXT HXT  sing N N 54  
ASP N   CA   sing N N 55  
ASP N   H    sing N N 56  
ASP N   H2   sing N N 57  
ASP CA  C    sing N N 58  
ASP CA  CB   sing N N 59  
ASP CA  HA   sing N N 60  
ASP C   O    doub N N 61  
ASP C   OXT  sing N N 62  
ASP CB  CG   sing N N 63  
ASP CB  HB2  sing N N 64  
ASP CB  HB3  sing N N 65  
ASP CG  OD1  doub N N 66  
ASP CG  OD2  sing N N 67  
ASP OD2 HD2  sing N N 68  
ASP OXT HXT  sing N N 69  
GLN N   CA   sing N N 70  
GLN N   H    sing N N 71  
GLN N   H2   sing N N 72  
GLN CA  C    sing N N 73  
GLN CA  CB   sing N N 74  
GLN CA  HA   sing N N 75  
GLN C   O    doub N N 76  
GLN C   OXT  sing N N 77  
GLN CB  CG   sing N N 78  
GLN CB  HB2  sing N N 79  
GLN CB  HB3  sing N N 80  
GLN CG  CD   sing N N 81  
GLN CG  HG2  sing N N 82  
GLN CG  HG3  sing N N 83  
GLN CD  OE1  doub N N 84  
GLN CD  NE2  sing N N 85  
GLN NE2 HE21 sing N N 86  
GLN NE2 HE22 sing N N 87  
GLN OXT HXT  sing N N 88  
GLU N   CA   sing N N 89  
GLU N   H    sing N N 90  
GLU N   H2   sing N N 91  
GLU CA  C    sing N N 92  
GLU CA  CB   sing N N 93  
GLU CA  HA   sing N N 94  
GLU C   O    doub N N 95  
GLU C   OXT  sing N N 96  
GLU CB  CG   sing N N 97  
GLU CB  HB2  sing N N 98  
GLU CB  HB3  sing N N 99  
GLU CG  CD   sing N N 100 
GLU CG  HG2  sing N N 101 
GLU CG  HG3  sing N N 102 
GLU CD  OE1  doub N N 103 
GLU CD  OE2  sing N N 104 
GLU OE2 HE2  sing N N 105 
GLU OXT HXT  sing N N 106 
GLY N   CA   sing N N 107 
GLY N   H    sing N N 108 
GLY N   H2   sing N N 109 
GLY CA  C    sing N N 110 
GLY CA  HA2  sing N N 111 
GLY CA  HA3  sing N N 112 
GLY C   O    doub N N 113 
GLY C   OXT  sing N N 114 
GLY OXT HXT  sing N N 115 
ILE N   CA   sing N N 116 
ILE N   H    sing N N 117 
ILE N   H2   sing N N 118 
ILE CA  C    sing N N 119 
ILE CA  CB   sing N N 120 
ILE CA  HA   sing N N 121 
ILE C   O    doub N N 122 
ILE C   OXT  sing N N 123 
ILE CB  CG1  sing N N 124 
ILE CB  CG2  sing N N 125 
ILE CB  HB   sing N N 126 
ILE CG1 CD1  sing N N 127 
ILE CG1 HG12 sing N N 128 
ILE CG1 HG13 sing N N 129 
ILE CG2 HG21 sing N N 130 
ILE CG2 HG22 sing N N 131 
ILE CG2 HG23 sing N N 132 
ILE CD1 HD11 sing N N 133 
ILE CD1 HD12 sing N N 134 
ILE CD1 HD13 sing N N 135 
ILE OXT HXT  sing N N 136 
LEU N   CA   sing N N 137 
LEU N   H    sing N N 138 
LEU N   H2   sing N N 139 
LEU CA  C    sing N N 140 
LEU CA  CB   sing N N 141 
LEU CA  HA   sing N N 142 
LEU C   O    doub N N 143 
LEU C   OXT  sing N N 144 
LEU CB  CG   sing N N 145 
LEU CB  HB2  sing N N 146 
LEU CB  HB3  sing N N 147 
LEU CG  CD1  sing N N 148 
LEU CG  CD2  sing N N 149 
LEU CG  HG   sing N N 150 
LEU CD1 HD11 sing N N 151 
LEU CD1 HD12 sing N N 152 
LEU CD1 HD13 sing N N 153 
LEU CD2 HD21 sing N N 154 
LEU CD2 HD22 sing N N 155 
LEU CD2 HD23 sing N N 156 
LEU OXT HXT  sing N N 157 
LYS N   CA   sing N N 158 
LYS N   H    sing N N 159 
LYS N   H2   sing N N 160 
LYS CA  C    sing N N 161 
LYS CA  CB   sing N N 162 
LYS CA  HA   sing N N 163 
LYS C   O    doub N N 164 
LYS C   OXT  sing N N 165 
LYS CB  CG   sing N N 166 
LYS CB  HB2  sing N N 167 
LYS CB  HB3  sing N N 168 
LYS CG  CD   sing N N 169 
LYS CG  HG2  sing N N 170 
LYS CG  HG3  sing N N 171 
LYS CD  CE   sing N N 172 
LYS CD  HD2  sing N N 173 
LYS CD  HD3  sing N N 174 
LYS CE  NZ   sing N N 175 
LYS CE  HE2  sing N N 176 
LYS CE  HE3  sing N N 177 
LYS NZ  HZ1  sing N N 178 
LYS NZ  HZ2  sing N N 179 
LYS NZ  HZ3  sing N N 180 
LYS OXT HXT  sing N N 181 
MET N   CA   sing N N 182 
MET N   H    sing N N 183 
MET N   H2   sing N N 184 
MET CA  C    sing N N 185 
MET CA  CB   sing N N 186 
MET CA  HA   sing N N 187 
MET C   O    doub N N 188 
MET C   OXT  sing N N 189 
MET CB  CG   sing N N 190 
MET CB  HB2  sing N N 191 
MET CB  HB3  sing N N 192 
MET CG  SD   sing N N 193 
MET CG  HG2  sing N N 194 
MET CG  HG3  sing N N 195 
MET SD  CE   sing N N 196 
MET CE  HE1  sing N N 197 
MET CE  HE2  sing N N 198 
MET CE  HE3  sing N N 199 
MET OXT HXT  sing N N 200 
PHE N   CA   sing N N 201 
PHE N   H    sing N N 202 
PHE N   H2   sing N N 203 
PHE CA  C    sing N N 204 
PHE CA  CB   sing N N 205 
PHE CA  HA   sing N N 206 
PHE C   O    doub N N 207 
PHE C   OXT  sing N N 208 
PHE CB  CG   sing N N 209 
PHE CB  HB2  sing N N 210 
PHE CB  HB3  sing N N 211 
PHE CG  CD1  doub Y N 212 
PHE CG  CD2  sing Y N 213 
PHE CD1 CE1  sing Y N 214 
PHE CD1 HD1  sing N N 215 
PHE CD2 CE2  doub Y N 216 
PHE CD2 HD2  sing N N 217 
PHE CE1 CZ   doub Y N 218 
PHE CE1 HE1  sing N N 219 
PHE CE2 CZ   sing Y N 220 
PHE CE2 HE2  sing N N 221 
PHE CZ  HZ   sing N N 222 
PHE OXT HXT  sing N N 223 
PRO N   CA   sing N N 224 
PRO N   CD   sing N N 225 
PRO N   H    sing N N 226 
PRO CA  C    sing N N 227 
PRO CA  CB   sing N N 228 
PRO CA  HA   sing N N 229 
PRO C   O    doub N N 230 
PRO C   OXT  sing N N 231 
PRO CB  CG   sing N N 232 
PRO CB  HB2  sing N N 233 
PRO CB  HB3  sing N N 234 
PRO CG  CD   sing N N 235 
PRO CG  HG2  sing N N 236 
PRO CG  HG3  sing N N 237 
PRO CD  HD2  sing N N 238 
PRO CD  HD3  sing N N 239 
PRO OXT HXT  sing N N 240 
SER N   CA   sing N N 241 
SER N   H    sing N N 242 
SER N   H2   sing N N 243 
SER CA  C    sing N N 244 
SER CA  CB   sing N N 245 
SER CA  HA   sing N N 246 
SER C   O    doub N N 247 
SER C   OXT  sing N N 248 
SER CB  OG   sing N N 249 
SER CB  HB2  sing N N 250 
SER CB  HB3  sing N N 251 
SER OG  HG   sing N N 252 
SER OXT HXT  sing N N 253 
THR N   CA   sing N N 254 
THR N   H    sing N N 255 
THR N   H2   sing N N 256 
THR CA  C    sing N N 257 
THR CA  CB   sing N N 258 
THR CA  HA   sing N N 259 
THR C   O    doub N N 260 
THR C   OXT  sing N N 261 
THR CB  OG1  sing N N 262 
THR CB  CG2  sing N N 263 
THR CB  HB   sing N N 264 
THR OG1 HG1  sing N N 265 
THR CG2 HG21 sing N N 266 
THR CG2 HG22 sing N N 267 
THR CG2 HG23 sing N N 268 
THR OXT HXT  sing N N 269 
TRP N   CA   sing N N 270 
TRP N   H    sing N N 271 
TRP N   H2   sing N N 272 
TRP CA  C    sing N N 273 
TRP CA  CB   sing N N 274 
TRP CA  HA   sing N N 275 
TRP C   O    doub N N 276 
TRP C   OXT  sing N N 277 
TRP CB  CG   sing N N 278 
TRP CB  HB2  sing N N 279 
TRP CB  HB3  sing N N 280 
TRP CG  CD1  doub Y N 281 
TRP CG  CD2  sing Y N 282 
TRP CD1 NE1  sing Y N 283 
TRP CD1 HD1  sing N N 284 
TRP CD2 CE2  doub Y N 285 
TRP CD2 CE3  sing Y N 286 
TRP NE1 CE2  sing Y N 287 
TRP NE1 HE1  sing N N 288 
TRP CE2 CZ2  sing Y N 289 
TRP CE3 CZ3  doub Y N 290 
TRP CE3 HE3  sing N N 291 
TRP CZ2 CH2  doub Y N 292 
TRP CZ2 HZ2  sing N N 293 
TRP CZ3 CH2  sing Y N 294 
TRP CZ3 HZ3  sing N N 295 
TRP CH2 HH2  sing N N 296 
TRP OXT HXT  sing N N 297 
TYR N   CA   sing N N 298 
TYR N   H    sing N N 299 
TYR N   H2   sing N N 300 
TYR CA  C    sing N N 301 
TYR CA  CB   sing N N 302 
TYR CA  HA   sing N N 303 
TYR C   O    doub N N 304 
TYR C   OXT  sing N N 305 
TYR CB  CG   sing N N 306 
TYR CB  HB2  sing N N 307 
TYR CB  HB3  sing N N 308 
TYR CG  CD1  doub Y N 309 
TYR CG  CD2  sing Y N 310 
TYR CD1 CE1  sing Y N 311 
TYR CD1 HD1  sing N N 312 
TYR CD2 CE2  doub Y N 313 
TYR CD2 HD2  sing N N 314 
TYR CE1 CZ   doub Y N 315 
TYR CE1 HE1  sing N N 316 
TYR CE2 CZ   sing Y N 317 
TYR CE2 HE2  sing N N 318 
TYR CZ  OH   sing N N 319 
TYR OH  HH   sing N N 320 
TYR OXT HXT  sing N N 321 
VAL N   CA   sing N N 322 
VAL N   H    sing N N 323 
VAL N   H2   sing N N 324 
VAL CA  C    sing N N 325 
VAL CA  CB   sing N N 326 
VAL CA  HA   sing N N 327 
VAL C   O    doub N N 328 
VAL C   OXT  sing N N 329 
VAL CB  CG1  sing N N 330 
VAL CB  CG2  sing N N 331 
VAL CB  HB   sing N N 332 
VAL CG1 HG11 sing N N 333 
VAL CG1 HG12 sing N N 334 
VAL CG1 HG13 sing N N 335 
VAL CG2 HG21 sing N N 336 
VAL CG2 HG22 sing N N 337 
VAL CG2 HG23 sing N N 338 
VAL OXT HXT  sing N N 339 
# 
_em_admin.entry_id           7R1C 
_em_admin.current_status     REL 
_em_admin.deposition_date    2022-02-02 
_em_admin.deposition_site    PDBE 
_em_admin.last_update        2024-07-17 
_em_admin.map_release_date   2022-06-15 
_em_admin.title              'Cryo-EM structure of Bacillus megaterium gas vesicles' 
# 
loop_
_em_buffer_component.buffer_id 
_em_buffer_component.id 
_em_buffer_component.concentration 
_em_buffer_component.concentration_units 
_em_buffer_component.formula 
_em_buffer_component.name 
1 1 20 mM Tris-Cl 'tris(hydroxymethyl)aminomethane' 
1 2 50 mM NaCl    'sodium chloride'                 
# 
_em_ctf_correction.id                       1 
_em_ctf_correction.em_image_processing_id   1 
_em_ctf_correction.type                     'PHASE FLIPPING AND AMPLITUDE CORRECTION' 
_em_ctf_correction.details                  ? 
# 
_em_entity_assembly_molwt.entity_assembly_id   1 
_em_entity_assembly_molwt.id                   1 
_em_entity_assembly_molwt.experimental_flag    NO 
_em_entity_assembly_molwt.units                MEGADALTONS 
_em_entity_assembly_molwt.value                9.99 
# 
_em_entity_assembly_naturalsource.id                   2 
_em_entity_assembly_naturalsource.entity_assembly_id   1 
_em_entity_assembly_naturalsource.cell                 ? 
_em_entity_assembly_naturalsource.cellular_location    ? 
_em_entity_assembly_naturalsource.ncbi_tax_id          1348623 
_em_entity_assembly_naturalsource.organ                ? 
_em_entity_assembly_naturalsource.organelle            ? 
_em_entity_assembly_naturalsource.organism             'Priestia megaterium NBRC 15308 = ATCC 14581' 
_em_entity_assembly_naturalsource.strain               ? 
_em_entity_assembly_naturalsource.tissue               ? 
# 
_em_entity_assembly_recombinant.id                   2 
_em_entity_assembly_recombinant.entity_assembly_id   1 
_em_entity_assembly_recombinant.cell                 ? 
_em_entity_assembly_recombinant.ncbi_tax_id          562 
_em_entity_assembly_recombinant.organism             'Escherichia coli' 
_em_entity_assembly_recombinant.plasmid              ? 
_em_entity_assembly_recombinant.strain               BL21-DE3-pLysS 
# 
_em_helical_entity.id                             1 
_em_helical_entity.image_processing_id            1 
_em_helical_entity.angular_rotation_per_subunit   -3.874 
_em_helical_entity.axial_rise_per_subunit         0.525 
_em_helical_entity.axial_symmetry                 C1 
_em_helical_entity.details                        ? 
# 
_em_image_processing.id                   1 
_em_image_processing.image_recording_id   1 
_em_image_processing.details              ? 
# 
_em_image_recording.id                                  1 
_em_image_recording.imaging_id                          1 
_em_image_recording.avg_electron_dose_per_image         30 
_em_image_recording.average_exposure_time               2.4 
_em_image_recording.details                             
;One shot per hole
1.37 A/pix
60 fractions over 30 e-/A2
;
_em_image_recording.detector_mode                       ? 
_em_image_recording.film_or_detector_model              'GATAN K3 BIOQUANTUM (6k x 4k)' 
_em_image_recording.num_diffraction_images              ? 
_em_image_recording.num_grids_imaged                    1 
_em_image_recording.num_real_images                     4351 
_em_image_recording.avg_electron_dose_per_subtomogram   ? 
# 
_em_particle_selection.id                       1 
_em_particle_selection.image_processing_id      1 
_em_particle_selection.details                  ? 
_em_particle_selection.method                   ? 
_em_particle_selection.num_particles_selected   36295 
_em_particle_selection.reference_model          ? 
# 
loop_
_em_software.id 
_em_software.category 
_em_software.details 
_em_software.name 
_em_software.version 
_em_software.image_processing_id 
_em_software.fitting_id 
_em_software.imaging_id 
1  'PARTICLE SELECTION'       ? RELION    3.1  1 ? ? 
2  'IMAGE ACQUISITION'        ? ?         ?    ? ? 1 
3  MASKING                    ? ?         ?    ? ? ? 
4  'CTF CORRECTION'           ? RELION    3.1  1 ? ? 
5  'LAYERLINE INDEXING'       ? ?         ?    ? ? ? 
6  'DIFFRACTION INDEXING'     ? ?         ?    ? ? ? 
7  'MODEL FITTING'            ? ?         ?    ? 1 ? 
8  OTHER                      ? ?         ?    ? ? ? 
9  'INITIAL EULER ASSIGNMENT' ? ?         ?    1 ? ? 
10 'FINAL EULER ASSIGNMENT'   ? cryoSPARC 3.3  1 ? ? 
11 CLASSIFICATION             ? RELION    3.1  1 ? ? 
12 RECONSTRUCTION             ? cryoSPARC 3.3  1 ? ? 
13 'MODEL REFINEMENT'         ? PHENIX    1.13 ? 1 ? 
14 'MODEL REFINEMENT'         ? ISOLDE    ?    ? 1 ? 
# 
_em_specimen.id                      1 
_em_specimen.experiment_id           1 
_em_specimen.concentration           0.45 
_em_specimen.details                 'Concentration measured by OD(500)=3.12 against a sonicated blank.' 
_em_specimen.embedding_applied       NO 
_em_specimen.shadowing_applied       NO 
_em_specimen.staining_applied        NO 
_em_specimen.vitrification_applied   YES 
# 
_pdbx_audit_support.funding_organization   'Not funded' 
_pdbx_audit_support.country                ? 
_pdbx_audit_support.grant_number           ? 
_pdbx_audit_support.ordinal                1 
# 
_atom_sites.entry_id                    7R1C 
_atom_sites.Cartn_transf_matrix[1][1]   ? 
_atom_sites.Cartn_transf_matrix[1][2]   ? 
_atom_sites.Cartn_transf_matrix[1][3]   ? 
_atom_sites.Cartn_transf_matrix[2][1]   ? 
_atom_sites.Cartn_transf_matrix[2][2]   ? 
_atom_sites.Cartn_transf_matrix[2][3]   ? 
_atom_sites.Cartn_transf_matrix[3][1]   ? 
_atom_sites.Cartn_transf_matrix[3][2]   ? 
_atom_sites.Cartn_transf_matrix[3][3]   ? 
_atom_sites.Cartn_transf_vector[1]      ? 
_atom_sites.Cartn_transf_vector[2]      ? 
_atom_sites.Cartn_transf_vector[3]      ? 
_atom_sites.fract_transf_matrix[1][1]   1.000000 
_atom_sites.fract_transf_matrix[1][2]   0.000000 
_atom_sites.fract_transf_matrix[1][3]   0.000000 
_atom_sites.fract_transf_matrix[2][1]   0.000000 
_atom_sites.fract_transf_matrix[2][2]   1.000000 
_atom_sites.fract_transf_matrix[2][3]   0.000000 
_atom_sites.fract_transf_matrix[3][1]   0.000000 
_atom_sites.fract_transf_matrix[3][2]   0.000000 
_atom_sites.fract_transf_matrix[3][3]   1.000000 
_atom_sites.fract_transf_vector[1]      0.00000 
_atom_sites.fract_transf_vector[2]      0.00000 
_atom_sites.fract_transf_vector[3]      0.00000 
_atom_sites.solution_primary            ? 
_atom_sites.solution_secondary          ? 
_atom_sites.solution_hydrogens          ? 
_atom_sites.special_details             ? 
# 
loop_
_atom_type.symbol 
C 
N 
O 
# 
loop_
_atom_site.group_PDB 
_atom_site.id 
_atom_site.type_symbol 
_atom_site.label_atom_id 
_atom_site.label_alt_id 
_atom_site.label_comp_id 
_atom_site.label_asym_id 
_atom_site.label_entity_id 
_atom_site.label_seq_id 
_atom_site.pdbx_PDB_ins_code 
_atom_site.Cartn_x 
_atom_site.Cartn_y 
_atom_site.Cartn_z 
_atom_site.occupancy 
_atom_site.B_iso_or_equiv 
_atom_site.pdbx_formal_charge 
_atom_site.auth_seq_id 
_atom_site.auth_comp_id 
_atom_site.auth_asym_id 
_atom_site.auth_atom_id 
_atom_site.pdbx_PDB_model_num 
ATOM 1   N N   . SER A 1 2  ? 32.444  -10.059 -2.778 1.00 95.01  ? 2  SER N N   1 
ATOM 2   C CA  . SER A 1 2  ? 32.911  -8.650  -2.716 1.00 95.01  ? 2  SER N CA  1 
ATOM 3   C C   . SER A 1 2  ? 33.740  -8.403  -1.447 1.00 95.01  ? 2  SER N C   1 
ATOM 4   O O   . SER A 1 2  ? 34.043  -9.347  -0.719 1.00 95.01  ? 2  SER N O   1 
ATOM 5   C CB  . SER A 1 2  ? 31.730  -7.677  -2.843 1.00 95.01  ? 2  SER N CB  1 
ATOM 6   O OG  . SER A 1 2  ? 32.195  -6.359  -3.067 1.00 95.01  ? 2  SER N OG  1 
ATOM 7   N N   . ILE A 1 3  ? 34.139  -7.157  -1.170 1.00 91.53  ? 3  ILE N N   1 
ATOM 8   C CA  . ILE A 1 3  ? 34.960  -6.755  -0.012 1.00 91.53  ? 3  ILE N CA  1 
ATOM 9   C C   . ILE A 1 3  ? 34.244  -5.698  0.834  1.00 91.53  ? 3  ILE N C   1 
ATOM 10  O O   . ILE A 1 3  ? 33.454  -4.911  0.315  1.00 91.53  ? 3  ILE N O   1 
ATOM 11  C CB  . ILE A 1 3  ? 36.371  -6.296  -0.432 1.00 91.53  ? 3  ILE N CB  1 
ATOM 12  C CG1 . ILE A 1 3  ? 36.390  -4.900  -1.081 1.00 91.53  ? 3  ILE N CG1 1 
ATOM 13  C CG2 . ILE A 1 3  ? 37.031  -7.353  -1.323 1.00 91.53  ? 3  ILE N CG2 1 
ATOM 14  C CD1 . ILE A 1 3  ? 37.801  -4.400  -1.387 1.00 91.53  ? 3  ILE N CD1 1 
ATOM 15  N N   . GLN A 1 4  ? 34.511  -5.676  2.140  1.00 94.18  ? 4  GLN N N   1 
ATOM 16  C CA  . GLN A 1 4  ? 33.900  -4.715  3.062  1.00 94.18  ? 4  GLN N CA  1 
ATOM 17  C C   . GLN A 1 4  ? 34.504  -3.312  2.911  1.00 94.18  ? 4  GLN N C   1 
ATOM 18  O O   . GLN A 1 4  ? 35.670  -3.161  2.556  1.00 94.18  ? 4  GLN N O   1 
ATOM 19  C CB  . GLN A 1 4  ? 33.994  -5.283  4.482  1.00 94.18  ? 4  GLN N CB  1 
ATOM 20  C CG  . GLN A 1 4  ? 33.243  -4.430  5.515  1.00 94.18  ? 4  GLN N CG  1 
ATOM 21  C CD  . GLN A 1 4  ? 32.864  -5.147  6.814  1.00 94.18  ? 4  GLN N CD  1 
ATOM 22  O OE1 . GLN A 1 4  ? 32.209  -4.573  7.673  1.00 94.18  ? 4  GLN N OE1 1 
ATOM 23  N NE2 . GLN A 1 4  ? 33.200  -6.405  7.010  1.00 94.18  ? 4  GLN N NE2 1 
ATOM 24  N N   . LYS A 1 5  ? 33.708  -2.275  3.181  1.00 91.56  ? 5  LYS N N   1 
ATOM 25  C CA  . LYS A 1 5  ? 34.041  -0.851  2.984  1.00 91.56  ? 5  LYS N CA  1 
ATOM 26  C C   . LYS A 1 5  ? 33.641  -0.041  4.210  1.00 91.56  ? 5  LYS N C   1 
ATOM 27  O O   . LYS A 1 5  ? 32.856  -0.511  5.030  1.00 91.56  ? 5  LYS N O   1 
ATOM 28  C CB  . LYS A 1 5  ? 33.287  -0.298  1.768  1.00 91.56  ? 5  LYS N CB  1 
ATOM 29  C CG  . LYS A 1 5  ? 33.709  -0.930  0.444  1.00 91.56  ? 5  LYS N CG  1 
ATOM 30  C CD  . LYS A 1 5  ? 32.726  -0.492  -0.649 1.00 91.56  ? 5  LYS N CD  1 
ATOM 31  C CE  . LYS A 1 5  ? 33.011  -1.201  -1.971 1.00 91.56  ? 5  LYS N CE  1 
ATOM 32  N NZ  . LYS A 1 5  ? 34.211  -0.637  -2.641 1.00 91.56  ? 5  LYS N NZ  1 
ATOM 33  N N   . SER A 1 6  ? 34.128  1.193   4.327  1.00 91.64  ? 6  SER N N   1 
ATOM 34  C CA  . SER A 1 6  ? 33.764  2.058   5.449  1.00 91.64  ? 6  SER N CA  1 
ATOM 35  C C   . SER A 1 6  ? 32.400  2.749   5.307  1.00 91.64  ? 6  SER N C   1 
ATOM 36  O O   . SER A 1 6  ? 31.978  3.424   6.239  1.00 91.64  ? 6  SER N O   1 
ATOM 37  C CB  . SER A 1 6  ? 34.879  3.065   5.708  1.00 91.64  ? 6  SER N CB  1 
ATOM 38  O OG  . SER A 1 6  ? 34.901  4.051   4.716  1.00 91.64  ? 6  SER N OG  1 
ATOM 39  N N   . THR A 1 7  ? 31.688  2.615   4.185  1.00 93.03  ? 7  THR N N   1 
ATOM 40  C CA  . THR A 1 7  ? 30.392  3.280   3.910  1.00 93.03  ? 7  THR N CA  1 
ATOM 41  C C   . THR A 1 7  ? 29.265  2.288   3.581  1.00 93.03  ? 7  THR N C   1 
ATOM 42  O O   . THR A 1 7  ? 29.499  1.236   2.989  1.00 93.03  ? 7  THR N O   1 
ATOM 43  C CB  . THR A 1 7  ? 30.525  4.321   2.786  1.00 93.03  ? 7  THR N CB  1 
ATOM 44  O OG1 . THR A 1 7  ? 31.074  3.754   1.618  1.00 93.03  ? 7  THR N OG1 1 
ATOM 45  C CG2 . THR A 1 7  ? 31.378  5.521   3.179  1.00 93.03  ? 7  THR N CG2 1 
ATOM 46  N N   . ASN A 1 8  ? 28.024  2.628   3.954  1.00 97.14  ? 8  ASN N N   1 
ATOM 47  C CA  . ASN A 1 8  ? 26.861  1.726   3.870  1.00 97.14  ? 8  ASN N CA  1 
ATOM 48  C C   . ASN A 1 8  ? 26.020  1.879   2.585  1.00 97.14  ? 8  ASN N C   1 
ATOM 49  O O   . ASN A 1 8  ? 25.147  1.051   2.327  1.00 97.14  ? 8  ASN N O   1 
ATOM 50  C CB  . ASN A 1 8  ? 25.943  1.969   5.087  1.00 97.14  ? 8  ASN N CB  1 
ATOM 51  C CG  . ASN A 1 8  ? 26.580  1.817   6.457  1.00 97.14  ? 8  ASN N CG  1 
ATOM 52  O OD1 . ASN A 1 8  ? 27.753  1.514   6.621  1.00 97.14  ? 8  ASN N OD1 1 
ATOM 53  N ND2 . ASN A 1 8  ? 25.815  2.028   7.499  1.00 97.14  ? 8  ASN N ND2 1 
ATOM 54  N N   . SER A 1 9  ? 26.211  2.956   1.814  1.00 94.64  ? 9  SER N N   1 
ATOM 55  C CA  . SER A 1 9  ? 25.299  3.386   0.742  1.00 94.64  ? 9  SER N CA  1 
ATOM 56  C C   . SER A 1 9  ? 25.030  2.321   -0.329 1.00 94.64  ? 9  SER N C   1 
ATOM 57  O O   . SER A 1 9  ? 25.949  1.599   -0.708 1.00 94.64  ? 9  SER N O   1 
ATOM 58  C CB  . SER A 1 9  ? 25.860  4.639   0.072  1.00 94.64  ? 9  SER N CB  1 
ATOM 59  O OG  . SER A 1 9  ? 27.167  4.396   -0.417 1.00 94.64  ? 9  SER N OG  1 
ATOM 60  N N   . SER A 1 10 ? 23.810  2.287   -0.873 1.00 93.93  ? 10 SER N N   1 
ATOM 61  C CA  . SER A 1 10 ? 23.294  1.184   -1.705 1.00 93.93  ? 10 SER N CA  1 
ATOM 62  C C   . SER A 1 10 ? 22.650  1.657   -3.020 1.00 93.93  ? 10 SER N C   1 
ATOM 63  O O   . SER A 1 10 ? 22.489  2.856   -3.245 1.00 93.93  ? 10 SER N O   1 
ATOM 64  C CB  . SER A 1 10 ? 22.345  0.325   -0.859 1.00 93.93  ? 10 SER N CB  1 
ATOM 65  O OG  . SER A 1 10 ? 22.061  -0.905  -1.502 1.00 93.93  ? 10 SER N OG  1 
ATOM 66  N N   . SER A 1 11 ? 22.376  0.736   -3.944 1.00 93.93  ? 11 SER N N   1 
ATOM 67  C CA  . SER A 1 11 ? 21.998  1.013   -5.336 1.00 93.93  ? 11 SER N CA  1 
ATOM 68  C C   . SER A 1 11 ? 20.527  1.391   -5.516 1.00 93.93  ? 11 SER N C   1 
ATOM 69  O O   . SER A 1 11 ? 19.660  0.996   -4.739 1.00 93.93  ? 11 SER N O   1 
ATOM 70  C CB  . SER A 1 11 ? 22.335  -0.204  -6.195 1.00 93.93  ? 11 SER N CB  1 
ATOM 71  O OG  . SER A 1 11 ? 21.614  -1.339  -5.758 1.00 93.93  ? 11 SER N OG  1 
ATOM 72  N N   . LEU A 1 12 ? 20.207  2.134   -6.579 1.00 93.54  ? 12 LEU N N   1 
ATOM 73  C CA  . LEU A 1 12 ? 18.841  2.605   -6.821 1.00 93.54  ? 12 LEU N CA  1 
ATOM 74  C C   . LEU A 1 12 ? 17.851  1.452   -6.998 1.00 93.54  ? 12 LEU N C   1 
ATOM 75  O O   . LEU A 1 12 ? 16.785  1.460   -6.395 1.00 93.54  ? 12 LEU N O   1 
ATOM 76  C CB  . LEU A 1 12 ? 18.848  3.544   -8.032 1.00 93.54  ? 12 LEU N CB  1 
ATOM 77  C CG  . LEU A 1 12 ? 17.461  4.023   -8.484 1.00 93.54  ? 12 LEU N CG  1 
ATOM 78  C CD1 . LEU A 1 12 ? 16.733  4.803   -7.393 1.00 93.54  ? 12 LEU N CD1 1 
ATOM 79  C CD2 . LEU A 1 12 ? 17.625  4.936   -9.693 1.00 93.54  ? 12 LEU N CD2 1 
ATOM 80  N N   . ALA A 1 13 ? 18.215  0.422   -7.754 1.00 93.10  ? 13 ALA N N   1 
ATOM 81  C CA  . ALA A 1 13 ? 17.378  -0.757  -7.916 1.00 93.10  ? 13 ALA N CA  1 
ATOM 82  C C   . ALA A 1 13 ? 17.077  -1.472  -6.585 1.00 93.10  ? 13 ALA N C   1 
ATOM 83  O O   . ALA A 1 13 ? 16.007  -2.057  -6.440 1.00 93.10  ? 13 ALA N O   1 
ATOM 84  C CB  . ALA A 1 13 ? 18.078  -1.696  -8.895 1.00 93.10  ? 13 ALA N CB  1 
ATOM 85  N N   . GLU A 1 14 ? 17.959  -1.396  -5.587 1.00 94.21  ? 14 GLU N N   1 
ATOM 86  C CA  . GLU A 1 14 ? 17.703  -1.974  -4.266 1.00 94.21  ? 14 GLU N CA  1 
ATOM 87  C C   . GLU A 1 14 ? 16.816  -1.091  -3.383 1.00 94.21  ? 14 GLU N C   1 
ATOM 88  O O   . GLU A 1 14 ? 16.008  -1.613  -2.620 1.00 94.21  ? 14 GLU N O   1 
ATOM 89  C CB  . GLU A 1 14 ? 19.035  -2.271  -3.572 1.00 94.21  ? 14 GLU N CB  1 
ATOM 90  C CG  . GLU A 1 14 ? 18.891  -3.176  -2.343 1.00 94.21  ? 14 GLU N CG  1 
ATOM 91  C CD  . GLU A 1 14 ? 18.387  -4.594  -2.666 1.00 94.21  ? 14 GLU N CD  1 
ATOM 92  O OE1 . GLU A 1 14 ? 18.315  -4.978  -3.852 1.00 94.21  ? 14 GLU N OE1 1 
ATOM 93  O OE2 . GLU A 1 14 ? 18.115  -5.352  -1.706 1.00 94.21  ? 14 GLU N OE2 1 
ATOM 94  N N   . VAL A 1 15 ? 16.877  0.237   -3.518 1.00 92.75  ? 15 VAL N N   1 
ATOM 95  C CA  . VAL A 1 15 ? 15.874  1.126   -2.910 1.00 92.75  ? 15 VAL N CA  1 
ATOM 96  C C   . VAL A 1 15 ? 14.482  0.794   -3.438 1.00 92.75  ? 15 VAL N C   1 
ATOM 97  O O   . VAL A 1 15 ? 13.570  0.586   -2.646 1.00 92.75  ? 15 VAL N O   1 
ATOM 98  C CB  . VAL A 1 15 ? 16.198  2.607   -3.154 1.00 92.75  ? 15 VAL N CB  1 
ATOM 99  C CG1 . VAL A 1 15 ? 15.060  3.540   -2.735 1.00 92.75  ? 15 VAL N CG1 1 
ATOM 100 C CG2 . VAL A 1 15 ? 17.443  3.007   -2.363 1.00 92.75  ? 15 VAL N CG2 1 
ATOM 101 N N   . ILE A 1 16 ? 14.313  0.688   -4.760 1.00 90.75  ? 16 ILE N N   1 
ATOM 102 C CA  . ILE A 1 16 ? 13.026  0.338   -5.372 1.00 90.75  ? 16 ILE N CA  1 
ATOM 103 C C   . ILE A 1 16 ? 12.519  -0.997  -4.840 1.00 90.75  ? 16 ILE N C   1 
ATOM 104 O O   . ILE A 1 16 ? 11.390  -1.078  -4.371 1.00 90.75  ? 16 ILE N O   1 
ATOM 105 C CB  . ILE A 1 16 ? 13.142  0.328   -6.905 1.00 90.75  ? 16 ILE N CB  1 
ATOM 106 C CG1 . ILE A 1 16 ? 13.480  1.713   -7.488 1.00 90.75  ? 16 ILE N CG1 1 
ATOM 107 C CG2 . ILE A 1 16 ? 11.867  -0.214  -7.560 1.00 90.75  ? 16 ILE N CG2 1 
ATOM 108 C CD1 . ILE A 1 16 ? 12.461  2.819   -7.208 1.00 90.75  ? 16 ILE N CD1 1 
ATOM 109 N N   . ASP A 1 17 ? 13.346  -2.035  -4.834 1.00 93.26  ? 17 ASP N N   1 
ATOM 110 C CA  . ASP A 1 17 ? 12.933  -3.348  -4.346 1.00 93.26  ? 17 ASP N CA  1 
ATOM 111 C C   . ASP A 1 17 ? 12.490  -3.322  -2.874 1.00 93.26  ? 17 ASP N C   1 
ATOM 112 O O   . ASP A 1 17 ? 11.453  -3.885  -2.530 1.00 93.26  ? 17 ASP N O   1 
ATOM 113 C CB  . ASP A 1 17 ? 14.094  -4.326  -4.548 1.00 93.26  ? 17 ASP N CB  1 
ATOM 114 C CG  . ASP A 1 17 ? 13.695  -5.794  -4.368 1.00 93.26  ? 17 ASP N CG  1 
ATOM 115 O OD1 . ASP A 1 17 ? 12.524  -6.153  -4.608 1.00 93.26  ? 17 ASP N OD1 1 
ATOM 116 O OD2 . ASP A 1 17 ? 14.563  -6.627  -4.032 1.00 93.26  ? 17 ASP N OD2 1 
ATOM 117 N N   . ARG A 1 18 ? 13.246  -2.608  -2.029 1.00 94.69  ? 18 ARG N N   1 
ATOM 118 C CA  . ARG A 1 18 ? 12.936  -2.469  -0.589 1.00 94.69  ? 18 ARG N CA  1 
ATOM 119 C C   . ARG A 1 18 ? 11.652  -1.665  -0.302 1.00 94.69  ? 18 ARG N C   1 
ATOM 120 O O   . ARG A 1 18 ? 10.980  -1.900  0.700  1.00 94.69  ? 18 ARG N O   1 
ATOM 121 C CB  . ARG A 1 18 ? 14.132  -1.913  0.184  1.00 94.69  ? 18 ARG N CB  1 
ATOM 122 C CG  . ARG A 1 18 ? 14.825  -2.984  1.014  1.00 94.69  ? 18 ARG N CG  1 
ATOM 123 C CD  . ARG A 1 18 ? 16.332  -2.814  1.053  1.00 94.69  ? 18 ARG N CD  1 
ATOM 124 N NE  . ARG A 1 18 ? 16.997  -4.061  1.421  1.00 94.69  ? 18 ARG N NE  1 
ATOM 125 C CZ  . ARG A 1 18 ? 18.310  -4.255  1.366  1.00 94.69  ? 18 ARG N CZ  1 
ATOM 126 N NH1 . ARG A 1 18 ? 18.825  -5.424  1.719  1.00 94.69  ? 18 ARG N NH1 1 
ATOM 127 N NH2 . ARG A 1 18 ? 19.110  -3.283  0.953  1.00 94.69  ? 18 ARG N NH2 1 
ATOM 128 N N   . ILE A 1 19 ? 11.320  -0.729  -1.184 1.00 90.31  ? 19 ILE N N   1 
ATOM 129 C CA  . ILE A 1 19 ? 10.035  -0.029  -1.097 1.00 90.31  ? 19 ILE N CA  1 
ATOM 130 C C   . ILE A 1 19 ? 8.909   -0.996  -1.453 1.00 90.31  ? 19 ILE N C   1 
ATOM 131 O O   . ILE A 1 19 ? 7.972   -1.173  -0.679 1.00 90.31  ? 19 ILE N O   1 
ATOM 132 C CB  . ILE A 1 19 ? 10.033  1.228   -1.991 1.00 90.31  ? 19 ILE N CB  1 
ATOM 133 C CG1 . ILE A 1 19 ? 10.909  2.314   -1.340 1.00 90.31  ? 19 ILE N CG1 1 
ATOM 134 C CG2 . ILE A 1 19 ? 8.611   1.766   -2.212 1.00 90.31  ? 19 ILE N CG2 1 
ATOM 135 C CD1 . ILE A 1 19 ? 11.193  3.509   -2.252 1.00 90.31  ? 19 ILE N CD1 1 
ATOM 136 N N   . LEU A 1 20 ? 8.985   -1.653  -2.609 1.00 87.85  ? 20 LEU N N   1 
ATOM 137 C CA  . LEU A 1 20 ? 7.887   -2.467  -3.111 1.00 87.85  ? 20 LEU N CA  1 
ATOM 138 C C   . LEU A 1 20 ? 7.597   -3.709  -2.264 1.00 87.85  ? 20 LEU N C   1 
ATOM 139 O O   . LEU A 1 20 ? 6.445   -4.122  -2.226 1.00 87.85  ? 20 LEU N O   1 
ATOM 140 C CB  . LEU A 1 20 ? 8.148   -2.853  -4.571 1.00 87.85  ? 20 LEU N CB  1 
ATOM 141 C CG  . LEU A 1 20 ? 8.165   -1.679  -5.562 1.00 87.85  ? 20 LEU N CG  1 
ATOM 142 C CD1 . LEU A 1 20 ? 8.455   -2.215  -6.959 1.00 87.85  ? 20 LEU N CD1 1 
ATOM 143 C CD2 . LEU A 1 20 ? 6.838   -0.931  -5.616 1.00 87.85  ? 20 LEU N CD2 1 
ATOM 144 N N   . ASP A 1 21 ? 8.559   -4.298  -1.557 1.00 91.64  ? 21 ASP N N   1 
ATOM 145 C CA  . ASP A 1 21 ? 8.264   -5.439  -0.678 1.00 91.64  ? 21 ASP N CA  1 
ATOM 146 C C   . ASP A 1 21 ? 7.807   -5.056  0.744  1.00 91.64  ? 21 ASP N C   1 
ATOM 147 O O   . ASP A 1 21 ? 7.456   -5.936  1.528  1.00 91.64  ? 21 ASP N O   1 
ATOM 148 C CB  . ASP A 1 21 ? 9.380   -6.489  -0.706 1.00 91.64  ? 21 ASP N CB  1 
ATOM 149 C CG  . ASP A 1 21 ? 10.638  -6.165  0.104  1.00 91.64  ? 21 ASP N CG  1 
ATOM 150 O OD1 . ASP A 1 21 ? 10.717  -5.083  0.715  1.00 91.64  ? 21 ASP N OD1 1 
ATOM 151 O OD2 . ASP A 1 21 ? 11.539  -7.034  0.157  1.00 91.64  ? 21 ASP N OD2 1 
ATOM 152 N N   . LYS A 1 22 ? 7.735   -3.757  1.067  1.00 90.33  ? 22 LYS N N   1 
ATOM 153 C CA  . LYS A 1 22 ? 6.943   -3.217  2.191  1.00 90.33  ? 22 LYS N CA  1 
ATOM 154 C C   . LYS A 1 22 ? 5.563   -2.744  1.741  1.00 90.33  ? 22 LYS N C   1 
ATOM 155 O O   . LYS A 1 22 ? 4.578   -2.932  2.447  1.00 90.33  ? 22 LYS N O   1 
ATOM 156 C CB  . LYS A 1 22 ? 7.690   -2.046  2.845  1.00 90.33  ? 22 LYS N CB  1 
ATOM 157 C CG  . LYS A 1 22 ? 8.967   -2.447  3.592  1.00 90.33  ? 22 LYS N CG  1 
ATOM 158 C CD  . LYS A 1 22 ? 8.701   -3.410  4.757  1.00 90.33  ? 22 LYS N CD  1 
ATOM 159 C CE  . LYS A 1 22 ? 9.925   -3.558  5.668  1.00 90.33  ? 22 LYS N CE  1 
ATOM 160 N NZ  . LYS A 1 22 ? 10.070  -2.423  6.618  1.00 90.33  ? 22 LYS N NZ  1 
ATOM 161 N N   . GLY A 1 23 ? 5.486   -2.156  0.555  1.00 86.08  ? 23 GLY N N   1 
ATOM 162 C CA  . GLY A 1 23 ? 4.253   -1.657  -0.035 1.00 86.08  ? 23 GLY N CA  1 
ATOM 163 C C   . GLY A 1 23 ? 3.747   -0.375  0.614  1.00 86.08  ? 23 GLY N C   1 
ATOM 164 O O   . GLY A 1 23 ? 4.248   0.058   1.645  1.00 86.08  ? 23 GLY N O   1 
ATOM 165 N N   . ILE A 1 24 ? 2.752   0.245   -0.008 1.00 79.77  ? 24 ILE N N   1 
ATOM 166 C CA  . ILE A 1 24 ? 2.154   1.518   0.407  1.00 79.77  ? 24 ILE N CA  1 
ATOM 167 C C   . ILE A 1 24 ? 0.639   1.371   0.349  1.00 79.77  ? 24 ILE N C   1 
ATOM 168 O O   . ILE A 1 24 ? 0.131   0.895   -0.660 1.00 79.77  ? 24 ILE N O   1 
ATOM 169 C CB  . ILE A 1 24 ? 2.611   2.656   -0.532 1.00 79.77  ? 24 ILE N CB  1 
ATOM 170 C CG1 . ILE A 1 24 ? 4.145   2.812   -0.611 1.00 79.77  ? 24 ILE N CG1 1 
ATOM 171 C CG2 . ILE A 1 24 ? 1.981   3.992   -0.108 1.00 79.77  ? 24 ILE N CG2 1 
ATOM 172 C CD1 . ILE A 1 24 ? 4.607   3.580   -1.853 1.00 79.77  ? 24 ILE N CD1 1 
ATOM 173 N N   . VAL A 1 25 ? -0.090  1.810   1.374  1.00 78.89  ? 25 VAL N N   1 
ATOM 174 C CA  . VAL A 1 25 ? -1.556  1.933   1.360  1.00 78.89  ? 25 VAL N CA  1 
ATOM 175 C C   . VAL A 1 25 ? -1.950  3.367   1.683  1.00 78.89  ? 25 VAL N C   1 
ATOM 176 O O   . VAL A 1 25 ? -1.520  3.913   2.692  1.00 78.89  ? 25 VAL N O   1 
ATOM 177 C CB  . VAL A 1 25 ? -2.242  0.955   2.328  1.00 78.89  ? 25 VAL N CB  1 
ATOM 178 C CG1 . VAL A 1 25 ? -3.762  1.030   2.192  1.00 78.89  ? 25 VAL N CG1 1 
ATOM 179 C CG2 . VAL A 1 25 ? -1.831  -0.493  2.073  1.00 78.89  ? 25 VAL N CG2 1 
ATOM 180 N N   . ILE A 1 26 ? -2.765  3.985   0.839  1.00 77.03  ? 26 ILE N N   1 
ATOM 181 C CA  . ILE A 1 26 ? -3.321  5.326   1.036  1.00 77.03  ? 26 ILE N CA  1 
ATOM 182 C C   . ILE A 1 26 ? -4.833  5.187   1.074  1.00 77.03  ? 26 ILE N C   1 
ATOM 183 O O   . ILE A 1 26 ? -5.422  4.659   0.137  1.00 77.03  ? 26 ILE N O   1 
ATOM 184 C CB  . ILE A 1 26 ? -2.864  6.266   -0.090 1.00 77.03  ? 26 ILE N CB  1 
ATOM 185 C CG1 . ILE A 1 26 ? -1.343  6.498   -0.028 1.00 77.03  ? 26 ILE N CG1 1 
ATOM 186 C CG2 . ILE A 1 26 ? -3.602  7.610   -0.034 1.00 77.03  ? 26 ILE N CG2 1 
ATOM 187 C CD1 . ILE A 1 26 ? -0.768  7.016   -1.348 1.00 77.03  ? 26 ILE N CD1 1 
ATOM 188 N N   . ASP A 1 27 ? -5.471  5.622   2.147  1.00 78.65  ? 27 ASP N N   1 
ATOM 189 C CA  . ASP A 1 27 ? -6.850  5.254   2.465  1.00 78.65  ? 27 ASP N CA  1 
ATOM 190 C C   . ASP A 1 27 ? -7.595  6.454   3.058  1.00 78.65  ? 27 ASP N C   1 
ATOM 191 O O   . ASP A 1 27 ? -7.085  7.092   3.974  1.00 78.65  ? 27 ASP N O   1 
ATOM 192 C CB  . ASP A 1 27 ? -6.730  4.060   3.417  1.00 78.65  ? 27 ASP N CB  1 
ATOM 193 C CG  . ASP A 1 27 ? -8.025  3.558   4.039  1.00 78.65  ? 27 ASP N CG  1 
ATOM 194 O OD1 . ASP A 1 27 ? -9.103  4.120   3.773  1.00 78.65  ? 27 ASP N OD1 1 
ATOM 195 O OD2 . ASP A 1 27 ? -7.953  2.574   4.800  1.00 78.65  ? 27 ASP N OD2 1 
ATOM 196 N N   . ALA A 1 28 ? -8.772  6.805   2.543  1.00 78.05  ? 28 ALA N N   1 
ATOM 197 C CA  . ALA A 1 28 ? -9.492  7.995   2.976  1.00 78.05  ? 28 ALA N CA  1 
ATOM 198 C C   . ALA A 1 28 ? -11.003 7.895   2.762  1.00 78.05  ? 28 ALA N C   1 
ATOM 199 O O   . ALA A 1 28 ? -11.452 7.309   1.782  1.00 78.05  ? 28 ALA N O   1 
ATOM 200 C CB  . ALA A 1 28 ? -8.933  9.190   2.200  1.00 78.05  ? 28 ALA N CB  1 
ATOM 201 N N   . PHE A 1 29 ? -11.791 8.556   3.610  1.00 78.89  ? 29 PHE N N   1 
ATOM 202 C CA  . PHE A 1 29 ? -13.219 8.781   3.377  1.00 78.89  ? 29 PHE N CA  1 
ATOM 203 C C   . PHE A 1 29 ? -13.709 10.102  3.968  1.00 78.89  ? 29 PHE N C   1 
ATOM 204 O O   . PHE A 1 29 ? -13.107 10.639  4.892  1.00 78.89  ? 29 PHE N O   1 
ATOM 205 C CB  . PHE A 1 29 ? -14.060 7.600   3.876  1.00 78.89  ? 29 PHE N CB  1 
ATOM 206 C CG  . PHE A 1 29 ? -14.173 7.422   5.372  1.00 78.89  ? 29 PHE N CG  1 
ATOM 207 C CD1 . PHE A 1 29 ? -15.046 8.228   6.119  1.00 78.89  ? 29 PHE N CD1 1 
ATOM 208 C CD2 . PHE A 1 29 ? -13.462 6.397   6.013  1.00 78.89  ? 29 PHE N CD2 1 
ATOM 209 C CE1 . PHE A 1 29 ? -15.176 8.038   7.503  1.00 78.89  ? 29 PHE N CE1 1 
ATOM 210 C CE2 . PHE A 1 29 ? -13.607 6.192   7.394  1.00 78.89  ? 29 PHE N CE2 1 
ATOM 211 C CZ  . PHE A 1 29 ? -14.455 7.019   8.143  1.00 78.89  ? 29 PHE N CZ  1 
ATOM 212 N N   . ALA A 1 30 ? -14.821 10.615  3.453  1.00 80.44  ? 30 ALA N N   1 
ATOM 213 C CA  . ALA A 1 30 ? -15.497 11.803  3.952  1.00 80.44  ? 30 ALA N CA  1 
ATOM 214 C C   . ALA A 1 30 ? -17.009 11.687  3.758  1.00 80.44  ? 30 ALA N C   1 
ATOM 215 O O   . ALA A 1 30 ? -17.457 11.150  2.746  1.00 80.44  ? 30 ALA N O   1 
ATOM 216 C CB  . ALA A 1 30 ? -14.941 13.027  3.221  1.00 80.44  ? 30 ALA N CB  1 
ATOM 217 N N   . ARG A 1 31 ? -17.769 12.252  4.694  1.00 84.01  ? 31 ARG N N   1 
ATOM 218 C CA  . ARG A 1 31 ? -19.228 12.242  4.635  1.00 84.01  ? 31 ARG N CA  1 
ATOM 219 C C   . ARG A 1 31 ? -19.818 13.609  5.002  1.00 84.01  ? 31 ARG N C   1 
ATOM 220 O O   . ARG A 1 31 ? -19.380 14.249  5.957  1.00 84.01  ? 31 ARG N O   1 
ATOM 221 C CB  . ARG A 1 31 ? -19.794 11.161  5.559  1.00 84.01  ? 31 ARG N CB  1 
ATOM 222 C CG  . ARG A 1 31 ? -21.303 10.998  5.473  1.00 84.01  ? 31 ARG N CG  1 
ATOM 223 C CD  . ARG A 1 31 ? -21.737 9.612   5.918  1.00 84.01  ? 31 ARG N CD  1 
ATOM 224 N NE  . ARG A 1 31 ? -21.608 9.436   7.362  1.00 84.01  ? 31 ARG N NE  1 
ATOM 225 C CZ  . ARG A 1 31 ? -22.143 8.428   8.042  1.00 84.01  ? 31 ARG N CZ  1 
ATOM 226 N NH1 . ARG A 1 31 ? -22.848 7.500   7.410  1.00 84.01  ? 31 ARG N NH1 1 
ATOM 227 N NH2 . ARG A 1 31 ? -21.975 8.348   9.356  1.00 84.01  ? 31 ARG N NH2 1 
ATOM 228 N N   . VAL A 1 32 ? -20.812 14.045  4.231  1.00 83.13  ? 32 VAL N N   1 
ATOM 229 C CA  . VAL A 1 32 ? -21.487 15.333  4.450  1.00 83.13  ? 32 VAL N CA  1 
ATOM 230 C C   . VAL A 1 32 ? -22.977 15.083  4.603  1.00 83.13  ? 32 VAL N C   1 
ATOM 231 O O   . VAL A 1 32 ? -23.608 14.551  3.693  1.00 83.13  ? 32 VAL N O   1 
ATOM 232 C CB  . VAL A 1 32 ? -21.215 16.307  3.292  1.00 83.13  ? 32 VAL N CB  1 
ATOM 233 C CG1 . VAL A 1 32 ? -21.965 17.630  3.462  1.00 83.13  ? 32 VAL N CG1 1 
ATOM 234 C CG2 . VAL A 1 32 ? -19.723 16.615  3.163  1.00 83.13  ? 32 VAL N CG2 1 
ATOM 235 N N   . SER A 1 33 ? -23.552 15.478  5.730  1.00 84.87  ? 33 SER N N   1 
ATOM 236 C CA  . SER A 1 33 ? -24.941 15.169  6.077  1.00 84.87  ? 33 SER N CA  1 
ATOM 237 C C   . SER A 1 33 ? -25.736 16.434  6.344  1.00 84.87  ? 33 SER N C   1 
ATOM 238 O O   . SER A 1 33 ? -25.209 17.385  6.910  1.00 84.87  ? 33 SER N O   1 
ATOM 239 C CB  . SER A 1 33 ? -25.009 14.227  7.279  1.00 84.87  ? 33 SER N CB  1 
ATOM 240 O OG  . SER A 1 33 ? -24.260 13.059  6.996  1.00 84.87  ? 33 SER N OG  1 
ATOM 241 N N   . VAL A 1 34 ? -27.014 16.443  5.975  1.00 85.42  ? 34 VAL N N   1 
ATOM 242 C CA  . VAL A 1 34 ? -27.930 17.575  6.154  1.00 85.42  ? 34 VAL N CA  1 
ATOM 243 C C   . VAL A 1 34 ? -29.222 17.056  6.764  1.00 85.42  ? 34 VAL N C   1 
ATOM 244 O O   . VAL A 1 34 ? -29.713 16.014  6.352  1.00 85.42  ? 34 VAL N O   1 
ATOM 245 C CB  . VAL A 1 34 ? -28.150 18.306  4.821  1.00 85.42  ? 34 VAL N CB  1 
ATOM 246 C CG1 . VAL A 1 34 ? -29.277 19.335  4.886  1.00 85.42  ? 34 VAL N CG1 1 
ATOM 247 C CG2 . VAL A 1 34 ? -26.876 19.046  4.411  1.00 85.42  ? 34 VAL N CG2 1 
ATOM 248 N N   . VAL A 1 35 ? -29.733 17.728  7.795  1.00 85.77  ? 35 VAL N N   1 
ATOM 249 C CA  . VAL A 1 35 ? -30.920 17.369  8.610  1.00 85.77  ? 35 VAL N CA  1 
ATOM 250 C C   . VAL A 1 35 ? -30.976 15.930  9.158  1.00 85.77  ? 35 VAL N C   1 
ATOM 251 O O   . VAL A 1 35 ? -32.005 15.514  9.684  1.00 85.77  ? 35 VAL N O   1 
ATOM 252 C CB  . VAL A 1 35 ? -32.247 17.810  7.959  1.00 85.77  ? 35 VAL N CB  1 
ATOM 253 C CG1 . VAL A 1 35 ? -32.266 19.313  7.675  1.00 85.77  ? 35 VAL N CG1 1 
ATOM 254 C CG2 . VAL A 1 35 ? -32.606 17.065  6.676  1.00 85.77  ? 35 VAL N CG2 1 
ATOM 255 N N   . GLY A 1 36 ? -29.877 15.177  9.095  1.00 88.50  ? 36 GLY N N   1 
ATOM 256 C CA  . GLY A 1 36 ? -29.789 13.754  9.460  1.00 88.50  ? 36 GLY N CA  1 
ATOM 257 C C   . GLY A 1 36 ? -29.690 12.770  8.282  1.00 88.50  ? 36 GLY N C   1 
ATOM 258 O O   . GLY A 1 36 ? -29.468 11.582  8.502  1.00 88.50  ? 36 GLY N O   1 
ATOM 259 N N   . ILE A 1 37 ? -29.789 13.239  7.036  1.00 88.72  ? 37 ILE N N   1 
ATOM 260 C CA  . ILE A 1 37 ? -29.717 12.427  5.811  1.00 88.72  ? 37 ILE N CA  1 
ATOM 261 C C   . ILE A 1 37 ? -28.309 12.538  5.230  1.00 88.72  ? 37 ILE N C   1 
ATOM 262 O O   . ILE A 1 37 ? -27.759 13.634  5.145  1.00 88.72  ? 37 ILE N O   1 
ATOM 263 C CB  . ILE A 1 37 ? -30.795 12.883  4.804  1.00 88.72  ? 37 ILE N CB  1 
ATOM 264 C CG1 . ILE A 1 37 ? -32.203 12.598  5.370  1.00 88.72  ? 37 ILE N CG1 1 
ATOM 265 C CG2 . ILE A 1 37 ? -30.630 12.179  3.449  1.00 88.72  ? 37 ILE N CG2 1 
ATOM 266 C CD1 . ILE A 1 37 ? -33.327 13.333  4.633  1.00 88.72  ? 37 ILE N CD1 1 
ATOM 267 N N   . GLU A 1 38 ? -27.681 11.427  4.852  1.00 88.27  ? 38 GLU N N   1 
ATOM 268 C CA  . GLU A 1 38 ? -26.279 11.406  4.399  1.00 88.27  ? 38 GLU N CA  1 
ATOM 269 C C   . GLU A 1 38 ? -26.105 11.830  2.936  1.00 88.27  ? 38 GLU N C   1 
ATOM 270 O O   . GLU A 1 38 ? -25.729 11.036  2.083  1.00 88.27  ? 38 GLU N O   1 
ATOM 271 C CB  . GLU A 1 38 ? -25.609 10.071  4.756  1.00 88.27  ? 38 GLU N CB  1 
ATOM 272 C CG  . GLU A 1 38 ? -26.249 8.786   4.206  1.00 88.27  ? 38 GLU N CG  1 
ATOM 273 C CD  . GLU A 1 38 ? -25.704 7.518   4.896  1.00 88.27  ? 38 GLU N CD  1 
ATOM 274 O OE1 . GLU A 1 38 ? -24.547 7.525   5.377  1.00 88.27  ? 38 GLU N OE1 1 
ATOM 275 O OE2 . GLU A 1 38 ? -26.419 6.493   4.921  1.00 88.27  ? 38 GLU N OE2 1 
ATOM 276 N N   . ILE A 1 39 ? -26.416 13.087  2.623  1.00 85.91  ? 39 ILE N N   1 
ATOM 277 C CA  . ILE A 1 39 ? -26.593 13.565  1.247  1.00 85.91  ? 39 ILE N CA  1 
ATOM 278 C C   . ILE A 1 39 ? -25.386 13.407  0.310  1.00 85.91  ? 39 ILE N C   1 
ATOM 279 O O   . ILE A 1 39 ? -25.612 13.296  -0.888 1.00 85.91  ? 39 ILE N O   1 
ATOM 280 C CB  . ILE A 1 39 ? -27.130 15.006  1.204  1.00 85.91  ? 39 ILE N CB  1 
ATOM 281 C CG1 . ILE A 1 39 ? -26.126 16.060  1.696  1.00 85.91  ? 39 ILE N CG1 1 
ATOM 282 C CG2 . ILE A 1 39 ? -28.469 15.119  1.946  1.00 85.91  ? 39 ILE N CG2 1 
ATOM 283 C CD1 . ILE A 1 39 ? -26.478 17.468  1.202  1.00 85.91  ? 39 ILE N CD1 1 
ATOM 284 N N   . LEU A 1 40 ? -24.143 13.336  0.791  1.00 84.28  ? 40 LEU N N   1 
ATOM 285 C CA  . LEU A 1 40 ? -22.955 13.068  -0.040 1.00 84.28  ? 40 LEU N CA  1 
ATOM 286 C C   . LEU A 1 40 ? -21.933 12.220  0.713  1.00 84.28  ? 40 LEU N C   1 
ATOM 287 O O   . LEU A 1 40 ? -21.797 12.332  1.927  1.00 84.28  ? 40 LEU N O   1 
ATOM 288 C CB  . LEU A 1 40 ? -22.362 14.405  -0.516 1.00 84.28  ? 40 LEU N CB  1 
ATOM 289 C CG  . LEU A 1 40 ? -21.027 14.316  -1.273 1.00 84.28  ? 40 LEU N CG  1 
ATOM 290 C CD1 . LEU A 1 40 ? -21.161 13.582  -2.602 1.00 84.28  ? 40 LEU N CD1 1 
ATOM 291 C CD2 . LEU A 1 40 ? -20.517 15.717  -1.577 1.00 84.28  ? 40 LEU N CD2 1 
ATOM 292 N N   . THR A 1 41 ? -21.194 11.356  0.029  1.00 83.55  ? 41 THR N N   1 
ATOM 293 C CA  . THR A 1 41 ? -20.141 10.521  0.626  1.00 83.55  ? 41 THR N CA  1 
ATOM 294 C C   . THR A 1 41 ? -19.074 10.167  -0.402 1.00 83.55  ? 41 THR N C   1 
ATOM 295 O O   . THR A 1 41 ? -19.406 9.953   -1.563 1.00 83.55  ? 41 THR N O   1 
ATOM 296 C CB  . THR A 1 41 ? -20.767 9.242   1.187  1.00 83.55  ? 41 THR N CB  1 
ATOM 297 O OG1 . THR A 1 41 ? -21.629 9.555   2.251  1.00 83.55  ? 41 THR N OG1 1 
ATOM 298 C CG2 . THR A 1 41 ? -19.770 8.228   1.734  1.00 83.55  ? 41 THR N CG2 1 
ATOM 299 N N   . ILE A 1 42 ? -17.814 10.048  0.015  1.00 82.20  ? 42 ILE N N   1 
ATOM 300 C CA  . ILE A 1 42 ? -16.693 9.609   -0.822 1.00 82.20  ? 42 ILE N CA  1 
ATOM 301 C C   . ILE A 1 42 ? -15.841 8.610   -0.047 1.00 82.20  ? 42 ILE N C   1 
ATOM 302 O O   . ILE A 1 42 ? -15.576 8.813   1.132  1.00 82.20  ? 42 ILE N O   1 
ATOM 303 C CB  . ILE A 1 42 ? -15.860 10.812  -1.310 1.00 82.20  ? 42 ILE N CB  1 
ATOM 304 C CG1 . ILE A 1 42 ? -16.747 11.771  -2.134 1.00 82.20  ? 42 ILE N CG1 1 
ATOM 305 C CG2 . ILE A 1 42 ? -14.649 10.331  -2.125 1.00 82.20  ? 42 ILE N CG2 1 
ATOM 306 C CD1 . ILE A 1 42 ? -16.032 12.984  -2.735 1.00 82.20  ? 42 ILE N CD1 1 
ATOM 307 N N   . GLU A 1 43 ? -15.375 7.554   -0.699 1.00 82.84  ? 43 GLU N N   1 
ATOM 308 C CA  . GLU A 1 43 ? -14.390 6.610   -0.174 1.00 82.84  ? 43 GLU N CA  1 
ATOM 309 C C   . GLU A 1 43 ? -13.374 6.278   -1.267 1.00 82.84  ? 43 GLU N C   1 
ATOM 310 O O   . GLU A 1 43 ? -13.767 6.119   -2.418 1.00 82.84  ? 43 GLU N O   1 
ATOM 311 C CB  . GLU A 1 43 ? -15.109 5.356   0.344  1.00 82.84  ? 43 GLU N CB  1 
ATOM 312 C CG  . GLU A 1 43 ? -14.149 4.229   0.748  1.00 82.84  ? 43 GLU N CG  1 
ATOM 313 C CD  . GLU A 1 43 ? -14.845 3.070   1.481  1.00 82.84  ? 43 GLU N CD  1 
ATOM 314 O OE1 . GLU A 1 43 ? -16.070 2.872   1.321  1.00 82.84  ? 43 GLU N OE1 1 
ATOM 315 O OE2 . GLU A 1 43 ? -14.169 2.362   2.265  1.00 82.84  ? 43 GLU N OE2 1 
ATOM 316 N N   . ALA A 1 44 ? -12.089 6.144   -0.935 1.00 79.08  ? 44 ALA N N   1 
ATOM 317 C CA  . ALA A 1 44 ? -11.041 5.770   -1.883 1.00 79.08  ? 44 ALA N CA  1 
ATOM 318 C C   . ALA A 1 44 ? -9.939  4.942   -1.225 1.00 79.08  ? 44 ALA N C   1 
ATOM 319 O O   . ALA A 1 44 ? -9.674  5.094   -0.038 1.00 79.08  ? 44 ALA N O   1 
ATOM 320 C CB  . ALA A 1 44 ? -10.465 7.041   -2.506 1.00 79.08  ? 44 ALA N CB  1 
ATOM 321 N N   . ARG A 1 45 ? -9.257  4.093   -1.993 1.00 77.90  ? 45 ARG N N   1 
ATOM 322 C CA  . ARG A 1 45 ? -8.088  3.330   -1.540 1.00 77.90  ? 45 ARG N CA  1 
ATOM 323 C C   . ARG A 1 45 ? -7.119  3.119   -2.699 1.00 77.90  ? 45 ARG N C   1 
ATOM 324 O O   . ARG A 1 45 ? -7.554  2.914   -3.827 1.00 77.90  ? 45 ARG N O   1 
ATOM 325 C CB  . ARG A 1 45 ? -8.562  1.998   -0.939 1.00 77.90  ? 45 ARG N CB  1 
ATOM 326 C CG  . ARG A 1 45 ? -7.442  1.228   -0.229 1.00 77.90  ? 45 ARG N CG  1 
ATOM 327 C CD  . ARG A 1 45 ? -7.857  -0.185  0.183  1.00 77.90  ? 45 ARG N CD  1 
ATOM 328 N NE  . ARG A 1 45 ? -8.930  -0.189  1.186  1.00 77.90  ? 45 ARG N NE  1 
ATOM 329 C CZ  . ARG A 1 45 ? -9.559  -1.248  1.646  1.00 77.90  ? 45 ARG N CZ  1 
ATOM 330 N NH1 . ARG A 1 45 ? -9.257  -2.454  1.277  1.00 77.90  ? 45 ARG N NH1 1 
ATOM 331 N NH2 . ARG A 1 45 ? -10.538 -1.123  2.482  1.00 77.90  ? 45 ARG N NH2 1 
ATOM 332 N N   . VAL A 1 46 ? -5.818  3.119   -2.428 1.00 76.77  ? 46 VAL N N   1 
ATOM 333 C CA  . VAL A 1 46 ? -4.751  2.793   -3.385 1.00 76.77  ? 46 VAL N CA  1 
ATOM 334 C C   . VAL A 1 46 ? -3.764  1.852   -2.721 1.00 76.77  ? 46 VAL N C   1 
ATOM 335 O O   . VAL A 1 46 ? -3.426  2.065   -1.564 1.00 76.77  ? 46 VAL N O   1 
ATOM 336 C CB  . VAL A 1 46 ? -4.030  4.054   -3.885 1.00 76.77  ? 46 VAL N CB  1 
ATOM 337 C CG1 . VAL A 1 46 ? -2.907  3.723   -4.869 1.00 76.77  ? 46 VAL N CG1 1 
ATOM 338 C CG2 . VAL A 1 46 ? -4.982  5.023   -4.586 1.00 76.77  ? 46 VAL N CG2 1 
ATOM 339 N N   . VAL A 1 47 ? -3.274  0.845   -3.434 1.00 79.01  ? 47 VAL N N   1 
ATOM 340 C CA  . VAL A 1 47 ? -2.259  -0.108  -2.968 1.00 79.01  ? 47 VAL N CA  1 
ATOM 341 C C   . VAL A 1 47 ? -1.164  -0.233  -4.018 1.00 79.01  ? 47 VAL N C   1 
ATOM 342 O O   . VAL A 1 47 ? -1.464  -0.326  -5.203 1.00 79.01  ? 47 VAL N O   1 
ATOM 343 C CB  . VAL A 1 47 ? -2.877  -1.485  -2.678 1.00 79.01  ? 47 VAL N CB  1 
ATOM 344 C CG1 . VAL A 1 47 ? -1.860  -2.474  -2.108 1.00 79.01  ? 47 VAL N CG1 1 
ATOM 345 C CG2 . VAL A 1 47 ? -4.027  -1.391  -1.682 1.00 79.01  ? 47 VAL N CG2 1 
ATOM 346 N N   . ILE A 1 48 ? 0.106   -0.261  -3.616 1.00 78.96  ? 48 ILE N N   1 
ATOM 347 C CA  . ILE A 1 48 ? 1.248   -0.517  -4.510 1.00 78.96  ? 48 ILE N CA  1 
ATOM 348 C C   . ILE A 1 48 ? 2.191   -1.513  -3.844 1.00 78.96  ? 48 ILE N C   1 
ATOM 349 O O   . ILE A 1 48 ? 2.526   -1.332  -2.678 1.00 78.96  ? 48 ILE N O   1 
ATOM 350 C CB  . ILE A 1 48 ? 1.962   0.801   -4.874 1.00 78.96  ? 48 ILE N CB  1 
ATOM 351 C CG1 . ILE A 1 48 ? 1.012   1.713   -5.669 1.00 78.96  ? 48 ILE N CG1 1 
ATOM 352 C CG2 . ILE A 1 48 ? 3.250   0.525   -5.659 1.00 78.96  ? 48 ILE N CG2 1 
ATOM 353 C CD1 . ILE A 1 48 ? 1.615   3.040   -6.120 1.00 78.96  ? 48 ILE N CD1 1 
ATOM 354 N N   . ALA A 1 49 ? 2.641   -2.545  -4.550 1.00 82.42  ? 49 ALA N N   1 
ATOM 355 C CA  . ALA A 1 49 ? 3.533   -3.568  -4.004 1.00 82.42  ? 49 ALA N CA  1 
ATOM 356 C C   . ALA A 1 49 ? 4.178   -4.437  -5.099 1.00 82.42  ? 49 ALA N C   1 
ATOM 357 O O   . ALA A 1 49 ? 3.817   -4.349  -6.270 1.00 82.42  ? 49 ALA N O   1 
ATOM 358 C CB  . ALA A 1 49 ? 2.729   -4.448  -3.046 1.00 82.42  ? 49 ALA N CB  1 
ATOM 359 N N   . SER A 1 50 ? 5.117   -5.304  -4.730 1.00 85.98  ? 50 SER N N   1 
ATOM 360 C CA  . SER A 1 50 ? 5.488   -6.473  -5.536 1.00 85.98  ? 50 SER N CA  1 
ATOM 361 C C   . SER A 1 50 ? 4.421   -7.570  -5.444 1.00 85.98  ? 50 SER N C   1 
ATOM 362 O O   . SER A 1 50 ? 3.590   -7.553  -4.539 1.00 85.98  ? 50 SER N O   1 
ATOM 363 C CB  . SER A 1 50 ? 6.835   -7.006  -5.066 1.00 85.98  ? 50 SER N CB  1 
ATOM 364 O OG  . SER A 1 50 ? 6.743   -7.500  -3.743 1.00 85.98  ? 50 SER N OG  1 
ATOM 365 N N   . VAL A 1 51 ? 4.429   -8.556  -6.346 1.00 85.54  ? 51 VAL N N   1 
ATOM 366 C CA  . VAL A 1 51 ? 3.381   -9.596  -6.385 1.00 85.54  ? 51 VAL N CA  1 
ATOM 367 C C   . VAL A 1 51 ? 3.295   -10.354 -5.067 1.00 85.54  ? 51 VAL N C   1 
ATOM 368 O O   . VAL A 1 51 ? 2.209   -10.519 -4.521 1.00 85.54  ? 51 VAL N O   1 
ATOM 369 C CB  . VAL A 1 51 ? 3.591   -10.574 -7.557 1.00 85.54  ? 51 VAL N CB  1 
ATOM 370 C CG1 . VAL A 1 51 ? 2.691   -11.812 -7.502 1.00 85.54  ? 51 VAL N CG1 1 
ATOM 371 C CG2 . VAL A 1 51 ? 3.296   -9.878  -8.886 1.00 85.54  ? 51 VAL N CG2 1 
ATOM 372 N N   . ASP A 1 52 ? 4.420   -10.767 -4.498 1.00 89.01  ? 52 ASP N N   1 
ATOM 373 C CA  . ASP A 1 52 ? 4.420   -11.603 -3.294 1.00 89.01  ? 52 ASP N CA  1 
ATOM 374 C C   . ASP A 1 52 ? 3.830   -10.907 -2.062 1.00 89.01  ? 52 ASP N C   1 
ATOM 375 O O   . ASP A 1 52 ? 3.316   -11.578 -1.175 1.00 89.01  ? 52 ASP N O   1 
ATOM 376 C CB  . ASP A 1 52 ? 5.847   -12.056 -2.987 1.00 89.01  ? 52 ASP N CB  1 
ATOM 377 C CG  . ASP A 1 52 ? 6.531   -12.699 -4.191 1.00 89.01  ? 52 ASP N CG  1 
ATOM 378 O OD1 . ASP A 1 52 ? 6.029   -13.732 -4.693 1.00 89.01  ? 52 ASP N OD1 1 
ATOM 379 O OD2 . ASP A 1 52 ? 7.571   -12.165 -4.629 1.00 89.01  ? 52 ASP N OD2 1 
ATOM 380 N N   . THR A 1 53 ? 3.885   -9.572  -2.004 1.00 87.59  ? 53 THR N N   1 
ATOM 381 C CA  . THR A 1 53 ? 3.284   -8.770  -0.928 1.00 87.59  ? 53 THR N CA  1 
ATOM 382 C C   . THR A 1 53 ? 1.875   -8.302  -1.252 1.00 87.59  ? 53 THR N C   1 
ATOM 383 O O   . THR A 1 53 ? 1.043   -8.285  -0.350 1.00 87.59  ? 53 THR N O   1 
ATOM 384 C CB  . THR A 1 53 ? 4.183   -7.597  -0.549 1.00 87.59  ? 53 THR N CB  1 
ATOM 385 O OG1 . THR A 1 53 ? 5.299   -8.149  0.102  1.00 87.59  ? 53 THR N OG1 1 
ATOM 386 C CG2 . THR A 1 53 ? 3.557   -6.613  0.432  1.00 87.59  ? 53 THR N CG2 1 
ATOM 387 N N   . TRP A 1 54 ? 1.535   -8.014  -2.509 1.00 83.52  ? 54 TRP N N   1 
ATOM 388 C CA  . TRP A 1 54 ? 0.135   -7.793  -2.856 1.00 83.52  ? 54 TRP N CA  1 
ATOM 389 C C   . TRP A 1 54 ? -0.714  -9.029  -2.567 1.00 83.52  ? 54 TRP N C   1 
ATOM 390 O O   . TRP A 1 54 ? -1.820  -8.905  -2.056 1.00 83.52  ? 54 TRP N O   1 
ATOM 391 C CB  . TRP A 1 54 ? -0.015  -7.361  -4.304 1.00 83.52  ? 54 TRP N CB  1 
ATOM 392 C CG  . TRP A 1 54 ? -1.432  -7.079  -4.681 1.00 83.52  ? 54 TRP N CG  1 
ATOM 393 C CD1 . TRP A 1 54 ? -2.032  -5.869  -4.623 1.00 83.52  ? 54 TRP N CD1 1 
ATOM 394 C CD2 . TRP A 1 54 ? -2.467  -8.017  -5.115 1.00 83.52  ? 54 TRP N CD2 1 
ATOM 395 N NE1 . TRP A 1 54 ? -3.358  -5.995  -4.991 1.00 83.52  ? 54 TRP N NE1 1 
ATOM 396 C CE2 . TRP A 1 54 ? -3.680  -7.296  -5.300 1.00 83.52  ? 54 TRP N CE2 1 
ATOM 397 C CE3 . TRP A 1 54 ? -2.501  -9.398  -5.397 1.00 83.52  ? 54 TRP N CE3 1 
ATOM 398 C CZ2 . TRP A 1 54 ? -4.863  -7.905  -5.725 1.00 83.52  ? 54 TRP N CZ2 1 
ATOM 399 C CZ3 . TRP A 1 54 ? -3.682  -10.021 -5.838 1.00 83.52  ? 54 TRP N CZ3 1 
ATOM 400 C CH2 . TRP A 1 54 ? -4.862  -9.278  -5.992 1.00 83.52  ? 54 TRP N CH2 1 
ATOM 401 N N   . LEU A 1 55 ? -0.189  -10.240 -2.749 1.00 86.52  ? 55 LEU N N   1 
ATOM 402 C CA  . LEU A 1 55 ? -0.888  -11.441 -2.302 1.00 86.52  ? 55 LEU N CA  1 
ATOM 403 C C   . LEU A 1 55 ? -1.126  -11.482 -0.779 1.00 86.52  ? 55 LEU N C   1 
ATOM 404 O O   . LEU A 1 55 ? -2.190  -11.931 -0.374 1.00 86.52  ? 55 LEU N O   1 
ATOM 405 C CB  . LEU A 1 55 ? -0.164  -12.695 -2.811 1.00 86.52  ? 55 LEU N CB  1 
ATOM 406 C CG  . LEU A 1 55 ? -0.278  -12.893 -4.332 1.00 86.52  ? 55 LEU N CG  1 
ATOM 407 C CD1 . LEU A 1 55 ? 0.672   -13.994 -4.781 1.00 86.52  ? 55 LEU N CD1 1 
ATOM 408 C CD2 . LEU A 1 55 ? -1.683  -13.304 -4.758 1.00 86.52  ? 55 LEU N CD2 1 
ATOM 409 N N   . ARG A 1 56 ? -0.235  -10.905 0.018  1.00 87.27  ? 56 ARG N N   1 
ATOM 410 C CA  . ARG A 1 56 ? -0.463  -10.846 1.459  1.00 87.27  ? 56 ARG N CA  1 
ATOM 411 C C   . ARG A 1 56 ? -1.739  -10.030 1.706  1.00 87.27  ? 56 ARG N C   1 
ATOM 412 O O   . ARG A 1 56 ? -2.640  -10.464 2.424  1.00 87.27  ? 56 ARG N O   1 
ATOM 413 C CB  . ARG A 1 56 ? 0.729   -10.206 2.172  1.00 87.27  ? 56 ARG N CB  1 
ATOM 414 C CG  . ARG A 1 56 ? 1.076   -10.853 3.503  1.00 87.27  ? 56 ARG N CG  1 
ATOM 415 C CD  . ARG A 1 56 ? 2.569   -10.785 3.777  1.00 87.27  ? 56 ARG N CD  1 
ATOM 416 N NE  . ARG A 1 56 ? 3.025   -9.415  3.991  1.00 87.27  ? 56 ARG N NE  1 
ATOM 417 C CZ  . ARG A 1 56 ? 4.001   -8.835  3.300  1.00 87.27  ? 56 ARG N CZ  1 
ATOM 418 N NH1 . ARG A 1 56 ? 4.350   -7.584  3.563  1.00 87.27  ? 56 ARG N NH1 1 
ATOM 419 N NH2 . ARG A 1 56 ? 4.630   -9.508  2.346  1.00 87.27  ? 56 ARG N NH2 1 
ATOM 420 N N   . TYR A 1 57 ? -1.802  -8.844  1.099  1.00 85.10  ? 57 TYR N N   1 
ATOM 421 C CA  . TYR A 1 57 ? -2.956  -7.946  1.192  1.00 85.10  ? 57 TYR N CA  1 
ATOM 422 C C   . TYR A 1 57 ? -4.219  -8.668  0.734  1.00 85.10  ? 57 TYR N C   1 
ATOM 423 O O   . TYR A 1 57 ? -5.193  -8.765  1.475  1.00 85.10  ? 57 TYR N O   1 
ATOM 424 C CB  . TYR A 1 57 ? -2.690  -6.672  0.379  1.00 85.10  ? 57 TYR N CB  1 
ATOM 425 C CG  . TYR A 1 57 ? -3.913  -5.840  0.077  1.00 85.10  ? 57 TYR N CG  1 
ATOM 426 C CD1 . TYR A 1 57 ? -4.423  -4.959  1.045  1.00 85.10  ? 57 TYR N CD1 1 
ATOM 427 C CD2 . TYR A 1 57 ? -4.549  -5.953  -1.170 1.00 85.10  ? 57 TYR N CD2 1 
ATOM 428 C CE1 . TYR A 1 57 ? -5.579  -4.204  0.773  1.00 85.10  ? 57 TYR N CE1 1 
ATOM 429 C CE2 . TYR A 1 57 ? -5.709  -5.208  -1.442 1.00 85.10  ? 57 TYR N CE2 1 
ATOM 430 C CZ  . TYR A 1 57 ? -6.234  -4.337  -0.466 1.00 85.10  ? 57 TYR N CZ  1 
ATOM 431 O OH  . TYR A 1 57 ? -7.359  -3.621  -0.722 1.00 85.10  ? 57 TYR N OH  1 
ATOM 432 N N   . ALA A 1 58 ? -4.188  -9.249  -0.459 1.00 87.81  ? 58 ALA N N   1 
ATOM 433 C CA  . ALA A 1 58 ? -5.344  -9.867  -1.075 1.00 87.81  ? 58 ALA N CA  1 
ATOM 434 C C   . ALA A 1 58 ? -5.853  -11.086 -0.311 1.00 87.81  ? 58 ALA N C   1 
ATOM 435 O O   . ALA A 1 58 ? -7.057  -11.298 -0.234 1.00 87.81  ? 58 ALA N O   1 
ATOM 436 C CB  . ALA A 1 58 ? -4.937  -10.226 -2.495 1.00 87.81  ? 58 ALA N CB  1 
ATOM 437 N N   . GLU A 1 59 ? -4.986  -11.885 0.290  1.00 92.20  ? 59 GLU N N   1 
ATOM 438 C CA  . GLU A 1 59 ? -5.378  -13.054 1.076  1.00 92.20  ? 59 GLU N CA  1 
ATOM 439 C C   . GLU A 1 59 ? -6.007  -12.695 2.432  1.00 92.20  ? 59 GLU N C   1 
ATOM 440 O O   . GLU A 1 59 ? -6.866  -13.420 2.923  1.00 92.20  ? 59 GLU N O   1 
ATOM 441 C CB  . GLU A 1 59 ? -4.138  -13.932 1.259  1.00 92.20  ? 59 GLU N CB  1 
ATOM 442 C CG  . GLU A 1 59 ? -4.461  -15.311 1.837  1.00 92.20  ? 59 GLU N CG  1 
ATOM 443 C CD  . GLU A 1 59 ? -3.272  -16.279 1.707  1.00 92.20  ? 59 GLU N CD  1 
ATOM 444 O OE1 . GLU A 1 59 ? -2.120  -15.887 2.015  1.00 92.20  ? 59 GLU N OE1 1 
ATOM 445 O OE2 . GLU A 1 59 ? -3.488  -17.453 1.328  1.00 92.20  ? 59 GLU N OE2 1 
ATOM 446 N N   . ALA A 1 60 ? -5.616  -11.576 3.040  1.00 90.34  ? 60 ALA N N   1 
ATOM 447 C CA  . ALA A 1 60 ? -6.184  -11.094 4.302  1.00 90.34  ? 60 ALA N CA  1 
ATOM 448 C C   . ALA A 1 60 ? -7.526  -10.379 4.095  1.00 90.34  ? 60 ALA N C   1 
ATOM 449 O O   . ALA A 1 60 ? -8.469  -10.572 4.862  1.00 90.34  ? 60 ALA N O   1 
ATOM 450 C CB  . ALA A 1 60 ? -5.167  -10.161 4.963  1.00 90.34  ? 60 ALA N CB  1 
ATOM 451 N N   . VAL A 1 61 ? -7.630  -9.561  3.047  1.00 86.57  ? 61 VAL N N   1 
ATOM 452 C CA  . VAL A 1 61 ? -8.859  -8.844  2.682  1.00 86.57  ? 61 VAL N CA  1 
ATOM 453 C C   . VAL A 1 61 ? -9.885  -9.776  2.032  1.00 86.57  ? 61 VAL N C   1 
ATOM 454 O O   . VAL A 1 61 ? -11.080 -9.606  2.243  1.00 86.57  ? 61 VAL N O   1 
ATOM 455 C CB  . VAL A 1 61 ? -8.491  -7.647  1.794  1.00 86.57  ? 61 VAL N CB  1 
ATOM 456 C CG1 . VAL A 1 61 ? -9.697  -6.908  1.233  1.00 86.57  ? 61 VAL N CG1 1 
ATOM 457 C CG2 . VAL A 1 61 ? -7.706  -6.627  2.616  1.00 86.57  ? 61 VAL N CG2 1 
ATOM 458 N N   . GLY A 1 62 ? -9.439  -10.799 1.302  1.00 89.78  ? 62 GLY N N   1 
ATOM 459 C CA  . GLY A 1 62 ? -10.287 -11.814 0.678  1.00 89.78  ? 62 GLY N CA  1 
ATOM 460 C C   . GLY A 1 62 ? -10.603 -11.541 -0.794 1.00 89.78  ? 62 GLY N C   1 
ATOM 461 O O   . GLY A 1 62 ? -11.766 -11.387 -1.145 1.00 89.78  ? 62 GLY N O   1 
ATOM 462 N N   . LEU A 1 63 ? -9.580  -11.492 -1.655 1.00 89.15  ? 63 LEU N N   1 
ATOM 463 C CA  . LEU A 1 63 ? -9.699  -11.442 -3.127 1.00 89.15  ? 63 LEU N CA  1 
ATOM 464 C C   . LEU A 1 63 ? -9.230  -12.724 -3.846 1.00 89.15  ? 63 LEU N C   1 
ATOM 465 O O   . LEU A 1 63 ? -9.485  -12.888 -5.033 1.00 89.15  ? 63 LEU N O   1 
ATOM 466 C CB  . LEU A 1 63 ? -8.939  -10.221 -3.668 1.00 89.15  ? 63 LEU N CB  1 
ATOM 467 C CG  . LEU A 1 63 ? -9.565  -8.868  -3.316 1.00 89.15  ? 63 LEU N CG  1 
ATOM 468 C CD1 . LEU A 1 63 ? -8.601  -7.745  -3.675 1.00 89.15  ? 63 LEU N CD1 1 
ATOM 469 C CD2 . LEU A 1 63 ? -10.858 -8.627  -4.086 1.00 89.15  ? 63 LEU N CD2 1 
ATOM 470 N N   . LEU A 1 64 ? -8.651  -13.671 -3.118 1.00 93.04  ? 64 LEU N N   1 
ATOM 471 C CA  . LEU A 1 64 ? -8.245  -14.935 -3.734 1.00 93.04  ? 64 LEU N CA  1 
ATOM 472 C C   . LEU A 1 64 ? -9.375  -15.964 -3.580 1.00 93.04  ? 64 LEU N C   1 
ATOM 473 O O   . LEU A 1 64 ? -10.258 -15.786 -2.741 1.00 93.04  ? 64 LEU N O   1 
ATOM 474 C CB  . LEU A 1 64 ? -6.957  -15.457 -3.098 1.00 93.04  ? 64 LEU N CB  1 
ATOM 475 C CG  . LEU A 1 64 ? -5.648  -14.932 -3.691 1.00 93.04  ? 64 LEU N CG  1 
ATOM 476 C CD1 . LEU A 1 64 ? -5.428  -13.479 -3.301 1.00 93.04  ? 64 LEU N CD1 1 
ATOM 477 C CD2 . LEU A 1 64 ? -4.475  -15.793 -3.253 1.00 93.04  ? 64 LEU N CD2 1 
ATOM 478 N N   . ARG A 1 65 ? -9.355  -17.036 -4.376 1.00 102.40 ? 65 ARG N N   1 
ATOM 479 C CA  . ARG A 1 65 ? -10.376 -18.063 -4.278 1.00 102.40 ? 65 ARG N CA  1 
ATOM 480 C C   . ARG A 1 65 ? -10.194 -18.763 -2.882 1.00 102.40 ? 65 ARG N C   1 
ATOM 481 O O   . ARG A 1 65 ? -9.064  -18.949 -2.429 1.00 102.40 ? 65 ARG N O   1 
ATOM 482 C CB  . ARG A 1 65 ? -10.230 -19.085 -5.402 1.00 102.40 ? 65 ARG N CB  1 
ATOM 483 C CG  . ARG A 1 65 ? -8.863  -19.748 -5.464 1.00 102.40 ? 65 ARG N CG  1 
ATOM 484 C CD  . ARG A 1 65 ? -8.887  -20.989 -6.342 1.00 102.40 ? 65 ARG N CD  1 
ATOM 485 N NE  . ARG A 1 65 ? -9.316  -20.691 -7.706 1.00 102.40 ? 65 ARG N NE  1 
ATOM 486 C CZ  . ARG A 1 65 ? -9.530  -21.613 -8.640 1.00 102.40 ? 65 ARG N CZ  1 
ATOM 487 N NH1 . ARG A 1 65 ? -9.919  -21.251 -9.855 1.00 102.40 ? 65 ARG N NH1 1 
ATOM 488 N NH2 . ARG A 1 65 ? -9.358  -22.897 -8.358 1.00 102.40 ? 65 ARG N NH2 1 
ATOM 489 N N   . ASP A 1 66 ? -11.297 -19.135 -2.225 1.00 106.70 ? 66 ASP N N   1 
ATOM 490 C CA  . ASP A 1 66 ? -11.320 -19.766 -0.889 1.00 106.70 ? 66 ASP N CA  1 
ATOM 491 C C   . ASP A 1 66 ? -10.641 -21.141 -0.842 1.00 106.70 ? 66 ASP N C   1 
ATOM 492 O O   . ASP A 1 66 ? -9.708  -21.309 -0.030 1.00 106.70 ? 66 ASP N O   1 
ATOM 493 C CB  . ASP A 1 66 ? -12.766 -19.850 -0.348 1.00 106.70 ? 66 ASP N CB  1 
ATOM 494 C CG  . ASP A 1 66 ? -13.474 -18.496 -0.139 1.00 106.70 ? 66 ASP N CG  1 
ATOM 495 O OD1 . ASP A 1 66 ? -14.115 -17.990 -1.089 1.00 106.70 ? 66 ASP N OD1 1 
ATOM 496 O OD2 . ASP A 1 66 ? -13.425 -17.956 0.994  1.00 106.70 ? 66 ASP N OD2 1 
# 
